data_1NTZ
#
_entry.id   1NTZ
#
_cell.length_a   153.828
_cell.length_b   153.828
_cell.length_c   596.671
_cell.angle_alpha   90.00
_cell.angle_beta   90.00
_cell.angle_gamma   90.00
#
_symmetry.space_group_name_H-M   'I 41 2 2'
#
loop_
_entity.id
_entity.type
_entity.pdbx_description
1 polymer 'Ubiquinol-cytochrome C reductase complex core protein I, mitochondrial'
2 polymer 'Ubiquinol-cytochrome C reductase complex core protein 2, mitochondrial'
3 polymer 'Cytochrome b'
4 polymer 'cytochrome c1'
5 polymer 'UBIQUINOL-CYTOCHROME C REDUCTASE IRON-SULFUR SUBUNIT, mitochondrial'
6 polymer 'Ubiquinol-cytochrome C reductase complex 14 kDa protein'
7 polymer 'Ubiquinol-cytochrome C reductase complex ubiquinone-binding protein QP-C'
8 polymer 'Ubiquinol-cytochrome C reductase complex 11 kDa protein'
9 polymer 'Ubiquinol-cytochrome C reductase 8 kDa protein'
10 polymer 'Ubiquinol-cytochrome C reductase complex 7.2 kDa protein'
11 polymer 'Ubiquinol-cytochrome C reductase complex 6.4 kDa protein'
12 non-polymer 'PROTOPORPHYRIN IX CONTAINING FE'
13 non-polymer UBIQUINONE-2
14 non-polymer 'FE2/S2 (INORGANIC) CLUSTER'
15 water water
#
loop_
_entity_poly.entity_id
_entity_poly.type
_entity_poly.pdbx_seq_one_letter_code
_entity_poly.pdbx_strand_id
1 'polypeptide(L)'
;TATYAQALQSVPETQVSQLDNGLRVASEQSSQPTCTVGVWIDAGSRYESEKNNGAGYFVEHLAFKGTKNRPGNALEKEVE
SMGAHLNAYSTREHTAYYIKALSKDLPKAVELLADIVQNCSLEDSQIEKERDVILQELQENDTSMRDVVFNYLHATAFQG
TPLAQSVEGPSENVRKLSRADLTEYLSRHYKAPRMVLAAAGGLEHRQLLDLAQKHFSGLSGTYDEDAVPTLSPCRFTGSQ
ICHREDGLPLAHVAIAVEGPGWAHPDNVALQVANAIIGHYDCTYGGGAHLSSPLASIAATNKLCQSFQTFNICYADTGLL
GAHFVCDHMSIDDMMFVLQGQWMRLCTSATESEVLRGKNLLRNALVSHLDGTTPVCEDIGRSLLTYGRRIPLAEWESRIA
EVDARVVREVCSKYFYDQCPAVAGFGPIEQLPDYNRIRSGMFWLRF
;
A
2 'polypeptide(L)'
;SLKVAPKVKATEAPAGVPPHPQDLEFTRLPNGLVIASLENYAPASRIGLFIKAGSRYENSNNLGTSHLLRLASSLTTKGA
SSFKITRGIEAVGGKLSVTSTRENMAYTVECLRDDVDILMEFLLNVTTAPEFRRWEVAALQPQLRIDKAVALQNPQAHVI
ENLHAAAYRNALANSLYCPDYRIGKVTPVELHDYVQNHFTSARMALIGLGVSHPVLKQVAEQFLNIRGGLGLSGAKAKYH
GGEIREQNGDSLVHAALVAESAAIGSAEANAFSVLQHVLGAGPHVKRGSNATSSLYQAVAKGVHQPFDVSAFNASYSDSG
LFGFYTISQAASAGDVIKAAYNQVKTIAQGNLSNPDVQAAKNKLKAGYLMSVESSEGFLDEVGSQALAAGSYTPPSTVLQ
QIDAVADADVINAAKKFVSGRKSMAASGNLGHTPFIDEL
;
B
3 'polypeptide(L)'
;MTNIRKSHPLMKIVNNAFIDLPAPSNISSWWNFGSLLGICLILQILTGLFLAMHYTSDTTTAFSSVTHICRDVNYGWIIR
YMHANGASMFFICLYMHVGRGLYYGSYTFLETWNIGVILLLTVMATAFMGYVLPWGQMSFWGATVITNLLSAIPYIGTNL
VEWIWGGFSVDKATLTRFFAFHFILPFIIMAIAMVHLLFLHETGSNNPTGISSDVDKIPFHPYYTIKDILGALLLILALM
LLVLFAPDLLGDPDNYTPANPLNTPPHIKPEWYFLFAYAILRSIPNKLGGVLALAFSILILALIPLLHTSKQRSMMFRPL
SQCLFWALVADLLTLTWIGGQPVEHPYITIGQLASVLYFLLILVLMPTAGTIENKLLKW
;
C
4 'polypeptide(L)'
;SDLELHPPSYPWSHRGLLSSLDHTSIRRGFQVYKQVCSSCHSMDYVAYRHLVGVCYTEDEAKALAEEVEVQDGPNEDGEM
FMRPGKLSDYFPKPYPNPEAARAANNGALPPDLSYIVRARHGGEDYVFSLLTGYCEPPTGVSLREGLYFNPYFPGQAIGM
APPIYNEVLEFDDGTPATMSQVAKDVCTFLRWAAEPEHDHRKRMGLKMLLMMGLLLPLVYAMKRHKWSVLKSRKLAYRPP
K
;
D
5 'polypeptide(L)'
;SHTDIKVPDFSDYRRPEVLDSTKSSKESSEARKGFSYLVTATTTVGVAYAAKNVVSQFVSSMSASADVLAMSKIEIKLSD
IPEGKNMAFKWRGKPLFVRHRTKKEIDQEAAVEVSQLRDPQHDLERVKKPEWVILIGVCTHLGCVPIANAGDFGGYYCPC
HGSHYDASGRIRKGPAPLNLEVPSYEFTSDDMVIVG
;
E
6 'polypeptide(L)'
;AGRPAVSASSRWLEGIRKWYYNAAGFNKLGLMRDDTIHENDDVKEAIRRLPENLYDDRVFRIKRALDLSMRQQILPKEQW
TKYEEDKSYLEPYLKEVIRERKEREEWAKK
;
F
7 'polypeptide(L)'
;GRQFGHLTRVRHVITYSLSPFEQRAFPHYFSKGIPNVLRRTRACILRVAPPFVAFYLVYTWGTQEFEKSKRKNPAAYEND
R
;
G
8 'polypeptide(L)' GDPKEEEEEEEELVDPLTTVREQCEQLEKCVKARERLELCDERVSSRSQTEEDCTEELLDFLHARDHCVAHKLFNSLK H
9 'polypeptide(L)' MLSVAARSGPFAPVLSATSRGVAGALRPLVQAAVPATSESPVLDLKRSVLCRESLRG I
10 'polypeptide(L)' VAPTLTARLYSLLFRRTSTFALTIVVGALFFERAFDQGADAIYEHINEGKLWKHIKHKYENK J
11 'polypeptide(L)' MLTRFLGPRYRQLARNWVPTAQLWGAVGAVGLVWATDWRLILDWVPYINGKFKKDD K
#
# COMPACT_ATOMS: atom_id res chain seq x y z
N THR A 1 29.49 -49.80 10.51
CA THR A 1 28.70 -49.07 9.47
C THR A 1 29.27 -47.64 9.29
N ALA A 2 29.48 -47.25 8.03
CA ALA A 2 30.03 -45.93 7.69
C ALA A 2 29.12 -44.78 8.10
N THR A 3 29.69 -43.63 8.41
CA THR A 3 28.88 -42.46 8.74
C THR A 3 28.53 -41.71 7.44
N TYR A 4 27.62 -40.73 7.55
CA TYR A 4 27.24 -39.86 6.41
C TYR A 4 28.48 -39.15 5.92
N ALA A 5 29.17 -38.50 6.86
CA ALA A 5 30.38 -37.78 6.58
C ALA A 5 31.40 -38.65 5.85
N GLN A 6 31.59 -39.87 6.33
CA GLN A 6 32.53 -40.78 5.68
C GLN A 6 32.11 -41.16 4.28
N ALA A 7 30.79 -41.28 4.06
CA ALA A 7 30.27 -41.70 2.76
C ALA A 7 30.55 -40.68 1.66
N LEU A 8 30.58 -39.41 2.04
CA LEU A 8 30.87 -38.33 1.11
C LEU A 8 32.28 -38.47 0.56
N GLN A 9 33.21 -38.96 1.39
CA GLN A 9 34.58 -39.15 0.94
C GLN A 9 34.75 -40.31 -0.02
N SER A 10 33.85 -41.30 0.10
CA SER A 10 33.90 -42.52 -0.74
C SER A 10 33.51 -42.29 -2.22
N VAL A 11 32.80 -41.19 -2.51
CA VAL A 11 32.40 -40.88 -3.89
C VAL A 11 33.60 -40.60 -4.75
N PRO A 12 33.80 -41.43 -5.78
CA PRO A 12 34.97 -41.30 -6.69
C PRO A 12 35.12 -39.92 -7.27
N GLU A 13 36.32 -39.41 -7.24
CA GLU A 13 36.63 -38.10 -7.75
C GLU A 13 36.35 -38.06 -9.23
N THR A 14 35.63 -37.03 -9.66
CA THR A 14 35.32 -36.85 -11.07
C THR A 14 36.58 -36.51 -11.83
N GLN A 15 36.89 -37.33 -12.81
CA GLN A 15 38.09 -37.14 -13.60
C GLN A 15 37.91 -36.16 -14.77
N VAL A 16 38.75 -35.13 -14.79
CA VAL A 16 38.71 -34.08 -15.79
C VAL A 16 39.95 -34.11 -16.66
N SER A 17 39.76 -33.99 -17.96
CA SER A 17 40.85 -34.00 -18.90
C SER A 17 40.53 -33.12 -20.13
N GLN A 18 41.54 -32.39 -20.66
CA GLN A 18 41.32 -31.49 -21.82
C GLN A 18 41.94 -31.96 -23.15
N LEU A 19 41.19 -31.76 -24.24
CA LEU A 19 41.61 -32.14 -25.59
C LEU A 19 42.36 -30.95 -26.19
N ASP A 20 43.07 -31.16 -27.30
CA ASP A 20 43.75 -30.03 -28.02
C ASP A 20 42.66 -29.42 -28.91
N ASN A 21 41.81 -28.63 -28.28
CA ASN A 21 40.60 -28.10 -28.89
C ASN A 21 40.08 -27.06 -27.97
N GLY A 22 39.76 -27.52 -26.78
CA GLY A 22 39.15 -26.73 -25.74
C GLY A 22 38.03 -27.61 -25.21
N LEU A 23 37.82 -28.74 -25.88
CA LEU A 23 36.81 -29.69 -25.48
C LEU A 23 37.26 -30.34 -24.17
N ARG A 24 36.54 -30.08 -23.10
CA ARG A 24 36.84 -30.73 -21.84
C ARG A 24 36.11 -32.08 -21.80
N VAL A 25 36.79 -33.12 -21.36
CA VAL A 25 36.16 -34.41 -21.26
C VAL A 25 36.21 -34.92 -19.83
N ALA A 26 35.04 -34.97 -19.20
CA ALA A 26 34.98 -35.38 -17.82
C ALA A 26 34.03 -36.56 -17.53
N SER A 27 34.40 -37.36 -16.53
CA SER A 27 33.66 -38.56 -16.16
C SER A 27 33.74 -38.91 -14.70
N GLU A 28 32.70 -39.56 -14.22
CA GLU A 28 32.66 -40.10 -12.87
C GLU A 28 32.35 -41.59 -13.00
N GLN A 29 33.36 -42.42 -12.80
CA GLN A 29 33.19 -43.85 -12.95
C GLN A 29 32.50 -44.47 -11.76
N SER A 30 31.46 -45.26 -12.02
CA SER A 30 30.78 -46.00 -10.97
C SER A 30 30.86 -47.45 -11.37
N SER A 31 29.99 -48.28 -10.82
CA SER A 31 30.03 -49.71 -11.14
C SER A 31 28.83 -50.18 -12.00
N GLN A 32 27.92 -49.26 -12.26
CA GLN A 32 26.69 -49.53 -13.00
C GLN A 32 26.92 -50.07 -14.44
N PRO A 33 26.03 -50.95 -14.92
CA PRO A 33 26.14 -51.49 -16.29
C PRO A 33 25.52 -50.55 -17.30
N THR A 34 24.94 -49.46 -16.82
CA THR A 34 24.33 -48.46 -17.66
C THR A 34 25.12 -47.18 -17.52
N CYS A 35 24.90 -46.24 -18.43
CA CYS A 35 25.62 -44.98 -18.39
C CYS A 35 24.88 -43.87 -19.09
N THR A 36 25.45 -42.68 -19.01
CA THR A 36 24.88 -41.53 -19.67
C THR A 36 26.00 -40.68 -20.19
N VAL A 37 25.99 -40.44 -21.50
CA VAL A 37 26.99 -39.61 -22.16
C VAL A 37 26.31 -38.44 -22.77
N GLY A 38 26.99 -37.31 -22.75
CA GLY A 38 26.41 -36.16 -23.35
C GLY A 38 27.34 -35.03 -23.55
N VAL A 39 26.84 -34.03 -24.28
CA VAL A 39 27.60 -32.83 -24.59
C VAL A 39 26.89 -31.61 -24.03
N TRP A 40 27.55 -30.91 -23.14
CA TRP A 40 27.00 -29.71 -22.62
C TRP A 40 27.66 -28.54 -23.35
N ILE A 41 26.85 -27.58 -23.80
CA ILE A 41 27.34 -26.44 -24.57
C ILE A 41 26.98 -25.10 -23.96
N ASP A 42 27.95 -24.18 -23.90
CA ASP A 42 27.72 -22.82 -23.41
C ASP A 42 26.92 -21.99 -24.43
N ALA A 43 25.80 -22.54 -24.89
CA ALA A 43 24.90 -21.87 -25.84
C ALA A 43 23.49 -21.90 -25.30
N GLY A 44 22.83 -20.76 -25.31
CA GLY A 44 21.47 -20.67 -24.82
C GLY A 44 20.70 -19.67 -25.64
N SER A 45 20.04 -18.74 -24.98
CA SER A 45 19.24 -17.74 -25.66
C SER A 45 19.66 -16.40 -25.14
N ARG A 46 20.42 -16.40 -24.05
CA ARG A 46 20.96 -15.17 -23.50
C ARG A 46 22.06 -14.69 -24.46
N TYR A 47 22.43 -15.58 -25.39
CA TYR A 47 23.44 -15.29 -26.41
C TYR A 47 22.82 -14.78 -27.66
N GLU A 48 21.50 -14.79 -27.76
CA GLU A 48 20.92 -14.33 -28.99
C GLU A 48 20.50 -12.89 -29.14
N SER A 49 20.41 -12.46 -30.39
CA SER A 49 20.14 -11.06 -30.71
C SER A 49 18.77 -10.53 -30.33
N GLU A 50 17.78 -10.82 -31.17
CA GLU A 50 16.39 -10.38 -31.00
C GLU A 50 15.78 -10.91 -32.25
N LYS A 51 16.36 -10.52 -33.39
CA LYS A 51 16.01 -11.15 -34.64
C LYS A 51 17.12 -12.20 -34.52
N ASN A 52 16.74 -13.48 -34.46
CA ASN A 52 17.69 -14.59 -34.20
C ASN A 52 17.04 -15.45 -33.10
N ASN A 53 16.53 -14.78 -32.08
CA ASN A 53 15.87 -15.44 -30.94
C ASN A 53 15.02 -16.64 -31.35
N GLY A 54 15.34 -17.80 -30.78
CA GLY A 54 14.64 -19.04 -31.05
C GLY A 54 15.53 -19.98 -31.82
N ALA A 55 16.71 -19.48 -32.19
CA ALA A 55 17.71 -20.19 -32.99
C ALA A 55 18.14 -21.56 -32.49
N GLY A 56 18.48 -21.65 -31.22
CA GLY A 56 18.93 -22.89 -30.63
C GLY A 56 17.79 -23.83 -30.41
N TYR A 57 16.65 -23.25 -30.02
CA TYR A 57 15.46 -24.06 -29.82
C TYR A 57 15.15 -24.71 -31.15
N PHE A 58 15.35 -23.94 -32.24
CA PHE A 58 15.12 -24.43 -33.58
C PHE A 58 16.15 -25.54 -33.92
N VAL A 59 17.42 -25.33 -33.56
CA VAL A 59 18.45 -26.36 -33.81
C VAL A 59 18.14 -27.64 -33.07
N GLU A 60 17.65 -27.51 -31.83
CA GLU A 60 17.27 -28.68 -31.03
C GLU A 60 16.28 -29.55 -31.77
N HIS A 61 15.34 -28.93 -32.43
CA HIS A 61 14.37 -29.67 -33.20
C HIS A 61 14.99 -30.40 -34.38
N LEU A 62 15.97 -29.78 -35.04
CA LEU A 62 16.62 -30.39 -36.20
C LEU A 62 17.72 -31.38 -35.83
N ALA A 63 18.27 -31.21 -34.65
CA ALA A 63 19.42 -32.01 -34.20
C ALA A 63 19.34 -33.53 -34.37
N PHE A 64 18.18 -34.10 -34.13
CA PHE A 64 18.05 -35.54 -34.21
C PHE A 64 17.32 -36.00 -35.46
N LYS A 65 17.24 -35.12 -36.48
CA LYS A 65 16.50 -35.45 -37.69
C LYS A 65 17.36 -35.76 -38.91
N GLY A 66 18.66 -35.95 -38.69
CA GLY A 66 19.54 -36.30 -39.78
C GLY A 66 20.89 -35.61 -39.80
N THR A 67 21.92 -36.41 -40.01
CA THR A 67 23.30 -35.92 -40.12
C THR A 67 23.77 -36.24 -41.57
N LYS A 68 25.00 -35.91 -41.91
CA LYS A 68 25.47 -36.19 -43.26
C LYS A 68 25.88 -37.65 -43.43
N ASN A 69 26.31 -38.27 -42.35
CA ASN A 69 26.68 -39.67 -42.39
C ASN A 69 25.46 -40.54 -42.08
N ARG A 70 24.51 -39.96 -41.36
CA ARG A 70 23.27 -40.64 -41.04
C ARG A 70 22.13 -39.71 -41.41
N PRO A 71 21.48 -39.98 -42.54
CA PRO A 71 20.39 -39.15 -43.03
C PRO A 71 19.08 -39.16 -42.23
N GLY A 72 18.01 -38.71 -42.89
CA GLY A 72 16.67 -38.60 -42.33
C GLY A 72 16.29 -39.21 -40.98
N ASN A 73 16.31 -40.53 -40.90
CA ASN A 73 15.86 -41.21 -39.69
C ASN A 73 16.81 -42.29 -39.23
N ALA A 74 17.90 -42.44 -39.95
CA ALA A 74 18.89 -43.46 -39.66
C ALA A 74 19.43 -43.45 -38.24
N LEU A 75 19.62 -42.24 -37.69
CA LEU A 75 20.14 -42.08 -36.34
C LEU A 75 19.20 -42.68 -35.33
N GLU A 76 17.90 -42.37 -35.46
CA GLU A 76 16.90 -42.88 -34.56
C GLU A 76 17.00 -44.37 -34.56
N LYS A 77 17.04 -44.95 -35.76
CA LYS A 77 17.15 -46.38 -35.89
C LYS A 77 18.34 -46.98 -35.15
N GLU A 78 19.48 -46.29 -35.10
CA GLU A 78 20.63 -46.81 -34.36
C GLU A 78 20.45 -46.74 -32.85
N VAL A 79 20.03 -45.57 -32.35
CA VAL A 79 19.81 -45.36 -30.92
C VAL A 79 18.75 -46.34 -30.33
N GLU A 80 17.59 -46.39 -30.99
CA GLU A 80 16.52 -47.27 -30.61
C GLU A 80 16.95 -48.73 -30.64
N SER A 81 17.65 -49.16 -31.70
CA SER A 81 18.08 -50.58 -31.83
C SER A 81 19.04 -51.09 -30.77
N MET A 82 19.74 -50.19 -30.11
CA MET A 82 20.61 -50.63 -29.04
C MET A 82 19.91 -50.40 -27.70
N GLY A 83 18.67 -49.91 -27.76
CA GLY A 83 17.89 -49.69 -26.59
C GLY A 83 18.22 -48.41 -25.87
N ALA A 84 18.98 -47.56 -26.51
CA ALA A 84 19.37 -46.33 -25.87
C ALA A 84 18.28 -45.25 -25.93
N HIS A 85 18.49 -44.16 -25.19
CA HIS A 85 17.55 -43.05 -25.15
C HIS A 85 18.33 -41.80 -25.45
N LEU A 86 17.80 -40.98 -26.34
CA LEU A 86 18.47 -39.77 -26.75
C LEU A 86 17.60 -38.61 -26.41
N ASN A 87 18.14 -37.67 -25.67
CA ASN A 87 17.36 -36.53 -25.26
C ASN A 87 18.14 -35.25 -25.36
N ALA A 88 17.48 -34.13 -25.10
CA ALA A 88 18.13 -32.84 -25.21
C ALA A 88 17.37 -31.72 -24.55
N TYR A 89 18.08 -30.70 -24.07
CA TYR A 89 17.38 -29.54 -23.52
C TYR A 89 18.11 -28.26 -23.80
N SER A 90 17.46 -27.15 -23.50
CA SER A 90 18.03 -25.83 -23.70
C SER A 90 17.39 -24.81 -22.84
N THR A 91 18.22 -24.07 -22.10
CA THR A 91 17.75 -23.03 -21.24
C THR A 91 18.19 -21.72 -21.84
N ARG A 92 18.17 -20.68 -21.03
CA ARG A 92 18.59 -19.37 -21.47
C ARG A 92 20.10 -19.32 -21.56
N GLU A 93 20.77 -20.28 -20.91
CA GLU A 93 22.22 -20.23 -20.83
C GLU A 93 22.95 -21.52 -21.23
N HIS A 94 22.23 -22.62 -21.38
CA HIS A 94 22.86 -23.90 -21.66
C HIS A 94 22.09 -24.78 -22.64
N THR A 95 22.81 -25.54 -23.45
CA THR A 95 22.18 -26.48 -24.36
C THR A 95 22.81 -27.84 -24.10
N ALA A 96 22.01 -28.89 -24.11
CA ALA A 96 22.55 -30.22 -23.87
C ALA A 96 21.96 -31.25 -24.76
N TYR A 97 22.78 -32.22 -25.12
CA TYR A 97 22.35 -33.38 -25.92
C TYR A 97 22.99 -34.58 -25.23
N TYR A 98 22.16 -35.49 -24.73
CA TYR A 98 22.72 -36.66 -24.02
C TYR A 98 22.08 -37.98 -24.38
N ILE A 99 22.88 -39.04 -24.33
CA ILE A 99 22.43 -40.39 -24.62
C ILE A 99 22.49 -41.21 -23.35
N LYS A 100 21.45 -41.93 -23.09
CA LYS A 100 21.39 -42.76 -21.93
C LYS A 100 21.43 -44.15 -22.50
N ALA A 101 22.51 -44.88 -22.24
CA ALA A 101 22.67 -46.21 -22.83
C ALA A 101 23.46 -47.19 -22.00
N LEU A 102 23.45 -48.43 -22.48
CA LEU A 102 24.20 -49.53 -21.89
C LEU A 102 25.71 -49.17 -21.93
N SER A 103 26.47 -49.61 -20.95
CA SER A 103 27.91 -49.29 -20.91
C SER A 103 28.76 -49.77 -22.10
N LYS A 104 28.49 -50.98 -22.63
CA LYS A 104 29.25 -51.48 -23.79
C LYS A 104 29.10 -50.48 -24.95
N ASP A 105 27.91 -49.92 -25.08
CA ASP A 105 27.57 -49.05 -26.17
C ASP A 105 28.20 -47.65 -26.14
N LEU A 106 29.03 -47.39 -25.14
CA LEU A 106 29.72 -46.11 -25.03
C LEU A 106 30.44 -45.62 -26.36
N PRO A 107 31.18 -46.51 -27.08
CA PRO A 107 31.81 -46.13 -28.36
C PRO A 107 30.81 -45.53 -29.34
N LYS A 108 29.70 -46.23 -29.56
CA LYS A 108 28.68 -45.79 -30.48
C LYS A 108 28.01 -44.53 -30.00
N ALA A 109 27.74 -44.45 -28.71
CA ALA A 109 27.04 -43.29 -28.14
C ALA A 109 27.82 -41.98 -28.31
N VAL A 110 29.14 -42.05 -28.14
CA VAL A 110 29.97 -40.88 -28.30
C VAL A 110 30.03 -40.54 -29.79
N GLU A 111 30.18 -41.57 -30.61
CA GLU A 111 30.24 -41.40 -32.05
C GLU A 111 28.98 -40.72 -32.59
N LEU A 112 27.81 -41.06 -32.05
CA LEU A 112 26.57 -40.46 -32.50
C LEU A 112 26.49 -39.03 -32.05
N LEU A 113 26.83 -38.80 -30.78
CA LEU A 113 26.85 -37.45 -30.21
C LEU A 113 27.72 -36.52 -31.05
N ALA A 114 28.86 -37.03 -31.47
CA ALA A 114 29.78 -36.24 -32.27
C ALA A 114 29.13 -35.85 -33.58
N ASP A 115 28.55 -36.83 -34.25
CA ASP A 115 27.92 -36.63 -35.54
C ASP A 115 26.81 -35.59 -35.45
N ILE A 116 26.01 -35.68 -34.40
CA ILE A 116 24.90 -34.76 -34.18
C ILE A 116 25.39 -33.35 -33.91
N VAL A 117 26.38 -33.23 -33.02
CA VAL A 117 26.86 -31.92 -32.60
C VAL A 117 27.77 -31.15 -33.60
N GLN A 118 28.16 -31.82 -34.70
CA GLN A 118 29.07 -31.21 -35.71
C GLN A 118 28.51 -31.31 -37.14
N ASN A 119 28.27 -32.53 -37.59
CA ASN A 119 27.81 -32.78 -38.94
C ASN A 119 26.28 -32.79 -39.14
N CYS A 120 25.61 -31.82 -38.52
CA CYS A 120 24.16 -31.71 -38.60
C CYS A 120 23.63 -31.31 -40.00
N SER A 121 22.65 -32.07 -40.50
CA SER A 121 22.03 -31.83 -41.84
C SER A 121 20.76 -31.01 -41.77
N LEU A 122 20.86 -29.69 -41.59
CA LEU A 122 19.64 -28.86 -41.53
C LEU A 122 19.04 -28.76 -42.92
N GLU A 123 18.42 -29.85 -43.36
CA GLU A 123 17.82 -29.92 -44.69
C GLU A 123 16.56 -29.10 -44.80
N ASP A 124 16.53 -28.22 -45.80
CA ASP A 124 15.40 -27.31 -46.05
C ASP A 124 13.97 -27.82 -45.78
N SER A 125 13.66 -29.01 -46.28
CA SER A 125 12.34 -29.64 -46.11
C SER A 125 12.03 -29.91 -44.61
N GLN A 126 13.06 -30.26 -43.87
CA GLN A 126 12.95 -30.53 -42.46
C GLN A 126 12.84 -29.25 -41.64
N ILE A 127 13.63 -28.23 -42.00
CA ILE A 127 13.56 -27.00 -41.25
C ILE A 127 12.21 -26.35 -41.47
N GLU A 128 11.60 -26.67 -42.61
CA GLU A 128 10.30 -26.17 -42.93
C GLU A 128 9.23 -26.94 -42.18
N LYS A 129 9.45 -28.22 -41.91
CA LYS A 129 8.46 -29.01 -41.14
C LYS A 129 8.51 -28.61 -39.67
N GLU A 130 9.68 -28.20 -39.23
CA GLU A 130 9.87 -27.86 -37.87
C GLU A 130 9.29 -26.55 -37.46
N ARG A 131 9.05 -25.66 -38.42
CA ARG A 131 8.44 -24.42 -38.02
C ARG A 131 6.98 -24.61 -37.56
N ASP A 132 6.26 -25.54 -38.21
CA ASP A 132 4.89 -25.87 -37.83
C ASP A 132 4.85 -26.56 -36.49
N VAL A 133 5.85 -27.42 -36.25
CA VAL A 133 5.97 -28.15 -34.99
C VAL A 133 6.23 -27.18 -33.84
N ILE A 134 7.21 -26.30 -34.00
CA ILE A 134 7.54 -25.31 -32.94
C ILE A 134 6.36 -24.36 -32.66
N LEU A 135 5.71 -23.83 -33.71
CA LEU A 135 4.54 -22.94 -33.49
C LEU A 135 3.44 -23.65 -32.69
N GLN A 136 3.26 -24.95 -32.94
CA GLN A 136 2.29 -25.72 -32.20
C GLN A 136 2.70 -25.80 -30.77
N GLU A 137 4.00 -25.95 -30.53
CA GLU A 137 4.55 -26.00 -29.18
C GLU A 137 4.38 -24.67 -28.44
N LEU A 138 4.43 -23.57 -29.16
CA LEU A 138 4.21 -22.31 -28.57
C LEU A 138 2.77 -22.25 -28.14
N GLN A 139 1.87 -22.85 -28.94
CA GLN A 139 0.45 -22.80 -28.63
C GLN A 139 0.17 -23.63 -27.41
N GLU A 140 0.91 -24.72 -27.30
CA GLU A 140 0.82 -25.58 -26.17
C GLU A 140 1.36 -24.90 -24.91
N ASN A 141 2.59 -24.36 -25.00
CA ASN A 141 3.18 -23.70 -23.84
C ASN A 141 2.24 -22.57 -23.27
N ASP A 142 1.45 -21.93 -24.12
CA ASP A 142 0.52 -20.89 -23.68
C ASP A 142 -0.50 -21.38 -22.67
N THR A 143 -0.87 -22.67 -22.75
CA THR A 143 -1.83 -23.22 -21.80
C THR A 143 -1.22 -23.54 -20.43
N SER A 144 0.09 -23.61 -20.35
CA SER A 144 0.72 -23.84 -19.09
C SER A 144 0.92 -22.51 -18.32
N MET A 145 -0.02 -22.15 -17.45
CA MET A 145 0.10 -20.90 -16.71
C MET A 145 1.45 -20.68 -16.05
N ARG A 146 2.02 -21.74 -15.52
CA ARG A 146 3.29 -21.69 -14.83
C ARG A 146 4.45 -21.33 -15.78
N ASP A 147 4.51 -21.95 -16.94
CA ASP A 147 5.58 -21.63 -17.89
C ASP A 147 5.47 -20.18 -18.35
N VAL A 148 4.23 -19.73 -18.57
CA VAL A 148 3.96 -18.37 -18.97
C VAL A 148 4.47 -17.38 -17.92
N VAL A 149 4.13 -17.59 -16.63
CA VAL A 149 4.55 -16.64 -15.58
C VAL A 149 6.08 -16.51 -15.40
N PHE A 150 6.79 -17.62 -15.58
CA PHE A 150 8.23 -17.54 -15.46
C PHE A 150 8.85 -16.84 -16.67
N ASN A 151 8.19 -16.92 -17.84
CA ASN A 151 8.65 -16.20 -18.98
C ASN A 151 8.34 -14.73 -18.79
N TYR A 152 7.18 -14.44 -18.19
CA TYR A 152 6.80 -13.04 -17.87
C TYR A 152 7.77 -12.44 -16.87
N LEU A 153 8.03 -13.15 -15.78
CA LEU A 153 8.97 -12.71 -14.76
C LEU A 153 10.36 -12.41 -15.34
N HIS A 154 10.81 -13.24 -16.27
CA HIS A 154 12.10 -13.00 -16.91
C HIS A 154 12.01 -11.78 -17.76
N ALA A 155 10.93 -11.68 -18.51
CA ALA A 155 10.74 -10.56 -19.38
C ALA A 155 10.65 -9.19 -18.63
N THR A 156 10.15 -9.19 -17.39
CA THR A 156 10.07 -7.91 -16.70
C THR A 156 11.30 -7.63 -15.89
N ALA A 157 11.80 -8.67 -15.19
CA ALA A 157 12.99 -8.55 -14.37
C ALA A 157 14.19 -8.15 -15.21
N PHE A 158 14.31 -8.75 -16.39
CA PHE A 158 15.44 -8.47 -17.29
C PHE A 158 15.10 -7.62 -18.53
N GLN A 159 14.12 -6.74 -18.38
CA GLN A 159 13.65 -5.80 -19.41
C GLN A 159 14.27 -5.58 -20.79
N GLY A 160 15.43 -4.97 -20.85
CA GLY A 160 16.03 -4.73 -22.16
C GLY A 160 17.29 -5.55 -22.39
N THR A 161 17.44 -6.62 -21.62
CA THR A 161 18.63 -7.42 -21.74
C THR A 161 18.30 -8.70 -22.50
N PRO A 162 19.32 -9.44 -22.91
CA PRO A 162 19.07 -10.68 -23.65
C PRO A 162 18.45 -11.73 -22.79
N LEU A 163 18.46 -11.51 -21.48
CA LEU A 163 17.94 -12.47 -20.51
C LEU A 163 16.44 -12.36 -20.40
N ALA A 164 15.85 -11.31 -20.97
CA ALA A 164 14.40 -11.12 -20.94
C ALA A 164 13.75 -12.02 -21.95
N GLN A 165 14.55 -12.61 -22.80
CA GLN A 165 14.02 -13.43 -23.82
C GLN A 165 13.75 -14.85 -23.34
N SER A 166 12.76 -15.47 -23.98
CA SER A 166 12.40 -16.82 -23.73
C SER A 166 13.31 -17.68 -24.59
N VAL A 167 13.35 -18.97 -24.32
CA VAL A 167 14.20 -19.88 -25.09
C VAL A 167 13.69 -20.10 -26.54
N GLU A 168 12.38 -20.25 -26.68
CA GLU A 168 11.75 -20.60 -27.93
C GLU A 168 11.60 -19.48 -28.95
N GLY A 169 11.66 -18.23 -28.48
CA GLY A 169 11.56 -17.07 -29.35
C GLY A 169 10.14 -16.67 -29.64
N PRO A 170 9.94 -15.52 -30.25
CA PRO A 170 8.59 -15.04 -30.61
C PRO A 170 8.14 -15.75 -31.86
N SER A 171 6.85 -15.86 -32.07
CA SER A 171 6.36 -16.54 -33.24
C SER A 171 6.89 -15.96 -34.55
N GLU A 172 7.00 -14.63 -34.66
CA GLU A 172 7.52 -14.03 -35.91
C GLU A 172 8.91 -14.57 -36.28
N ASN A 173 9.73 -14.86 -35.28
CA ASN A 173 11.05 -15.43 -35.54
C ASN A 173 11.00 -16.88 -35.97
N VAL A 174 10.02 -17.62 -35.49
CA VAL A 174 9.91 -19.02 -35.81
C VAL A 174 9.54 -19.20 -37.27
N ARG A 175 8.72 -18.32 -37.77
CA ARG A 175 8.32 -18.44 -39.10
C ARG A 175 9.26 -17.81 -40.08
N LYS A 176 10.24 -17.01 -39.58
CA LYS A 176 11.19 -16.36 -40.51
C LYS A 176 12.65 -16.82 -40.45
N LEU A 177 13.06 -17.47 -39.36
CA LEU A 177 14.44 -17.94 -39.23
C LEU A 177 14.84 -18.79 -40.47
N SER A 178 15.97 -18.45 -41.06
CA SER A 178 16.45 -19.16 -42.24
C SER A 178 17.49 -20.21 -41.90
N ARG A 179 17.85 -21.04 -42.90
CA ARG A 179 18.90 -22.02 -42.72
C ARG A 179 20.22 -21.28 -42.45
N ALA A 180 20.41 -20.15 -43.14
CA ALA A 180 21.60 -19.32 -42.96
C ALA A 180 21.71 -18.86 -41.49
N ASP A 181 20.57 -18.45 -40.92
CA ASP A 181 20.53 -18.01 -39.52
C ASP A 181 21.01 -19.10 -38.59
N LEU A 182 20.51 -20.30 -38.83
CA LEU A 182 20.83 -21.44 -38.00
C LEU A 182 22.28 -21.83 -38.12
N THR A 183 22.76 -21.95 -39.35
CA THR A 183 24.16 -22.31 -39.64
C THR A 183 25.15 -21.33 -39.00
N GLU A 184 24.82 -20.04 -39.06
CA GLU A 184 25.65 -19.02 -38.46
C GLU A 184 25.69 -19.16 -36.93
N TYR A 185 24.53 -19.32 -36.30
CA TYR A 185 24.46 -19.52 -34.82
C TYR A 185 25.26 -20.77 -34.40
N LEU A 186 25.19 -21.82 -35.21
CA LEU A 186 25.95 -23.03 -34.95
C LEU A 186 27.44 -22.75 -35.01
N SER A 187 27.86 -22.03 -36.07
CA SER A 187 29.27 -21.68 -36.25
C SER A 187 29.80 -20.89 -35.07
N ARG A 188 29.03 -19.91 -34.64
CA ARG A 188 29.44 -19.04 -33.54
C ARG A 188 29.55 -19.72 -32.18
N HIS A 189 28.60 -20.61 -31.87
CA HIS A 189 28.54 -21.21 -30.55
C HIS A 189 28.97 -22.64 -30.38
N TYR A 190 28.68 -23.50 -31.34
CA TYR A 190 29.04 -24.92 -31.20
C TYR A 190 30.50 -25.17 -31.51
N LYS A 191 31.38 -24.57 -30.73
CA LYS A 191 32.81 -24.78 -30.90
C LYS A 191 33.52 -25.16 -29.60
N ALA A 192 34.38 -26.18 -29.71
CA ALA A 192 35.13 -26.81 -28.63
C ALA A 192 35.31 -26.20 -27.22
N PRO A 193 35.93 -25.01 -27.06
CA PRO A 193 36.12 -24.43 -25.71
C PRO A 193 34.81 -24.11 -24.98
N ARG A 194 33.71 -24.27 -25.67
CA ARG A 194 32.41 -23.95 -25.10
C ARG A 194 31.58 -25.22 -24.91
N MET A 195 32.19 -26.36 -25.18
CA MET A 195 31.54 -27.63 -24.97
C MET A 195 32.30 -28.57 -24.05
N VAL A 196 31.55 -29.46 -23.41
CA VAL A 196 32.10 -30.44 -22.46
C VAL A 196 31.45 -31.82 -22.69
N LEU A 197 32.25 -32.81 -23.03
CA LEU A 197 31.73 -34.14 -23.18
C LEU A 197 31.68 -34.74 -21.77
N ALA A 198 30.50 -35.09 -21.33
CA ALA A 198 30.36 -35.61 -19.98
C ALA A 198 29.83 -37.02 -20.00
N ALA A 199 30.27 -37.83 -19.05
CA ALA A 199 29.76 -39.20 -18.92
C ALA A 199 29.69 -39.67 -17.46
N ALA A 200 28.89 -40.71 -17.20
CA ALA A 200 28.79 -41.29 -15.82
C ALA A 200 28.31 -42.71 -15.86
N GLY A 201 29.01 -43.59 -15.13
CA GLY A 201 28.69 -45.01 -15.04
C GLY A 201 29.88 -45.96 -15.19
N GLY A 202 29.62 -47.12 -15.79
CA GLY A 202 30.66 -48.10 -16.00
C GLY A 202 31.52 -47.76 -17.18
N LEU A 203 32.42 -46.80 -17.01
CA LEU A 203 33.36 -46.41 -18.07
C LEU A 203 34.65 -46.08 -17.39
N GLU A 204 35.77 -46.32 -18.05
CA GLU A 204 37.04 -45.86 -17.52
C GLU A 204 37.32 -44.54 -18.23
N HIS A 205 37.84 -43.55 -17.51
CA HIS A 205 38.12 -42.22 -18.09
C HIS A 205 38.93 -42.22 -19.43
N ARG A 206 39.87 -43.17 -19.57
CA ARG A 206 40.69 -43.30 -20.79
C ARG A 206 39.84 -43.58 -22.03
N GLN A 207 38.84 -44.45 -21.86
CA GLN A 207 37.87 -44.78 -22.94
C GLN A 207 37.29 -43.49 -23.44
N LEU A 208 36.73 -42.69 -22.51
CA LEU A 208 36.16 -41.40 -22.81
C LEU A 208 37.12 -40.49 -23.53
N LEU A 209 38.38 -40.49 -23.09
CA LEU A 209 39.40 -39.67 -23.72
C LEU A 209 39.64 -40.13 -25.13
N ASP A 210 39.88 -41.43 -25.30
CA ASP A 210 40.12 -42.00 -26.61
C ASP A 210 39.01 -41.60 -27.53
N LEU A 211 37.79 -41.83 -27.09
CA LEU A 211 36.62 -41.48 -27.89
C LEU A 211 36.54 -39.97 -28.21
N ALA A 212 36.92 -39.13 -27.26
CA ALA A 212 36.89 -37.70 -27.47
C ALA A 212 37.89 -37.27 -28.53
N GLN A 213 39.07 -37.88 -28.53
CA GLN A 213 40.07 -37.55 -29.55
C GLN A 213 39.67 -38.17 -30.88
N LYS A 214 39.11 -39.36 -30.83
CA LYS A 214 38.71 -40.05 -32.02
C LYS A 214 37.61 -39.34 -32.78
N HIS A 215 36.56 -38.92 -32.08
CA HIS A 215 35.41 -38.31 -32.76
C HIS A 215 35.16 -36.81 -32.63
N PHE A 216 35.93 -36.13 -31.80
CA PHE A 216 35.73 -34.68 -31.64
C PHE A 216 36.90 -33.86 -32.14
N SER A 217 37.97 -34.55 -32.51
CA SER A 217 39.14 -33.89 -33.06
C SER A 217 38.70 -33.40 -34.40
N GLY A 218 38.68 -32.08 -34.56
CA GLY A 218 38.22 -31.50 -35.80
C GLY A 218 37.36 -30.28 -35.57
N LEU A 219 37.35 -29.79 -34.33
CA LEU A 219 36.65 -28.58 -34.00
C LEU A 219 37.68 -27.48 -33.83
N SER A 220 37.43 -26.56 -32.90
CA SER A 220 38.31 -25.37 -32.62
C SER A 220 39.83 -25.29 -32.97
N GLY A 221 40.50 -26.45 -33.17
CA GLY A 221 41.91 -26.49 -33.58
C GLY A 221 42.24 -25.40 -34.60
N THR A 222 41.83 -25.60 -35.85
CA THR A 222 42.00 -24.56 -36.90
C THR A 222 40.65 -23.79 -36.96
N TYR A 223 40.44 -22.90 -35.97
CA TYR A 223 39.18 -22.16 -35.83
C TYR A 223 39.40 -20.88 -34.98
N ASP A 224 38.64 -20.76 -33.88
CA ASP A 224 38.61 -19.59 -32.98
C ASP A 224 38.94 -18.16 -33.53
N GLU A 225 39.96 -17.51 -32.97
CA GLU A 225 40.38 -16.15 -33.38
C GLU A 225 39.26 -15.12 -33.30
N ASP A 226 39.25 -14.16 -34.21
CA ASP A 226 38.24 -13.12 -34.13
C ASP A 226 36.80 -13.52 -34.49
N ALA A 227 35.86 -13.00 -33.66
CA ALA A 227 34.39 -13.22 -33.71
C ALA A 227 33.86 -14.01 -32.52
N VAL A 228 34.65 -14.10 -31.45
CA VAL A 228 34.23 -14.82 -30.21
C VAL A 228 33.98 -13.83 -29.05
N PRO A 229 32.73 -13.36 -28.89
CA PRO A 229 32.41 -12.41 -27.82
C PRO A 229 32.12 -13.12 -26.49
N THR A 230 32.12 -12.33 -25.42
CA THR A 230 31.81 -12.82 -24.09
C THR A 230 30.33 -12.50 -23.82
N LEU A 231 29.92 -12.61 -22.56
CA LEU A 231 28.57 -12.30 -22.20
C LEU A 231 28.53 -10.99 -21.47
N SER A 232 27.65 -10.12 -21.90
CA SER A 232 27.48 -8.84 -21.24
C SER A 232 26.54 -9.02 -20.05
N PRO A 233 26.76 -8.30 -18.96
CA PRO A 233 25.86 -8.37 -17.80
C PRO A 233 24.44 -7.96 -18.16
N CYS A 234 23.48 -8.43 -17.39
CA CYS A 234 22.09 -8.12 -17.64
C CYS A 234 21.48 -7.37 -16.49
N ARG A 235 21.14 -6.11 -16.75
CA ARG A 235 20.52 -5.30 -15.74
C ARG A 235 19.24 -5.92 -15.22
N PHE A 236 19.13 -6.06 -13.89
CA PHE A 236 17.87 -6.51 -13.26
C PHE A 236 17.08 -5.24 -13.05
N THR A 237 15.80 -5.29 -13.34
CA THR A 237 15.01 -4.11 -13.18
C THR A 237 14.15 -4.06 -11.94
N GLY A 238 13.11 -4.84 -11.85
CA GLY A 238 12.33 -4.71 -10.61
C GLY A 238 11.13 -3.93 -10.95
N SER A 239 10.07 -4.67 -11.25
CA SER A 239 8.89 -4.09 -11.77
C SER A 239 7.78 -5.09 -11.67
N GLN A 240 6.80 -4.96 -12.57
CA GLN A 240 5.65 -5.81 -12.53
C GLN A 240 4.97 -5.98 -13.89
N ILE A 241 4.55 -7.20 -14.16
CA ILE A 241 3.76 -7.46 -15.33
C ILE A 241 2.54 -8.23 -14.85
N CYS A 242 1.38 -7.67 -15.12
CA CYS A 242 0.13 -8.29 -14.72
C CYS A 242 -0.70 -8.61 -15.94
N HIS A 243 -1.00 -9.87 -16.11
CA HIS A 243 -1.82 -10.29 -17.22
C HIS A 243 -3.14 -10.74 -16.65
N ARG A 244 -4.05 -9.79 -16.52
CA ARG A 244 -5.38 -10.05 -16.00
C ARG A 244 -6.18 -10.92 -16.95
N GLU A 245 -6.75 -12.00 -16.44
CA GLU A 245 -7.58 -12.91 -17.25
C GLU A 245 -8.50 -13.68 -16.31
N ASP A 246 -9.69 -13.15 -16.08
CA ASP A 246 -10.63 -13.72 -15.18
C ASP A 246 -11.26 -15.02 -15.64
N GLY A 247 -10.96 -15.41 -16.88
CA GLY A 247 -11.44 -16.64 -17.41
C GLY A 247 -10.72 -17.83 -16.84
N LEU A 248 -9.44 -17.69 -16.53
CA LEU A 248 -8.68 -18.79 -15.90
C LEU A 248 -9.15 -18.89 -14.44
N PRO A 249 -9.23 -20.11 -13.88
CA PRO A 249 -9.74 -20.32 -12.50
C PRO A 249 -8.79 -20.16 -11.31
N LEU A 250 -7.49 -20.15 -11.53
CA LEU A 250 -6.57 -19.96 -10.40
C LEU A 250 -5.50 -18.96 -10.82
N ALA A 251 -5.08 -18.12 -9.90
CA ALA A 251 -4.07 -17.12 -10.21
C ALA A 251 -2.69 -17.66 -10.02
N HIS A 252 -1.79 -17.27 -10.91
CA HIS A 252 -0.41 -17.63 -10.80
C HIS A 252 0.39 -16.35 -10.56
N VAL A 253 1.29 -16.39 -9.57
CA VAL A 253 2.08 -15.23 -9.22
C VAL A 253 3.52 -15.69 -8.98
N ALA A 254 4.49 -14.93 -9.47
CA ALA A 254 5.89 -15.24 -9.30
C ALA A 254 6.59 -13.93 -8.94
N ILE A 255 7.26 -13.92 -7.78
CA ILE A 255 7.94 -12.71 -7.28
C ILE A 255 9.41 -13.02 -6.91
N ALA A 256 10.32 -12.13 -7.28
CA ALA A 256 11.71 -12.39 -7.00
C ALA A 256 12.59 -11.17 -6.94
N VAL A 257 13.62 -11.24 -6.11
CA VAL A 257 14.62 -10.19 -6.04
C VAL A 257 15.77 -10.67 -6.90
N GLU A 258 16.77 -9.84 -7.09
CA GLU A 258 17.90 -10.24 -7.90
C GLU A 258 18.81 -11.05 -7.09
N GLY A 259 19.15 -12.23 -7.59
CA GLY A 259 20.10 -13.07 -6.89
C GLY A 259 21.45 -12.87 -7.54
N PRO A 260 22.50 -13.40 -6.94
CA PRO A 260 23.82 -13.28 -7.54
C PRO A 260 23.96 -14.48 -8.45
N GLY A 261 24.97 -14.49 -9.28
CA GLY A 261 25.11 -15.62 -10.19
C GLY A 261 25.57 -16.98 -9.65
N TRP A 262 25.84 -17.88 -10.58
CA TRP A 262 26.32 -19.22 -10.29
C TRP A 262 27.50 -19.20 -9.35
N ALA A 263 28.51 -18.46 -9.73
CA ALA A 263 29.77 -18.39 -8.99
C ALA A 263 29.74 -18.05 -7.48
N HIS A 264 28.87 -17.12 -7.09
CA HIS A 264 28.79 -16.60 -5.72
C HIS A 264 28.63 -17.64 -4.63
N PRO A 265 29.49 -17.56 -3.60
CA PRO A 265 29.48 -18.50 -2.48
C PRO A 265 28.21 -18.48 -1.70
N ASP A 266 27.52 -17.34 -1.70
CA ASP A 266 26.33 -17.24 -0.93
C ASP A 266 25.00 -17.84 -1.44
N ASN A 267 25.10 -18.70 -2.47
CA ASN A 267 23.95 -19.41 -3.01
C ASN A 267 23.57 -20.51 -2.05
N VAL A 268 24.54 -20.95 -1.25
CA VAL A 268 24.32 -21.99 -0.28
C VAL A 268 23.40 -21.49 0.85
N ALA A 269 23.73 -20.35 1.46
CA ALA A 269 22.89 -19.78 2.53
C ALA A 269 21.46 -19.44 2.03
N LEU A 270 21.36 -19.03 0.75
CA LEU A 270 20.09 -18.71 0.17
C LEU A 270 19.27 -19.95 0.02
N GLN A 271 19.93 -21.05 -0.38
CA GLN A 271 19.22 -22.31 -0.52
C GLN A 271 18.76 -22.88 0.81
N VAL A 272 19.50 -22.58 1.88
CA VAL A 272 19.10 -23.01 3.21
C VAL A 272 17.81 -22.25 3.63
N ALA A 273 17.82 -20.94 3.42
CA ALA A 273 16.69 -20.10 3.78
C ALA A 273 15.44 -20.48 2.96
N ASN A 274 15.65 -20.75 1.68
CA ASN A 274 14.59 -21.18 0.79
C ASN A 274 14.03 -22.48 1.28
N ALA A 275 14.92 -23.40 1.66
CA ALA A 275 14.48 -24.69 2.18
C ALA A 275 13.60 -24.52 3.44
N ILE A 276 13.99 -23.64 4.35
CA ILE A 276 13.18 -23.36 5.53
C ILE A 276 11.76 -22.98 5.11
N ILE A 277 11.62 -22.13 4.07
CA ILE A 277 10.31 -21.75 3.59
C ILE A 277 9.70 -22.91 2.86
N GLY A 278 10.53 -23.62 2.11
CA GLY A 278 10.13 -24.83 1.40
C GLY A 278 9.13 -24.76 0.27
N HIS A 279 8.24 -25.74 0.25
CA HIS A 279 7.21 -25.81 -0.77
C HIS A 279 5.94 -26.46 -0.26
N TYR A 280 4.86 -26.27 -0.97
CA TYR A 280 3.63 -26.87 -0.59
C TYR A 280 2.83 -27.19 -1.77
N ASP A 281 1.93 -28.13 -1.59
CA ASP A 281 1.06 -28.55 -2.61
C ASP A 281 -0.13 -29.18 -1.91
N CYS A 282 -1.32 -29.05 -2.49
CA CYS A 282 -2.51 -29.61 -1.87
C CYS A 282 -2.52 -31.12 -1.69
N THR A 283 -1.57 -31.84 -2.27
CA THR A 283 -1.53 -33.31 -2.05
C THR A 283 -0.53 -33.71 -1.00
N TYR A 284 0.08 -32.76 -0.31
CA TYR A 284 1.02 -33.13 0.77
C TYR A 284 0.20 -33.61 1.94
N GLY A 285 0.67 -34.68 2.57
CA GLY A 285 0.08 -35.15 3.81
C GLY A 285 0.73 -34.26 4.82
N GLY A 286 0.13 -34.11 5.98
CA GLY A 286 0.68 -33.17 6.95
C GLY A 286 0.27 -31.77 6.48
N GLY A 287 -0.66 -31.18 7.19
CA GLY A 287 -1.11 -29.87 6.80
C GLY A 287 -0.63 -28.94 7.83
N ALA A 288 -1.41 -28.89 8.91
CA ALA A 288 -1.17 -28.06 10.04
C ALA A 288 0.19 -28.26 10.70
N HIS A 289 0.72 -29.46 10.64
CA HIS A 289 1.97 -29.74 11.38
C HIS A 289 3.24 -29.50 10.65
N LEU A 290 3.16 -29.09 9.40
CA LEU A 290 4.38 -28.82 8.62
C LEU A 290 5.26 -27.75 9.32
N SER A 291 6.57 -27.97 9.31
CA SER A 291 7.52 -27.08 9.97
C SER A 291 7.42 -25.66 9.44
N SER A 292 7.62 -25.51 8.13
CA SER A 292 7.55 -24.21 7.50
C SER A 292 6.27 -23.56 7.83
N PRO A 293 6.36 -22.38 8.45
CA PRO A 293 5.17 -21.59 8.81
C PRO A 293 4.31 -21.20 7.57
N LEU A 294 4.94 -20.91 6.42
CA LEU A 294 4.16 -20.55 5.24
C LEU A 294 3.33 -21.74 4.87
N ALA A 295 3.97 -22.87 4.71
CA ALA A 295 3.31 -24.11 4.36
C ALA A 295 2.17 -24.44 5.33
N SER A 296 2.46 -24.35 6.60
CA SER A 296 1.47 -24.64 7.62
C SER A 296 0.23 -23.68 7.58
N ILE A 297 0.49 -22.38 7.53
CA ILE A 297 -0.59 -21.40 7.49
C ILE A 297 -1.36 -21.53 6.17
N ALA A 298 -0.65 -21.90 5.09
CA ALA A 298 -1.28 -22.08 3.80
C ALA A 298 -2.20 -23.29 3.80
N ALA A 299 -1.79 -24.35 4.46
CA ALA A 299 -2.59 -25.55 4.50
C ALA A 299 -3.84 -25.39 5.35
N THR A 300 -3.70 -24.84 6.56
CA THR A 300 -4.84 -24.73 7.47
C THR A 300 -5.83 -23.74 7.01
N ASN A 301 -5.33 -22.59 6.61
CA ASN A 301 -6.21 -21.56 6.15
C ASN A 301 -6.61 -21.73 4.67
N LYS A 302 -5.99 -22.71 3.99
CA LYS A 302 -6.27 -23.02 2.58
C LYS A 302 -6.04 -21.84 1.71
N LEU A 303 -4.86 -21.23 1.86
CA LEU A 303 -4.50 -20.02 1.11
C LEU A 303 -3.90 -20.24 -0.24
N CYS A 304 -3.78 -21.49 -0.67
CA CYS A 304 -3.19 -21.80 -1.98
C CYS A 304 -3.36 -23.23 -2.39
N GLN A 305 -2.96 -23.51 -3.60
CA GLN A 305 -3.04 -24.84 -4.12
C GLN A 305 -1.62 -25.38 -4.12
N SER A 306 -0.66 -24.51 -4.35
CA SER A 306 0.71 -24.86 -4.33
C SER A 306 1.57 -23.60 -4.21
N PHE A 307 2.80 -23.79 -3.75
CA PHE A 307 3.80 -22.72 -3.74
C PHE A 307 5.20 -23.34 -3.74
N GLN A 308 6.15 -22.64 -4.30
CA GLN A 308 7.51 -23.14 -4.30
C GLN A 308 8.45 -22.03 -4.28
N THR A 309 9.49 -22.15 -3.45
CA THR A 309 10.55 -21.15 -3.45
C THR A 309 11.52 -21.54 -4.55
N PHE A 310 12.31 -20.60 -5.04
CA PHE A 310 13.30 -20.92 -6.06
C PHE A 310 14.48 -19.99 -5.96
N ASN A 311 15.59 -20.43 -6.56
CA ASN A 311 16.80 -19.66 -6.65
C ASN A 311 17.40 -19.97 -8.01
N ILE A 312 16.98 -19.23 -9.02
CA ILE A 312 17.45 -19.46 -10.35
C ILE A 312 18.77 -18.74 -10.55
N CYS A 313 19.75 -19.42 -11.17
CA CYS A 313 21.10 -18.86 -11.41
C CYS A 313 21.45 -18.65 -12.85
N TYR A 314 22.08 -17.51 -13.13
CA TYR A 314 22.61 -17.18 -14.46
C TYR A 314 24.01 -16.63 -14.23
N ALA A 315 24.72 -16.27 -15.29
CA ALA A 315 26.10 -15.73 -15.19
C ALA A 315 26.39 -14.89 -13.96
N ASP A 316 25.98 -13.64 -13.93
CA ASP A 316 26.27 -12.85 -12.73
C ASP A 316 25.06 -12.33 -12.06
N THR A 317 23.95 -12.98 -12.32
CA THR A 317 22.74 -12.55 -11.74
C THR A 317 21.81 -13.79 -11.52
N GLY A 318 20.59 -13.53 -11.06
CA GLY A 318 19.63 -14.58 -10.85
C GLY A 318 18.33 -14.06 -10.29
N LEU A 319 17.34 -14.96 -10.20
CA LEU A 319 16.04 -14.63 -9.62
C LEU A 319 15.86 -15.45 -8.34
N LEU A 320 15.59 -14.77 -7.25
CA LEU A 320 15.43 -15.45 -6.00
C LEU A 320 14.11 -15.12 -5.45
N GLY A 321 13.26 -16.11 -5.28
CA GLY A 321 11.96 -15.85 -4.73
C GLY A 321 11.04 -17.03 -4.70
N ALA A 322 9.76 -16.77 -4.89
CA ALA A 322 8.79 -17.81 -4.82
C ALA A 322 7.69 -17.66 -5.87
N HIS A 323 6.95 -18.74 -6.08
CA HIS A 323 5.85 -18.76 -7.05
C HIS A 323 4.74 -19.48 -6.39
N PHE A 324 3.51 -19.03 -6.63
CA PHE A 324 2.34 -19.70 -6.05
C PHE A 324 1.14 -19.73 -6.93
N VAL A 325 0.19 -20.58 -6.59
CA VAL A 325 -1.03 -20.79 -7.39
C VAL A 325 -2.19 -20.78 -6.44
N CYS A 326 -3.16 -19.90 -6.63
CA CYS A 326 -4.29 -19.82 -5.69
C CYS A 326 -5.57 -19.20 -6.24
N ASP A 327 -6.61 -19.28 -5.44
CA ASP A 327 -7.91 -18.79 -5.75
C ASP A 327 -7.81 -17.29 -5.76
N HIS A 328 -8.64 -16.64 -6.59
CA HIS A 328 -8.71 -15.21 -6.65
C HIS A 328 -8.77 -14.44 -5.32
N MET A 329 -9.47 -14.94 -4.31
CA MET A 329 -9.52 -14.24 -3.03
C MET A 329 -8.43 -14.58 -2.09
N SER A 330 -7.34 -15.17 -2.55
CA SER A 330 -6.30 -15.52 -1.60
C SER A 330 -4.94 -15.00 -1.91
N ILE A 331 -4.84 -14.23 -2.99
CA ILE A 331 -3.58 -13.68 -3.44
C ILE A 331 -3.00 -12.75 -2.42
N ASP A 332 -3.83 -11.85 -1.89
CA ASP A 332 -3.35 -10.92 -0.85
C ASP A 332 -2.80 -11.68 0.39
N ASP A 333 -3.61 -12.53 1.03
CA ASP A 333 -3.11 -13.25 2.23
C ASP A 333 -1.83 -14.02 1.92
N MET A 334 -1.79 -14.65 0.74
CA MET A 334 -0.65 -15.45 0.34
C MET A 334 0.63 -14.60 0.28
N MET A 335 0.55 -13.40 -0.32
CA MET A 335 1.69 -12.48 -0.42
C MET A 335 2.15 -12.03 0.96
N PHE A 336 1.20 -11.65 1.80
CA PHE A 336 1.48 -11.20 3.13
C PHE A 336 2.30 -12.24 3.91
N VAL A 337 1.88 -13.49 3.85
CA VAL A 337 2.56 -14.52 4.52
C VAL A 337 3.93 -14.82 3.88
N LEU A 338 3.97 -14.86 2.56
CA LEU A 338 5.23 -15.08 1.89
C LEU A 338 6.30 -14.02 2.39
N GLN A 339 5.97 -12.73 2.20
CA GLN A 339 6.82 -11.62 2.56
C GLN A 339 7.15 -11.59 4.01
N GLY A 340 6.20 -12.02 4.82
CA GLY A 340 6.38 -12.08 6.25
C GLY A 340 7.47 -13.04 6.60
N GLN A 341 7.57 -14.11 5.83
CA GLN A 341 8.60 -15.10 6.07
C GLN A 341 10.00 -14.63 5.68
N TRP A 342 10.11 -13.95 4.52
CA TRP A 342 11.39 -13.41 4.09
C TRP A 342 11.95 -12.42 5.15
N MET A 343 11.11 -11.53 5.67
CA MET A 343 11.60 -10.57 6.64
C MET A 343 11.98 -11.21 7.93
N ARG A 344 11.16 -12.16 8.37
CA ARG A 344 11.44 -12.87 9.59
C ARG A 344 12.82 -13.47 9.50
N LEU A 345 13.10 -14.10 8.38
CA LEU A 345 14.39 -14.69 8.18
C LEU A 345 15.48 -13.64 8.08
N CYS A 346 15.16 -12.49 7.45
CA CYS A 346 16.13 -11.42 7.33
C CYS A 346 16.55 -10.90 8.70
N THR A 347 15.62 -10.82 9.62
CA THR A 347 15.91 -10.26 10.91
C THR A 347 16.01 -11.24 12.01
N SER A 348 15.01 -12.11 12.15
CA SER A 348 14.96 -12.98 13.33
C SER A 348 15.16 -14.50 13.19
N ALA A 349 15.83 -14.92 12.13
CA ALA A 349 16.08 -16.34 11.88
C ALA A 349 16.67 -17.03 13.10
N THR A 350 16.10 -18.17 13.50
CA THR A 350 16.61 -18.92 14.66
C THR A 350 17.38 -20.14 14.25
N GLU A 351 18.16 -20.66 15.18
CA GLU A 351 19.06 -21.81 14.94
C GLU A 351 18.48 -23.17 14.55
N SER A 352 17.44 -23.59 15.24
CA SER A 352 16.82 -24.87 14.97
C SER A 352 16.37 -24.98 13.49
N GLU A 353 15.61 -23.98 13.02
CA GLU A 353 15.14 -23.96 11.66
C GLU A 353 16.29 -23.93 10.65
N VAL A 354 17.42 -23.35 11.02
CA VAL A 354 18.55 -23.32 10.11
C VAL A 354 19.15 -24.73 9.94
N LEU A 355 19.14 -25.51 11.01
CA LEU A 355 19.63 -26.88 10.92
C LEU A 355 18.69 -27.66 10.00
N ARG A 356 17.36 -27.44 10.13
CA ARG A 356 16.42 -28.11 9.24
C ARG A 356 16.71 -27.74 7.77
N GLY A 357 16.86 -26.45 7.52
CA GLY A 357 17.21 -25.96 6.19
C GLY A 357 18.46 -26.70 5.69
N LYS A 358 19.55 -26.69 6.49
CA LYS A 358 20.78 -27.39 6.09
C LYS A 358 20.52 -28.87 5.81
N ASN A 359 19.74 -29.50 6.68
CA ASN A 359 19.40 -30.90 6.51
C ASN A 359 18.58 -31.22 5.25
N LEU A 360 17.59 -30.35 4.95
CA LEU A 360 16.77 -30.52 3.79
C LEU A 360 17.68 -30.39 2.58
N LEU A 361 18.64 -29.49 2.67
CA LEU A 361 19.56 -29.27 1.59
C LEU A 361 20.56 -30.42 1.38
N ARG A 362 21.06 -31.02 2.46
CA ARG A 362 21.95 -32.18 2.31
C ARG A 362 21.20 -33.36 1.62
N ASN A 363 19.91 -33.54 1.98
CA ASN A 363 19.09 -34.62 1.39
C ASN A 363 18.78 -34.39 -0.05
N ALA A 364 18.48 -33.14 -0.38
CA ALA A 364 18.16 -32.75 -1.77
C ALA A 364 19.36 -33.00 -2.66
N LEU A 365 20.53 -32.55 -2.21
CA LEU A 365 21.77 -32.71 -2.95
C LEU A 365 22.05 -34.14 -3.30
N VAL A 366 22.00 -35.00 -2.30
CA VAL A 366 22.33 -36.38 -2.48
C VAL A 366 21.22 -37.18 -3.15
N SER A 367 19.97 -36.82 -2.85
CA SER A 367 18.86 -37.56 -3.43
C SER A 367 18.84 -37.30 -4.95
N HIS A 368 19.25 -36.10 -5.33
CA HIS A 368 19.26 -35.71 -6.73
C HIS A 368 20.36 -36.37 -7.47
N LEU A 369 21.51 -36.54 -6.83
CA LEU A 369 22.63 -37.17 -7.53
C LEU A 369 22.55 -38.68 -7.48
N ASP A 370 21.44 -39.21 -7.93
CA ASP A 370 21.20 -40.61 -7.89
C ASP A 370 20.84 -41.14 -9.29
N GLY A 371 21.79 -41.80 -9.92
CA GLY A 371 21.60 -42.31 -11.26
C GLY A 371 22.60 -41.67 -12.19
N THR A 372 22.99 -42.40 -13.23
CA THR A 372 23.98 -41.90 -14.20
C THR A 372 23.54 -40.60 -14.91
N THR A 373 22.26 -40.46 -15.13
CA THR A 373 21.76 -39.31 -15.81
C THR A 373 21.90 -37.97 -15.08
N PRO A 374 21.38 -37.83 -13.84
CA PRO A 374 21.55 -36.57 -13.13
C PRO A 374 23.01 -36.24 -12.84
N VAL A 375 23.85 -37.26 -12.57
CA VAL A 375 25.26 -37.03 -12.33
C VAL A 375 25.99 -36.56 -13.60
N CYS A 376 25.69 -37.17 -14.74
CA CYS A 376 26.32 -36.78 -16.00
C CYS A 376 25.99 -35.33 -16.28
N GLU A 377 24.74 -34.97 -16.02
CA GLU A 377 24.27 -33.65 -16.24
C GLU A 377 24.97 -32.70 -15.33
N ASP A 378 25.18 -33.16 -14.11
CA ASP A 378 25.85 -32.37 -13.11
C ASP A 378 27.28 -32.05 -13.44
N ILE A 379 27.96 -33.01 -14.04
CA ILE A 379 29.34 -32.84 -14.45
C ILE A 379 29.42 -31.80 -15.57
N GLY A 380 28.60 -32.00 -16.60
CA GLY A 380 28.57 -31.10 -17.74
C GLY A 380 28.24 -29.68 -17.36
N ARG A 381 27.19 -29.49 -16.58
CA ARG A 381 26.78 -28.17 -16.19
C ARG A 381 27.83 -27.50 -15.32
N SER A 382 28.38 -28.25 -14.36
CA SER A 382 29.37 -27.70 -13.42
C SER A 382 30.55 -27.12 -14.12
N LEU A 383 31.13 -27.90 -15.00
CA LEU A 383 32.26 -27.45 -15.74
C LEU A 383 32.00 -26.19 -16.58
N LEU A 384 30.78 -26.02 -17.02
CA LEU A 384 30.45 -24.85 -17.79
C LEU A 384 30.35 -23.61 -16.89
N THR A 385 29.83 -23.80 -15.69
CA THR A 385 29.63 -22.72 -14.73
C THR A 385 30.71 -22.59 -13.64
N TYR A 386 31.33 -23.69 -13.22
CA TYR A 386 32.32 -23.64 -12.12
C TYR A 386 33.75 -23.86 -12.59
N GLY A 387 33.92 -24.48 -13.75
CA GLY A 387 35.25 -24.78 -14.23
C GLY A 387 35.77 -26.01 -13.51
N ARG A 388 35.11 -26.39 -12.40
CA ARG A 388 35.44 -27.58 -11.63
C ARG A 388 34.18 -28.38 -11.44
N ARG A 389 34.36 -29.51 -10.78
CA ARG A 389 33.29 -30.35 -10.37
C ARG A 389 33.36 -30.16 -8.88
N ILE A 390 32.31 -29.70 -8.25
CA ILE A 390 32.40 -29.50 -6.82
C ILE A 390 31.94 -30.74 -6.03
N PRO A 391 32.90 -31.42 -5.39
CA PRO A 391 32.59 -32.66 -4.70
C PRO A 391 31.64 -32.44 -3.56
N LEU A 392 30.83 -33.44 -3.31
CA LEU A 392 29.88 -33.43 -2.24
C LEU A 392 30.46 -33.02 -0.91
N ALA A 393 31.69 -33.45 -0.61
CA ALA A 393 32.32 -33.09 0.65
C ALA A 393 32.46 -31.57 0.81
N GLU A 394 32.77 -30.88 -0.29
CA GLU A 394 32.89 -29.44 -0.26
C GLU A 394 31.53 -28.76 -0.09
N TRP A 395 30.52 -29.24 -0.82
CA TRP A 395 29.17 -28.70 -0.67
C TRP A 395 28.76 -28.90 0.78
N GLU A 396 29.16 -30.03 1.37
CA GLU A 396 28.82 -30.31 2.77
C GLU A 396 29.46 -29.28 3.68
N SER A 397 30.74 -29.01 3.42
CA SER A 397 31.48 -28.06 4.20
C SER A 397 30.80 -26.70 4.10
N ARG A 398 30.44 -26.30 2.88
CA ARG A 398 29.75 -25.03 2.69
C ARG A 398 28.36 -24.98 3.37
N ILE A 399 27.66 -26.10 3.36
CA ILE A 399 26.39 -26.15 4.03
C ILE A 399 26.62 -26.07 5.55
N ALA A 400 27.52 -26.94 6.08
CA ALA A 400 27.84 -27.00 7.52
C ALA A 400 28.13 -25.67 8.16
N GLU A 401 28.82 -24.80 7.42
CA GLU A 401 29.20 -23.43 7.87
C GLU A 401 28.03 -22.47 8.07
N VAL A 402 26.87 -22.79 7.53
CA VAL A 402 25.72 -21.89 7.66
C VAL A 402 25.06 -21.98 9.03
N ASP A 403 24.95 -20.88 9.70
CA ASP A 403 24.24 -20.85 10.96
C ASP A 403 23.18 -19.74 10.83
N ALA A 404 22.38 -19.53 11.86
CA ALA A 404 21.35 -18.50 11.82
C ALA A 404 21.89 -17.11 11.40
N ARG A 405 23.00 -16.70 12.01
CA ARG A 405 23.59 -15.39 11.72
C ARG A 405 23.83 -15.19 10.23
N VAL A 406 24.31 -16.25 9.57
CA VAL A 406 24.56 -16.19 8.15
C VAL A 406 23.25 -16.03 7.41
N VAL A 407 22.25 -16.82 7.78
CA VAL A 407 20.95 -16.72 7.10
C VAL A 407 20.40 -15.28 7.15
N ARG A 408 20.33 -14.69 8.35
CA ARG A 408 19.79 -13.35 8.46
C ARG A 408 20.66 -12.26 7.89
N GLU A 409 21.89 -12.59 7.59
CA GLU A 409 22.77 -11.62 6.98
C GLU A 409 22.65 -11.76 5.46
N VAL A 410 22.68 -13.00 4.99
CA VAL A 410 22.58 -13.28 3.57
C VAL A 410 21.17 -13.01 3.03
N CYS A 411 20.13 -13.28 3.83
CA CYS A 411 18.78 -12.98 3.34
C CYS A 411 18.61 -11.45 3.29
N SER A 412 19.14 -10.78 4.33
CA SER A 412 19.07 -9.33 4.38
C SER A 412 19.66 -8.69 3.16
N LYS A 413 20.86 -9.09 2.82
CA LYS A 413 21.53 -8.58 1.64
C LYS A 413 20.67 -8.65 0.34
N TYR A 414 19.95 -9.74 0.15
CA TYR A 414 19.18 -9.93 -1.08
C TYR A 414 17.75 -9.53 -1.01
N PHE A 415 17.14 -9.66 0.15
CA PHE A 415 15.74 -9.37 0.30
C PHE A 415 15.45 -8.07 0.96
N TYR A 416 16.03 -7.84 2.12
CA TYR A 416 15.72 -6.61 2.86
C TYR A 416 15.76 -5.30 2.09
N ASP A 417 14.56 -4.72 1.90
CA ASP A 417 14.37 -3.44 1.26
C ASP A 417 14.91 -3.40 -0.14
N GLN A 418 14.49 -4.38 -0.91
CA GLN A 418 14.90 -4.46 -2.29
C GLN A 418 13.63 -4.51 -3.16
N CYS A 419 13.76 -4.07 -4.41
CA CYS A 419 12.66 -4.08 -5.33
C CYS A 419 12.53 -5.47 -6.00
N PRO A 420 11.36 -6.07 -5.88
CA PRO A 420 11.08 -7.34 -6.54
C PRO A 420 10.61 -7.18 -8.00
N ALA A 421 10.73 -8.26 -8.75
CA ALA A 421 10.20 -8.35 -10.09
C ALA A 421 8.96 -9.16 -9.82
N VAL A 422 7.78 -8.69 -10.24
CA VAL A 422 6.52 -9.42 -9.95
C VAL A 422 5.86 -9.78 -11.22
N ALA A 423 5.40 -11.03 -11.33
CA ALA A 423 4.68 -11.46 -12.51
C ALA A 423 3.39 -12.17 -12.09
N GLY A 424 2.26 -11.69 -12.60
CA GLY A 424 0.95 -12.25 -12.28
C GLY A 424 0.16 -12.61 -13.54
N PHE A 425 -0.65 -13.64 -13.46
CA PHE A 425 -1.43 -14.13 -14.60
C PHE A 425 -2.72 -14.78 -14.02
N GLY A 426 -3.85 -14.62 -14.71
CA GLY A 426 -5.09 -15.19 -14.19
C GLY A 426 -5.99 -14.19 -13.49
N PRO A 427 -6.75 -14.63 -12.53
CA PRO A 427 -7.67 -13.74 -11.80
C PRO A 427 -6.93 -12.94 -10.79
N ILE A 428 -6.28 -11.88 -11.23
CA ILE A 428 -5.40 -11.12 -10.34
C ILE A 428 -5.87 -9.78 -9.76
N GLU A 429 -7.17 -9.52 -9.78
CA GLU A 429 -7.71 -8.27 -9.25
C GLU A 429 -7.16 -8.06 -7.84
N GLN A 430 -7.06 -9.11 -7.04
CA GLN A 430 -6.49 -8.90 -5.74
C GLN A 430 -4.97 -9.01 -5.54
N LEU A 431 -4.22 -9.04 -6.63
CA LEU A 431 -2.77 -9.00 -6.51
C LEU A 431 -2.52 -7.60 -5.99
N PRO A 432 -1.81 -7.51 -4.87
CA PRO A 432 -1.52 -6.22 -4.25
C PRO A 432 -0.79 -5.33 -5.18
N ASP A 433 -1.02 -4.03 -5.03
CA ASP A 433 -0.38 -3.00 -5.84
C ASP A 433 1.13 -3.08 -5.67
N TYR A 434 1.89 -2.66 -6.70
CA TYR A 434 3.34 -2.75 -6.57
C TYR A 434 3.90 -2.03 -5.35
N ASN A 435 3.42 -0.82 -5.07
CA ASN A 435 3.94 -0.10 -3.91
C ASN A 435 3.77 -0.91 -2.62
N ARG A 436 2.65 -1.60 -2.51
CA ARG A 436 2.42 -2.38 -1.32
C ARG A 436 3.27 -3.64 -1.22
N ILE A 437 3.53 -4.25 -2.37
CA ILE A 437 4.44 -5.37 -2.40
C ILE A 437 5.86 -4.84 -2.02
N ARG A 438 6.17 -3.63 -2.47
CA ARG A 438 7.46 -3.05 -2.20
C ARG A 438 7.58 -2.67 -0.70
N SER A 439 6.46 -2.28 -0.11
CA SER A 439 6.47 -1.88 1.29
C SER A 439 6.49 -3.12 2.21
N GLY A 440 6.17 -4.30 1.64
CA GLY A 440 6.24 -5.54 2.38
C GLY A 440 7.68 -6.12 2.32
N MET A 441 8.57 -5.43 1.59
CA MET A 441 9.96 -5.88 1.48
C MET A 441 10.86 -5.33 2.59
N PHE A 442 10.28 -4.55 3.48
CA PHE A 442 11.01 -4.06 4.65
C PHE A 442 10.05 -4.03 5.78
N TRP A 443 10.59 -3.96 6.98
CA TRP A 443 9.76 -3.79 8.13
C TRP A 443 9.93 -2.71 9.14
N LEU A 444 8.84 -2.04 9.47
CA LEU A 444 8.87 -0.93 10.42
C LEU A 444 9.19 -1.34 11.90
N ARG A 445 9.08 -2.65 12.23
CA ARG A 445 9.40 -3.18 13.57
C ARG A 445 10.88 -3.02 13.73
N PHE A 446 11.56 -3.39 12.66
CA PHE A 446 12.99 -3.42 12.59
C PHE A 446 13.47 -2.06 12.18
N VAL B 17 38.55 -44.44 -9.81
CA VAL B 17 38.65 -45.73 -9.06
C VAL B 17 37.47 -45.89 -8.08
N PRO B 18 36.42 -46.60 -8.50
CA PRO B 18 35.25 -46.79 -7.63
C PRO B 18 35.50 -47.95 -6.66
N PRO B 19 34.87 -47.93 -5.48
CA PRO B 19 35.07 -49.02 -4.52
C PRO B 19 34.45 -50.30 -5.06
N HIS B 20 35.09 -51.45 -4.85
CA HIS B 20 34.46 -52.73 -5.23
C HIS B 20 33.11 -52.76 -4.47
N PRO B 21 32.04 -53.20 -5.16
CA PRO B 21 30.68 -53.18 -4.58
C PRO B 21 30.42 -54.04 -3.32
N GLN B 22 29.23 -54.59 -3.25
CA GLN B 22 28.80 -55.45 -2.14
C GLN B 22 27.68 -56.24 -2.72
N ASP B 23 27.39 -57.41 -2.15
CA ASP B 23 26.25 -58.15 -2.65
C ASP B 23 25.08 -57.87 -1.78
N LEU B 24 23.90 -58.05 -2.35
CA LEU B 24 22.69 -57.88 -1.64
C LEU B 24 22.56 -59.08 -0.72
N GLU B 25 22.15 -58.86 0.51
CA GLU B 25 21.91 -59.96 1.43
C GLU B 25 20.39 -60.17 1.55
N PHE B 26 19.97 -61.44 1.45
CA PHE B 26 18.57 -61.80 1.46
C PHE B 26 18.28 -62.89 2.49
N THR B 27 17.13 -62.79 3.18
CA THR B 27 16.76 -63.75 4.25
C THR B 27 15.25 -63.92 4.43
N ARG B 28 14.74 -65.15 4.35
CA ARG B 28 13.35 -65.42 4.66
C ARG B 28 13.32 -65.86 6.12
N LEU B 29 12.50 -65.22 6.94
CA LEU B 29 12.37 -65.67 8.33
C LEU B 29 11.36 -66.79 8.31
N PRO B 30 11.35 -67.65 9.33
CA PRO B 30 10.40 -68.77 9.34
C PRO B 30 8.92 -68.33 9.34
N ASN B 31 8.63 -67.10 9.76
CA ASN B 31 7.25 -66.59 9.74
C ASN B 31 6.85 -66.04 8.38
N GLY B 32 7.75 -66.16 7.40
CA GLY B 32 7.44 -65.74 6.04
C GLY B 32 7.94 -64.37 5.58
N LEU B 33 8.37 -63.55 6.55
CA LEU B 33 8.87 -62.23 6.28
C LEU B 33 10.14 -62.34 5.53
N VAL B 34 10.38 -61.40 4.66
CA VAL B 34 11.58 -61.36 3.89
C VAL B 34 12.35 -60.08 4.23
N ILE B 35 13.67 -60.20 4.36
CA ILE B 35 14.52 -59.05 4.59
C ILE B 35 15.66 -59.00 3.53
N ALA B 36 15.75 -57.88 2.83
CA ALA B 36 16.83 -57.73 1.86
C ALA B 36 17.52 -56.42 2.08
N SER B 37 18.84 -56.42 2.04
CA SER B 37 19.60 -55.17 2.26
C SER B 37 20.88 -55.12 1.39
N LEU B 38 21.28 -53.91 0.99
CA LEU B 38 22.49 -53.71 0.19
C LEU B 38 23.24 -52.59 0.86
N GLU B 39 24.53 -52.77 1.05
CA GLU B 39 25.34 -51.74 1.60
C GLU B 39 26.10 -51.04 0.45
N ASN B 40 25.48 -50.01 -0.10
CA ASN B 40 26.15 -49.15 -1.06
C ASN B 40 26.69 -48.09 -0.16
N TYR B 41 27.91 -47.70 -0.30
CA TYR B 41 28.41 -46.73 0.64
C TYR B 41 27.90 -45.25 0.38
N ALA B 42 26.57 -45.13 0.36
CA ALA B 42 25.86 -43.91 0.04
C ALA B 42 25.65 -43.00 1.21
N PRO B 43 25.67 -41.70 0.95
CA PRO B 43 25.39 -40.70 1.97
C PRO B 43 23.96 -40.80 2.52
N ALA B 44 23.03 -41.26 1.72
CA ALA B 44 21.67 -41.39 2.20
C ALA B 44 21.27 -42.85 2.37
N SER B 45 20.14 -43.06 3.06
CA SER B 45 19.60 -44.37 3.26
C SER B 45 18.15 -44.47 2.80
N ARG B 46 17.74 -45.66 2.44
CA ARG B 46 16.39 -45.91 1.98
C ARG B 46 15.86 -47.18 2.56
N ILE B 47 14.76 -47.09 3.29
CA ILE B 47 14.14 -48.29 3.86
C ILE B 47 12.70 -48.37 3.38
N GLY B 48 12.31 -49.52 2.86
CA GLY B 48 10.94 -49.68 2.47
C GLY B 48 10.33 -50.91 3.06
N LEU B 49 9.10 -50.80 3.54
CA LEU B 49 8.34 -51.96 4.01
C LEU B 49 7.27 -52.25 2.93
N PHE B 50 7.44 -53.32 2.19
CA PHE B 50 6.56 -53.69 1.15
C PHE B 50 5.55 -54.66 1.67
N ILE B 51 4.29 -54.39 1.41
CA ILE B 51 3.23 -55.24 1.94
C ILE B 51 2.25 -55.60 0.89
N LYS B 52 1.79 -56.85 0.91
CA LYS B 52 0.77 -57.31 0.00
C LYS B 52 -0.56 -56.82 0.53
N ALA B 53 -0.91 -55.56 0.24
CA ALA B 53 -2.10 -54.94 0.77
C ALA B 53 -2.79 -54.00 -0.22
N GLY B 54 -2.40 -54.07 -1.48
CA GLY B 54 -3.00 -53.27 -2.54
C GLY B 54 -4.52 -53.42 -2.63
N SER B 55 -5.13 -52.65 -3.51
CA SER B 55 -6.58 -52.59 -3.66
C SER B 55 -7.27 -53.89 -3.99
N ARG B 56 -6.55 -54.84 -4.56
CA ARG B 56 -7.15 -56.15 -4.87
C ARG B 56 -7.63 -56.90 -3.64
N TYR B 57 -7.17 -56.49 -2.46
CA TYR B 57 -7.60 -57.13 -1.25
C TYR B 57 -8.87 -56.47 -0.67
N GLU B 58 -9.35 -55.43 -1.32
CA GLU B 58 -10.58 -54.80 -0.87
C GLU B 58 -11.74 -55.58 -1.36
N ASN B 59 -12.89 -55.39 -0.81
CA ASN B 59 -14.07 -56.05 -1.37
C ASN B 59 -15.25 -55.06 -1.48
N SER B 60 -16.40 -55.56 -1.91
CA SER B 60 -17.64 -54.71 -2.06
C SER B 60 -18.01 -53.87 -0.84
N ASN B 61 -17.76 -54.37 0.35
CA ASN B 61 -18.10 -53.63 1.51
C ASN B 61 -17.10 -52.66 1.98
N ASN B 62 -15.90 -52.67 1.45
CA ASN B 62 -14.96 -51.72 1.94
C ASN B 62 -14.11 -51.03 0.93
N LEU B 63 -14.63 -50.78 -0.25
CA LEU B 63 -13.82 -50.17 -1.29
C LEU B 63 -13.25 -48.83 -0.88
N GLY B 64 -12.02 -48.57 -1.28
CA GLY B 64 -11.41 -47.31 -0.97
C GLY B 64 -10.66 -47.31 0.37
N THR B 65 -10.81 -48.38 1.15
CA THR B 65 -10.12 -48.45 2.41
C THR B 65 -8.59 -48.35 2.20
N SER B 66 -8.04 -49.00 1.18
CA SER B 66 -6.60 -48.88 0.96
C SER B 66 -6.19 -47.54 0.43
N HIS B 67 -7.16 -46.74 -0.02
CA HIS B 67 -6.83 -45.40 -0.48
C HIS B 67 -6.69 -44.52 0.73
N LEU B 68 -7.73 -44.43 1.54
CA LEU B 68 -7.66 -43.61 2.76
C LEU B 68 -6.42 -43.99 3.58
N LEU B 69 -6.09 -45.29 3.60
CA LEU B 69 -4.96 -45.82 4.35
C LEU B 69 -3.73 -45.23 3.75
N ARG B 70 -3.62 -45.27 2.43
CA ARG B 70 -2.47 -44.72 1.77
C ARG B 70 -2.27 -43.24 2.14
N LEU B 71 -3.38 -42.51 2.29
CA LEU B 71 -3.33 -41.09 2.64
C LEU B 71 -3.15 -40.88 4.15
N ALA B 72 -3.19 -41.96 4.94
CA ALA B 72 -3.13 -41.78 6.41
C ALA B 72 -1.84 -42.01 7.09
N SER B 73 -0.73 -41.98 6.36
CA SER B 73 0.57 -42.34 6.93
C SER B 73 1.09 -41.45 7.98
N SER B 74 0.59 -40.24 8.09
CA SER B 74 1.08 -39.40 9.16
C SER B 74 0.11 -39.07 10.29
N LEU B 75 -0.95 -39.89 10.43
CA LEU B 75 -1.86 -39.73 11.57
C LEU B 75 -1.14 -40.28 12.83
N THR B 76 -1.65 -40.00 14.02
CA THR B 76 -0.97 -40.42 15.18
C THR B 76 -0.87 -41.94 15.40
N THR B 77 0.27 -42.35 15.92
CA THR B 77 0.53 -43.76 16.21
C THR B 77 0.84 -43.90 17.71
N LYS B 78 0.88 -45.12 18.22
CA LYS B 78 1.27 -45.27 19.66
C LYS B 78 2.75 -44.95 19.62
N GLY B 79 3.22 -44.18 20.50
CA GLY B 79 4.62 -43.88 20.32
C GLY B 79 4.99 -42.72 19.41
N ALA B 80 4.07 -42.20 18.62
CA ALA B 80 4.38 -41.04 17.79
C ALA B 80 3.14 -40.30 17.30
N SER B 81 2.95 -39.09 17.81
CA SER B 81 1.82 -38.29 17.39
C SER B 81 2.07 -37.77 15.99
N SER B 82 1.00 -37.38 15.32
CA SER B 82 1.07 -36.83 13.99
C SER B 82 2.08 -35.70 13.95
N PHE B 83 1.91 -34.72 14.85
CA PHE B 83 2.83 -33.58 14.93
C PHE B 83 4.30 -34.07 14.93
N LYS B 84 4.59 -35.06 15.76
CA LYS B 84 5.96 -35.59 15.83
C LYS B 84 6.45 -36.22 14.53
N ILE B 85 5.61 -36.97 13.90
CA ILE B 85 5.99 -37.66 12.71
C ILE B 85 6.40 -36.64 11.70
N THR B 86 5.59 -35.61 11.55
CA THR B 86 5.84 -34.59 10.60
C THR B 86 7.10 -33.77 10.94
N ARG B 87 7.13 -33.20 12.14
CA ARG B 87 8.25 -32.39 12.58
C ARG B 87 9.52 -33.15 12.68
N GLY B 88 9.42 -34.38 13.17
CA GLY B 88 10.58 -35.23 13.40
C GLY B 88 11.27 -35.60 12.17
N ILE B 89 10.50 -36.05 11.17
CA ILE B 89 11.04 -36.40 9.83
C ILE B 89 11.59 -35.15 9.12
N GLU B 90 10.83 -34.07 9.16
CA GLU B 90 11.32 -32.83 8.53
C GLU B 90 12.55 -32.27 9.22
N ALA B 91 12.71 -32.52 10.52
CA ALA B 91 13.89 -31.98 11.24
C ALA B 91 15.22 -32.52 10.69
N VAL B 92 15.19 -33.75 10.17
CA VAL B 92 16.39 -34.36 9.59
C VAL B 92 16.37 -34.33 8.08
N GLY B 93 15.29 -33.74 7.54
CA GLY B 93 15.14 -33.55 6.11
C GLY B 93 14.84 -34.79 5.32
N GLY B 94 14.16 -35.74 5.93
CA GLY B 94 13.86 -36.99 5.26
C GLY B 94 12.48 -37.05 4.62
N LYS B 95 12.11 -38.23 4.10
CA LYS B 95 10.81 -38.42 3.44
C LYS B 95 10.08 -39.62 4.03
N LEU B 96 8.76 -39.63 3.85
CA LEU B 96 7.90 -40.73 4.19
C LEU B 96 6.92 -40.74 3.09
N SER B 97 6.94 -41.78 2.29
CA SER B 97 5.99 -41.86 1.21
C SER B 97 5.38 -43.22 1.11
N VAL B 98 4.11 -43.26 0.75
CA VAL B 98 3.45 -44.52 0.52
C VAL B 98 2.95 -44.65 -0.90
N THR B 99 3.39 -45.73 -1.53
CA THR B 99 3.00 -46.00 -2.86
C THR B 99 2.30 -47.31 -3.06
N SER B 100 1.18 -47.25 -3.76
CA SER B 100 0.33 -48.42 -3.98
C SER B 100 0.11 -48.85 -5.41
N THR B 101 -0.12 -50.14 -5.56
CA THR B 101 -0.49 -50.74 -6.83
C THR B 101 -1.64 -51.66 -6.47
N ARG B 102 -2.20 -52.34 -7.44
CA ARG B 102 -3.34 -53.21 -7.18
C ARG B 102 -2.94 -54.37 -6.27
N GLU B 103 -1.64 -54.65 -6.21
CA GLU B 103 -1.18 -55.72 -5.37
C GLU B 103 -0.47 -55.32 -4.10
N ASN B 104 0.34 -54.28 -4.13
CA ASN B 104 1.13 -53.93 -2.95
C ASN B 104 0.92 -52.57 -2.40
N MET B 105 1.37 -52.35 -1.17
CA MET B 105 1.50 -51.01 -0.59
C MET B 105 2.95 -50.96 -0.12
N ALA B 106 3.61 -49.86 -0.34
CA ALA B 106 4.97 -49.77 0.02
C ALA B 106 5.24 -48.54 0.79
N TYR B 107 5.68 -48.71 2.03
CA TYR B 107 6.02 -47.54 2.83
C TYR B 107 7.53 -47.34 2.75
N THR B 108 7.97 -46.26 2.09
CA THR B 108 9.39 -45.95 1.98
C THR B 108 9.73 -44.73 2.78
N VAL B 109 10.90 -44.75 3.36
CA VAL B 109 11.29 -43.70 4.23
C VAL B 109 12.74 -43.33 3.81
N GLU B 110 13.06 -42.03 3.68
CA GLU B 110 14.43 -41.68 3.22
C GLU B 110 15.12 -40.64 4.05
N CYS B 111 16.44 -40.77 4.21
CA CYS B 111 17.22 -39.85 5.05
C CYS B 111 18.69 -40.18 4.93
N LEU B 112 19.55 -39.32 5.50
CA LEU B 112 20.99 -39.57 5.51
C LEU B 112 21.29 -40.72 6.48
N ARG B 113 22.44 -41.40 6.29
CA ARG B 113 22.84 -42.59 7.11
C ARG B 113 22.68 -42.44 8.59
N ASP B 114 23.19 -41.33 9.10
CA ASP B 114 23.20 -41.04 10.51
C ASP B 114 21.82 -41.01 11.13
N ASP B 115 20.79 -40.82 10.32
CA ASP B 115 19.45 -40.74 10.85
C ASP B 115 18.54 -41.93 10.66
N VAL B 116 19.04 -43.05 10.10
CA VAL B 116 18.18 -44.21 9.92
C VAL B 116 17.33 -44.58 11.15
N ASP B 117 17.94 -44.60 12.31
CA ASP B 117 17.25 -44.99 13.52
C ASP B 117 15.90 -44.30 13.80
N ILE B 118 15.86 -42.98 13.77
CA ILE B 118 14.57 -42.36 14.05
C ILE B 118 13.53 -42.62 12.94
N LEU B 119 13.96 -42.62 11.68
CA LEU B 119 13.08 -42.89 10.56
C LEU B 119 12.52 -44.29 10.60
N MET B 120 13.37 -45.25 10.95
CA MET B 120 12.96 -46.63 11.11
C MET B 120 11.85 -46.71 12.12
N GLU B 121 12.02 -46.01 13.24
CA GLU B 121 11.02 -46.01 14.29
C GLU B 121 9.65 -45.45 13.85
N PHE B 122 9.66 -44.37 13.10
CA PHE B 122 8.43 -43.76 12.65
C PHE B 122 7.79 -44.75 11.68
N LEU B 123 8.62 -45.36 10.83
CA LEU B 123 8.13 -46.34 9.85
C LEU B 123 7.36 -47.43 10.59
N LEU B 124 8.00 -48.02 11.61
CA LEU B 124 7.38 -49.09 12.38
C LEU B 124 6.14 -48.66 13.04
N ASN B 125 6.14 -47.45 13.54
CA ASN B 125 4.96 -46.92 14.15
C ASN B 125 3.74 -46.73 13.16
N VAL B 126 4.02 -46.23 11.96
CA VAL B 126 3.01 -46.00 10.95
C VAL B 126 2.39 -47.29 10.44
N THR B 127 3.23 -48.33 10.33
CA THR B 127 2.83 -49.59 9.79
C THR B 127 2.36 -50.59 10.80
N THR B 128 2.76 -50.45 12.08
CA THR B 128 2.35 -51.49 13.05
C THR B 128 1.63 -51.00 14.28
N ALA B 129 1.67 -49.71 14.52
CA ALA B 129 0.94 -49.18 15.64
C ALA B 129 0.08 -47.92 15.29
N PRO B 130 -0.67 -47.93 14.20
CA PRO B 130 -1.53 -46.78 13.88
C PRO B 130 -2.71 -46.75 14.83
N GLU B 131 -3.17 -45.59 15.25
CA GLU B 131 -4.31 -45.53 16.13
C GLU B 131 -5.63 -45.21 15.38
N PHE B 132 -5.53 -44.59 14.21
CA PHE B 132 -6.69 -44.18 13.41
C PHE B 132 -7.76 -43.54 14.25
N ARG B 133 -7.41 -42.46 14.95
CA ARG B 133 -8.38 -41.76 15.79
C ARG B 133 -9.55 -41.15 14.99
N ARG B 134 -10.75 -41.44 15.46
CA ARG B 134 -12.00 -40.95 14.88
C ARG B 134 -11.92 -39.57 14.26
N TRP B 135 -11.52 -38.58 15.04
CA TRP B 135 -11.47 -37.19 14.55
C TRP B 135 -10.40 -36.94 13.53
N GLU B 136 -9.25 -37.58 13.66
CA GLU B 136 -8.18 -37.41 12.65
C GLU B 136 -8.59 -38.04 11.34
N VAL B 137 -9.34 -39.16 11.41
CA VAL B 137 -9.79 -39.88 10.21
C VAL B 137 -10.90 -39.09 9.52
N ALA B 138 -11.78 -38.46 10.31
CA ALA B 138 -12.83 -37.63 9.76
C ALA B 138 -12.25 -36.44 9.01
N ALA B 139 -11.19 -35.85 9.55
CA ALA B 139 -10.53 -34.68 8.93
C ALA B 139 -9.82 -35.01 7.65
N LEU B 140 -9.40 -36.26 7.51
CA LEU B 140 -8.65 -36.71 6.35
C LEU B 140 -9.55 -37.10 5.14
N GLN B 141 -10.80 -37.54 5.40
CA GLN B 141 -11.73 -37.91 4.29
C GLN B 141 -11.70 -36.98 3.06
N PRO B 142 -11.88 -35.65 3.23
CA PRO B 142 -11.82 -34.75 2.06
C PRO B 142 -10.54 -34.87 1.21
N GLN B 143 -9.49 -35.43 1.75
CA GLN B 143 -8.28 -35.54 0.98
C GLN B 143 -8.46 -36.53 -0.14
N LEU B 144 -9.32 -37.54 0.07
CA LEU B 144 -9.62 -38.55 -0.99
C LEU B 144 -10.11 -37.87 -2.27
N ARG B 145 -10.98 -36.91 -2.12
CA ARG B 145 -11.54 -36.17 -3.22
C ARG B 145 -10.48 -35.26 -3.89
N ILE B 146 -9.65 -34.56 -3.09
CA ILE B 146 -8.57 -33.75 -3.66
C ILE B 146 -7.58 -34.73 -4.44
N ASP B 147 -7.12 -35.77 -3.72
CA ASP B 147 -6.19 -36.79 -4.26
C ASP B 147 -6.72 -37.44 -5.54
N LYS B 148 -7.95 -37.90 -5.49
CA LYS B 148 -8.55 -38.50 -6.66
C LYS B 148 -8.68 -37.46 -7.87
N ALA B 149 -9.07 -36.21 -7.59
CA ALA B 149 -9.24 -35.20 -8.66
C ALA B 149 -7.93 -34.98 -9.36
N VAL B 150 -6.85 -34.90 -8.58
CA VAL B 150 -5.52 -34.66 -9.15
C VAL B 150 -5.07 -35.86 -10.03
N ALA B 151 -5.29 -37.09 -9.58
CA ALA B 151 -4.93 -38.23 -10.42
C ALA B 151 -5.76 -38.25 -11.68
N LEU B 152 -7.06 -38.06 -11.52
CA LEU B 152 -7.98 -38.09 -12.66
C LEU B 152 -7.88 -36.98 -13.67
N GLN B 153 -6.94 -36.06 -13.55
CA GLN B 153 -6.81 -35.13 -14.64
C GLN B 153 -6.02 -35.67 -15.79
N ASN B 154 -5.40 -36.83 -15.59
CA ASN B 154 -4.72 -37.51 -16.69
C ASN B 154 -5.73 -38.47 -17.21
N PRO B 155 -6.16 -38.31 -18.46
CA PRO B 155 -7.16 -39.19 -19.06
C PRO B 155 -6.82 -40.68 -18.90
N GLN B 156 -5.53 -41.01 -18.89
CA GLN B 156 -5.07 -42.36 -18.68
C GLN B 156 -5.56 -43.02 -17.42
N ALA B 157 -5.59 -42.28 -16.34
CA ALA B 157 -6.03 -42.88 -15.11
C ALA B 157 -7.49 -43.38 -15.14
N HIS B 158 -8.42 -42.62 -15.73
CA HIS B 158 -9.81 -43.10 -15.85
C HIS B 158 -9.79 -44.38 -16.70
N VAL B 159 -9.17 -44.28 -17.85
CA VAL B 159 -9.10 -45.38 -18.77
C VAL B 159 -8.60 -46.64 -18.12
N ILE B 160 -7.45 -46.58 -17.48
CA ILE B 160 -6.91 -47.77 -16.88
C ILE B 160 -7.72 -48.31 -15.70
N GLU B 161 -8.36 -47.44 -14.98
CA GLU B 161 -9.26 -47.87 -13.90
C GLU B 161 -10.52 -48.56 -14.50
N ASN B 162 -11.04 -48.04 -15.61
CA ASN B 162 -12.18 -48.66 -16.19
C ASN B 162 -11.79 -49.95 -16.91
N LEU B 163 -10.54 -50.00 -17.36
CA LEU B 163 -10.02 -51.16 -18.11
C LEU B 163 -10.00 -52.32 -17.18
N HIS B 164 -9.55 -52.08 -15.95
CA HIS B 164 -9.47 -53.11 -14.99
C HIS B 164 -10.84 -53.52 -14.51
N ALA B 165 -11.71 -52.54 -14.20
CA ALA B 165 -13.13 -52.80 -13.82
C ALA B 165 -13.81 -53.69 -14.90
N ALA B 166 -13.53 -53.40 -16.18
CA ALA B 166 -14.08 -54.15 -17.29
C ALA B 166 -13.48 -55.54 -17.43
N ALA B 167 -12.20 -55.68 -17.21
CA ALA B 167 -11.56 -56.96 -17.44
C ALA B 167 -11.85 -58.01 -16.39
N TYR B 168 -11.96 -57.60 -15.15
CA TYR B 168 -12.06 -58.57 -14.05
C TYR B 168 -13.30 -58.46 -13.29
N ARG B 169 -13.75 -59.53 -12.70
CA ARG B 169 -14.96 -59.38 -11.92
C ARG B 169 -14.68 -59.33 -10.48
N ASN B 170 -13.43 -59.18 -10.17
CA ASN B 170 -13.05 -59.46 -8.91
C ASN B 170 -12.31 -58.50 -8.12
N ALA B 171 -11.03 -58.78 -8.01
CA ALA B 171 -10.12 -58.12 -7.11
C ALA B 171 -9.29 -57.12 -7.85
N LEU B 172 -8.75 -57.53 -9.01
CA LEU B 172 -7.98 -56.63 -9.83
C LEU B 172 -8.91 -55.58 -10.45
N ALA B 173 -10.20 -55.81 -10.33
CA ALA B 173 -11.18 -54.87 -10.83
C ALA B 173 -11.27 -53.63 -9.99
N ASN B 174 -10.87 -53.78 -8.74
CA ASN B 174 -10.96 -52.66 -7.79
C ASN B 174 -10.15 -51.53 -8.26
N SER B 175 -10.53 -50.35 -7.85
CA SER B 175 -9.80 -49.20 -8.23
C SER B 175 -8.72 -48.83 -7.23
N LEU B 176 -7.72 -48.15 -7.68
CA LEU B 176 -6.66 -47.63 -6.80
C LEU B 176 -7.18 -46.35 -6.08
N TYR B 177 -8.34 -45.84 -6.50
CA TYR B 177 -8.87 -44.64 -5.90
C TYR B 177 -10.20 -44.90 -5.33
N CYS B 178 -10.48 -44.33 -4.20
CA CYS B 178 -11.74 -44.52 -3.53
C CYS B 178 -12.96 -44.13 -4.39
N PRO B 179 -13.92 -45.05 -4.58
CA PRO B 179 -15.20 -44.69 -5.27
C PRO B 179 -15.87 -43.52 -4.58
N ASP B 180 -16.45 -42.60 -5.37
CA ASP B 180 -17.07 -41.39 -4.84
C ASP B 180 -18.02 -41.64 -3.74
N TYR B 181 -18.89 -42.63 -3.92
CA TYR B 181 -19.89 -42.93 -2.88
C TYR B 181 -19.27 -43.30 -1.53
N ARG B 182 -18.01 -43.76 -1.52
CA ARG B 182 -17.34 -44.12 -0.26
C ARG B 182 -16.57 -42.95 0.40
N ILE B 183 -16.34 -41.88 -0.31
CA ILE B 183 -15.62 -40.78 0.26
C ILE B 183 -16.40 -40.23 1.44
N GLY B 184 -15.77 -40.21 2.60
CA GLY B 184 -16.46 -39.76 3.77
C GLY B 184 -17.07 -40.89 4.53
N LYS B 185 -17.16 -42.06 3.91
CA LYS B 185 -17.75 -43.21 4.59
C LYS B 185 -16.81 -44.30 5.12
N VAL B 186 -15.53 -44.26 4.76
CA VAL B 186 -14.64 -45.27 5.28
C VAL B 186 -14.39 -45.01 6.77
N THR B 187 -14.50 -46.06 7.59
CA THR B 187 -14.42 -45.91 9.04
C THR B 187 -13.10 -46.30 9.66
N PRO B 188 -12.80 -45.74 10.82
CA PRO B 188 -11.62 -46.15 11.60
C PRO B 188 -11.57 -47.65 11.84
N VAL B 189 -12.70 -48.27 12.13
CA VAL B 189 -12.68 -49.71 12.30
C VAL B 189 -12.23 -50.47 11.01
N GLU B 190 -12.70 -49.99 9.83
CA GLU B 190 -12.29 -50.56 8.52
C GLU B 190 -10.75 -50.42 8.23
N LEU B 191 -10.17 -49.30 8.67
CA LEU B 191 -8.71 -49.11 8.54
C LEU B 191 -8.02 -50.09 9.48
N HIS B 192 -8.46 -50.16 10.74
CA HIS B 192 -7.91 -51.10 11.70
C HIS B 192 -7.98 -52.50 11.13
N ASP B 193 -9.16 -52.93 10.66
CA ASP B 193 -9.31 -54.26 10.11
C ASP B 193 -8.40 -54.50 8.92
N TYR B 194 -8.20 -53.50 8.07
CA TYR B 194 -7.38 -53.67 6.88
C TYR B 194 -5.94 -53.85 7.22
N VAL B 195 -5.49 -53.20 8.30
CA VAL B 195 -4.14 -53.32 8.74
C VAL B 195 -3.91 -54.62 9.41
N GLN B 196 -4.82 -55.00 10.29
CA GLN B 196 -4.63 -56.27 11.04
C GLN B 196 -4.66 -57.46 10.18
N ASN B 197 -5.45 -57.44 9.15
CA ASN B 197 -5.41 -58.59 8.35
C ASN B 197 -4.53 -58.64 7.12
N HIS B 198 -3.94 -57.50 6.74
CA HIS B 198 -3.01 -57.51 5.63
C HIS B 198 -1.58 -57.18 5.97
N PHE B 199 -1.37 -56.39 7.02
CA PHE B 199 -0.01 -55.98 7.38
C PHE B 199 0.60 -57.01 8.31
N THR B 200 0.77 -58.24 7.82
CA THR B 200 1.33 -59.31 8.64
C THR B 200 2.60 -59.85 8.09
N SER B 201 3.37 -60.50 8.95
CA SER B 201 4.68 -61.09 8.60
C SER B 201 4.78 -61.81 7.28
N ALA B 202 3.86 -62.75 7.05
CA ALA B 202 3.86 -63.57 5.81
C ALA B 202 3.49 -62.78 4.56
N ARG B 203 3.05 -61.54 4.74
CA ARG B 203 2.68 -60.72 3.61
C ARG B 203 3.59 -59.56 3.53
N MET B 204 4.73 -59.61 4.18
CA MET B 204 5.60 -58.45 4.24
C MET B 204 7.05 -58.66 3.84
N ALA B 205 7.72 -57.55 3.46
CA ALA B 205 9.13 -57.57 3.09
C ALA B 205 9.82 -56.25 3.54
N LEU B 206 10.92 -56.35 4.27
CA LEU B 206 11.64 -55.12 4.76
C LEU B 206 12.92 -54.99 3.97
N ILE B 207 12.97 -53.97 3.14
CA ILE B 207 14.11 -53.76 2.24
C ILE B 207 14.86 -52.57 2.68
N GLY B 208 16.18 -52.65 2.62
CA GLY B 208 17.02 -51.57 3.06
C GLY B 208 18.15 -51.24 2.14
N LEU B 209 18.49 -49.96 2.11
CA LEU B 209 19.53 -49.46 1.25
C LEU B 209 20.34 -48.51 2.03
N GLY B 210 21.60 -48.83 2.23
CA GLY B 210 22.45 -47.99 3.00
C GLY B 210 22.35 -48.36 4.45
N VAL B 211 21.81 -49.55 4.73
CA VAL B 211 21.77 -50.08 6.11
C VAL B 211 22.44 -51.40 6.09
N SER B 212 22.51 -52.05 7.25
CA SER B 212 23.19 -53.33 7.34
C SER B 212 22.21 -54.43 7.65
N HIS B 213 22.50 -55.62 7.14
CA HIS B 213 21.65 -56.75 7.34
C HIS B 213 21.27 -57.07 8.79
N PRO B 214 22.23 -57.11 9.73
CA PRO B 214 21.91 -57.38 11.14
C PRO B 214 20.89 -56.43 11.70
N VAL B 215 21.05 -55.14 11.41
CA VAL B 215 20.12 -54.15 11.88
C VAL B 215 18.69 -54.38 11.34
N LEU B 216 18.56 -54.60 10.02
CA LEU B 216 17.23 -54.84 9.45
C LEU B 216 16.64 -56.11 10.06
N LYS B 217 17.48 -57.16 10.13
CA LYS B 217 17.08 -58.48 10.71
C LYS B 217 16.69 -58.37 12.19
N GLN B 218 17.40 -57.53 12.93
CA GLN B 218 17.06 -57.28 14.33
C GLN B 218 15.67 -56.59 14.41
N VAL B 219 15.52 -55.55 13.59
CA VAL B 219 14.29 -54.79 13.56
C VAL B 219 13.09 -55.69 13.22
N ALA B 220 13.31 -56.58 12.26
CA ALA B 220 12.26 -57.47 11.80
C ALA B 220 11.87 -58.51 12.83
N GLU B 221 12.86 -58.98 13.58
CA GLU B 221 12.59 -59.96 14.59
C GLU B 221 11.94 -59.34 15.83
N GLN B 222 12.25 -58.07 16.10
CA GLN B 222 11.66 -57.38 17.24
C GLN B 222 10.30 -56.77 16.96
N PHE B 223 10.15 -56.18 15.79
CA PHE B 223 8.96 -55.45 15.50
C PHE B 223 8.04 -55.96 14.41
N LEU B 224 8.53 -56.76 13.50
CA LEU B 224 7.67 -57.22 12.43
C LEU B 224 7.11 -58.60 12.57
N ASN B 225 7.10 -59.14 13.80
CA ASN B 225 6.49 -60.44 14.03
C ASN B 225 5.02 -60.30 14.37
N ILE B 226 4.24 -60.10 13.34
CA ILE B 226 2.83 -59.90 13.45
C ILE B 226 2.26 -60.91 12.58
N ARG B 227 1.37 -61.73 13.08
CA ARG B 227 0.66 -62.58 12.17
C ARG B 227 -0.61 -63.07 12.71
N GLY B 228 -1.66 -62.92 11.91
CA GLY B 228 -2.99 -63.37 12.26
C GLY B 228 -3.96 -62.81 11.24
N GLY B 229 -3.48 -62.59 10.03
CA GLY B 229 -4.32 -62.03 9.00
C GLY B 229 -4.79 -63.06 8.01
N LEU B 230 -4.83 -62.70 6.73
CA LEU B 230 -5.21 -63.66 5.70
C LEU B 230 -3.91 -64.37 5.21
N GLY B 231 -3.99 -65.14 4.12
CA GLY B 231 -2.82 -65.89 3.69
C GLY B 231 -2.05 -65.58 2.39
N LEU B 232 -2.63 -65.95 1.25
CA LEU B 232 -1.92 -65.82 -0.04
C LEU B 232 -2.10 -64.53 -0.90
N SER B 233 -1.78 -64.67 -2.18
CA SER B 233 -1.92 -63.59 -3.14
C SER B 233 -3.30 -63.63 -3.82
N GLY B 234 -4.36 -63.51 -2.99
CA GLY B 234 -5.71 -63.39 -3.53
C GLY B 234 -6.96 -64.17 -3.14
N ALA B 235 -8.05 -63.78 -3.83
CA ALA B 235 -9.33 -64.45 -3.77
C ALA B 235 -9.32 -65.14 -5.12
N LYS B 236 -8.34 -64.69 -5.94
CA LYS B 236 -8.07 -65.11 -7.32
C LYS B 236 -8.84 -64.28 -8.33
N ALA B 237 -8.07 -63.54 -9.13
CA ALA B 237 -8.66 -62.68 -10.10
C ALA B 237 -9.28 -63.50 -11.19
N LYS B 238 -10.58 -63.38 -11.34
CA LYS B 238 -11.28 -64.09 -12.38
C LYS B 238 -11.43 -63.15 -13.56
N TYR B 239 -10.64 -63.38 -14.64
CA TYR B 239 -10.75 -62.55 -15.85
C TYR B 239 -12.05 -62.82 -16.50
N HIS B 240 -12.71 -61.77 -16.92
CA HIS B 240 -14.05 -61.85 -17.44
C HIS B 240 -14.15 -61.21 -18.83
N GLY B 241 -13.76 -59.95 -18.96
CA GLY B 241 -13.80 -59.30 -20.24
C GLY B 241 -15.02 -58.43 -20.32
N GLY B 242 -15.06 -57.58 -21.32
CA GLY B 242 -16.18 -56.68 -21.49
C GLY B 242 -15.63 -55.29 -21.76
N GLU B 243 -16.48 -54.29 -21.82
CA GLU B 243 -15.98 -52.97 -22.12
C GLU B 243 -16.66 -51.80 -21.37
N ILE B 244 -15.90 -50.78 -21.01
CA ILE B 244 -16.49 -49.62 -20.37
C ILE B 244 -16.25 -48.39 -21.22
N ARG B 245 -17.30 -47.64 -21.48
CA ARG B 245 -17.24 -46.48 -22.35
C ARG B 245 -17.66 -45.18 -21.68
N GLU B 246 -16.78 -44.19 -21.66
CA GLU B 246 -17.10 -42.93 -21.06
C GLU B 246 -17.12 -41.79 -22.04
N GLN B 247 -18.34 -41.36 -22.45
CA GLN B 247 -18.52 -40.15 -23.32
C GLN B 247 -18.00 -38.88 -22.61
N ASN B 248 -17.26 -38.07 -23.33
CA ASN B 248 -16.54 -36.98 -22.73
C ASN B 248 -16.41 -35.65 -23.51
N GLY B 249 -16.16 -35.72 -24.82
CA GLY B 249 -15.81 -34.51 -25.62
C GLY B 249 -14.46 -33.94 -25.08
N ASP B 250 -13.32 -34.49 -25.55
CA ASP B 250 -11.97 -34.03 -25.08
C ASP B 250 -11.09 -33.70 -26.26
N SER B 251 -11.70 -33.78 -27.45
CA SER B 251 -11.03 -33.61 -28.78
C SER B 251 -10.18 -34.83 -29.08
N LEU B 252 -9.66 -35.46 -28.00
CA LEU B 252 -8.83 -36.63 -28.11
C LEU B 252 -9.48 -37.85 -27.47
N VAL B 253 -9.55 -38.95 -28.19
CA VAL B 253 -10.10 -40.17 -27.66
C VAL B 253 -8.97 -41.04 -27.10
N HIS B 254 -9.15 -41.52 -25.88
CA HIS B 254 -8.20 -42.42 -25.29
C HIS B 254 -8.86 -43.79 -25.27
N ALA B 255 -8.16 -44.81 -25.74
CA ALA B 255 -8.74 -46.13 -25.73
C ALA B 255 -7.69 -47.16 -25.38
N ALA B 256 -8.08 -48.24 -24.70
CA ALA B 256 -7.13 -49.35 -24.39
C ALA B 256 -7.78 -50.69 -24.74
N LEU B 257 -7.08 -51.53 -25.50
CA LEU B 257 -7.61 -52.83 -25.95
C LEU B 257 -6.69 -53.84 -25.41
N VAL B 258 -7.23 -54.84 -24.71
CA VAL B 258 -6.42 -55.75 -23.99
C VAL B 258 -7.03 -57.15 -23.94
N ALA B 259 -6.20 -58.15 -23.61
CA ALA B 259 -6.68 -59.54 -23.43
C ALA B 259 -5.87 -60.13 -22.31
N GLU B 260 -6.34 -61.21 -21.73
CA GLU B 260 -5.61 -61.86 -20.65
C GLU B 260 -4.33 -62.42 -21.19
N SER B 261 -3.24 -62.20 -20.47
CA SER B 261 -1.93 -62.67 -20.88
C SER B 261 -1.37 -63.62 -19.85
N ALA B 262 -0.24 -63.29 -19.27
CA ALA B 262 0.37 -64.17 -18.28
C ALA B 262 0.77 -63.52 -16.94
N ALA B 263 0.69 -64.33 -15.89
CA ALA B 263 1.08 -63.92 -14.53
C ALA B 263 2.56 -63.66 -14.48
N ILE B 264 2.94 -62.69 -13.66
CA ILE B 264 4.32 -62.33 -13.49
C ILE B 264 5.16 -63.52 -12.92
N GLY B 265 6.43 -63.58 -13.29
CA GLY B 265 7.26 -64.69 -12.80
C GLY B 265 7.31 -65.86 -13.76
N SER B 266 6.20 -66.12 -14.46
CA SER B 266 6.14 -67.22 -15.44
C SER B 266 6.97 -66.89 -16.69
N ALA B 267 7.45 -67.92 -17.39
CA ALA B 267 8.24 -67.71 -18.62
C ALA B 267 7.43 -66.90 -19.70
N GLU B 268 6.15 -67.17 -19.80
CA GLU B 268 5.27 -66.51 -20.75
C GLU B 268 5.22 -64.98 -20.57
N ALA B 269 5.41 -64.53 -19.33
CA ALA B 269 5.40 -63.11 -19.04
C ALA B 269 6.49 -62.41 -19.77
N ASN B 270 7.67 -63.04 -19.82
CA ASN B 270 8.79 -62.45 -20.51
C ASN B 270 8.50 -62.37 -22.00
N ALA B 271 7.80 -63.37 -22.54
CA ALA B 271 7.43 -63.37 -23.96
C ALA B 271 6.55 -62.14 -24.26
N PHE B 272 5.66 -61.83 -23.31
CA PHE B 272 4.81 -60.70 -23.46
C PHE B 272 5.59 -59.39 -23.38
N SER B 273 6.62 -59.36 -22.52
CA SER B 273 7.45 -58.19 -22.38
C SER B 273 8.23 -57.95 -23.66
N VAL B 274 8.70 -59.02 -24.30
CA VAL B 274 9.43 -58.88 -25.54
C VAL B 274 8.47 -58.46 -26.66
N LEU B 275 7.24 -58.94 -26.60
CA LEU B 275 6.24 -58.57 -27.58
C LEU B 275 5.95 -57.10 -27.47
N GLN B 276 5.93 -56.62 -26.24
CA GLN B 276 5.69 -55.20 -25.96
C GLN B 276 6.72 -54.32 -26.64
N HIS B 277 7.96 -54.79 -26.70
CA HIS B 277 8.99 -54.01 -27.35
C HIS B 277 9.08 -54.19 -28.84
N VAL B 278 8.53 -55.29 -29.34
CA VAL B 278 8.51 -55.51 -30.76
C VAL B 278 7.50 -54.49 -31.30
N LEU B 279 6.36 -54.41 -30.63
CA LEU B 279 5.31 -53.51 -31.02
C LEU B 279 5.65 -52.07 -30.72
N GLY B 280 6.01 -51.75 -29.46
CA GLY B 280 6.38 -50.40 -29.12
C GLY B 280 5.88 -49.88 -27.80
N ALA B 281 6.79 -49.56 -26.91
CA ALA B 281 6.41 -48.96 -25.66
C ALA B 281 6.66 -47.49 -25.84
N GLY B 282 7.25 -46.85 -24.85
CA GLY B 282 7.53 -45.42 -24.97
C GLY B 282 8.57 -45.10 -26.03
N PRO B 283 8.86 -43.81 -26.20
CA PRO B 283 9.83 -43.32 -27.19
C PRO B 283 11.27 -43.35 -26.69
N HIS B 284 12.24 -43.30 -27.59
CA HIS B 284 13.64 -43.30 -27.18
C HIS B 284 14.30 -42.00 -27.62
N VAL B 285 13.66 -41.29 -28.54
CA VAL B 285 14.26 -40.07 -29.06
C VAL B 285 13.32 -38.89 -28.92
N LYS B 286 13.83 -37.77 -28.47
CA LYS B 286 13.00 -36.62 -28.31
C LYS B 286 12.51 -36.15 -29.63
N ARG B 287 11.19 -36.16 -29.79
CA ARG B 287 10.52 -35.73 -31.01
C ARG B 287 10.91 -36.58 -32.19
N GLY B 288 10.87 -37.89 -32.01
CA GLY B 288 11.27 -38.79 -33.09
C GLY B 288 10.12 -39.47 -33.80
N SER B 289 10.40 -39.96 -35.01
CA SER B 289 9.41 -40.68 -35.85
C SER B 289 9.05 -42.02 -35.25
N ASN B 290 9.94 -42.52 -34.40
CA ASN B 290 9.74 -43.81 -33.74
C ASN B 290 9.83 -44.91 -34.80
N ALA B 291 10.94 -44.92 -35.53
CA ALA B 291 11.15 -45.87 -36.60
C ALA B 291 11.01 -47.36 -36.22
N THR B 292 11.61 -47.77 -35.09
CA THR B 292 11.52 -49.17 -34.69
C THR B 292 10.20 -49.57 -34.02
N SER B 293 9.21 -48.69 -34.01
CA SER B 293 7.94 -49.03 -33.38
C SER B 293 6.91 -49.51 -34.36
N SER B 294 6.73 -50.82 -34.38
CA SER B 294 5.74 -51.52 -35.21
C SER B 294 4.34 -50.92 -35.18
N LEU B 295 3.83 -50.64 -34.00
CA LEU B 295 2.47 -50.12 -33.92
C LEU B 295 2.38 -48.74 -34.50
N TYR B 296 3.35 -47.91 -34.12
CA TYR B 296 3.36 -46.55 -34.55
C TYR B 296 3.41 -46.40 -36.06
N GLN B 297 4.34 -47.06 -36.70
CA GLN B 297 4.46 -46.99 -38.14
C GLN B 297 3.25 -47.55 -38.80
N ALA B 298 2.65 -48.56 -38.18
CA ALA B 298 1.48 -49.15 -38.78
C ALA B 298 0.26 -48.21 -38.77
N VAL B 299 0.10 -47.42 -37.70
CA VAL B 299 -1.01 -46.49 -37.62
C VAL B 299 -0.73 -45.28 -38.51
N ALA B 300 0.50 -44.76 -38.41
CA ALA B 300 0.93 -43.57 -39.16
C ALA B 300 0.68 -43.69 -40.66
N LYS B 301 1.06 -44.85 -41.20
CA LYS B 301 0.88 -45.16 -42.60
C LYS B 301 -0.49 -44.72 -43.14
N GLY B 302 -1.56 -45.06 -42.43
CA GLY B 302 -2.91 -44.68 -42.88
C GLY B 302 -3.65 -43.58 -42.08
N VAL B 303 -2.96 -42.94 -41.13
CA VAL B 303 -3.56 -41.87 -40.33
C VAL B 303 -2.66 -40.66 -40.35
N HIS B 304 -3.21 -39.53 -40.75
CA HIS B 304 -2.40 -38.33 -40.92
C HIS B 304 -2.66 -37.23 -39.92
N GLN B 305 -1.87 -37.22 -38.84
CA GLN B 305 -1.89 -36.15 -37.87
C GLN B 305 -1.97 -36.64 -36.44
N PRO B 306 -2.31 -35.75 -35.49
CA PRO B 306 -2.20 -36.07 -34.03
C PRO B 306 -2.65 -37.42 -33.61
N PHE B 307 -1.69 -38.20 -33.09
CA PHE B 307 -1.95 -39.53 -32.52
C PHE B 307 -0.78 -40.14 -31.76
N ASP B 308 -1.12 -41.05 -30.87
CA ASP B 308 -0.13 -41.84 -30.21
C ASP B 308 -0.58 -43.31 -30.03
N VAL B 309 0.38 -44.22 -29.98
CA VAL B 309 0.13 -45.64 -29.68
C VAL B 309 1.22 -46.26 -28.96
N SER B 310 0.87 -47.23 -28.15
CA SER B 310 1.85 -47.97 -27.44
C SER B 310 1.27 -49.26 -26.96
N ALA B 311 2.09 -50.29 -26.91
CA ALA B 311 1.67 -51.53 -26.36
C ALA B 311 1.51 -51.29 -24.85
N PHE B 312 0.64 -52.09 -24.22
CA PHE B 312 0.33 -52.02 -22.83
C PHE B 312 0.52 -53.40 -22.25
N ASN B 313 1.13 -53.48 -21.09
CA ASN B 313 1.42 -54.73 -20.54
C ASN B 313 1.41 -54.66 -19.05
N ALA B 314 0.45 -55.32 -18.45
CA ALA B 314 0.34 -55.31 -17.02
C ALA B 314 0.44 -56.71 -16.55
N SER B 315 1.25 -56.96 -15.57
CA SER B 315 1.39 -58.33 -15.12
C SER B 315 1.20 -58.42 -13.63
N TYR B 316 0.36 -59.34 -13.20
CA TYR B 316 0.07 -59.48 -11.81
C TYR B 316 0.42 -60.87 -11.27
N SER B 317 0.12 -61.09 -10.01
CA SER B 317 0.48 -62.33 -9.38
C SER B 317 -0.22 -63.54 -9.96
N ASP B 318 -1.46 -63.38 -10.41
CA ASP B 318 -2.25 -64.51 -10.92
C ASP B 318 -2.94 -64.20 -12.25
N SER B 319 -2.51 -63.14 -12.93
CA SER B 319 -3.13 -62.77 -14.19
C SER B 319 -2.28 -61.77 -14.89
N GLY B 320 -2.73 -61.31 -16.03
CA GLY B 320 -2.00 -60.32 -16.77
C GLY B 320 -2.91 -59.72 -17.81
N LEU B 321 -2.63 -58.47 -18.17
CA LEU B 321 -3.39 -57.80 -19.24
C LEU B 321 -2.40 -57.28 -20.22
N PHE B 322 -2.46 -57.75 -21.46
CA PHE B 322 -1.60 -57.23 -22.52
C PHE B 322 -2.42 -56.75 -23.73
N GLY B 323 -1.90 -55.72 -24.41
CA GLY B 323 -2.52 -55.14 -25.62
C GLY B 323 -1.94 -53.79 -26.00
N PHE B 324 -2.77 -52.86 -26.44
CA PHE B 324 -2.27 -51.56 -26.76
C PHE B 324 -3.18 -50.46 -26.27
N TYR B 325 -2.66 -49.23 -26.28
CA TYR B 325 -3.35 -48.03 -25.83
C TYR B 325 -3.19 -46.97 -26.98
N THR B 326 -4.27 -46.27 -27.35
CA THR B 326 -4.21 -45.28 -28.43
C THR B 326 -4.76 -43.96 -28.00
N ILE B 327 -4.18 -42.89 -28.52
CA ILE B 327 -4.71 -41.56 -28.30
C ILE B 327 -4.90 -40.97 -29.66
N SER B 328 -6.08 -40.47 -29.96
CA SER B 328 -6.28 -39.88 -31.30
C SER B 328 -7.47 -38.97 -31.35
N GLN B 329 -7.52 -38.13 -32.38
CA GLN B 329 -8.70 -37.31 -32.62
C GLN B 329 -9.98 -38.20 -32.66
N ALA B 330 -11.09 -37.66 -32.13
CA ALA B 330 -12.38 -38.38 -32.07
C ALA B 330 -12.78 -39.22 -33.34
N ALA B 331 -12.57 -38.65 -34.52
CA ALA B 331 -12.96 -39.30 -35.81
C ALA B 331 -11.97 -40.35 -36.34
N SER B 332 -10.72 -40.28 -35.94
CA SER B 332 -9.71 -41.24 -36.36
C SER B 332 -9.61 -42.45 -35.40
N ALA B 333 -10.36 -42.43 -34.30
CA ALA B 333 -10.27 -43.52 -33.29
C ALA B 333 -10.41 -44.89 -33.89
N GLY B 334 -11.43 -45.06 -34.72
CA GLY B 334 -11.68 -46.34 -35.35
C GLY B 334 -10.51 -46.78 -36.20
N ASP B 335 -10.00 -45.89 -37.03
CA ASP B 335 -8.90 -46.17 -37.89
C ASP B 335 -7.65 -46.48 -37.09
N VAL B 336 -7.32 -45.64 -36.12
CA VAL B 336 -6.14 -45.90 -35.30
C VAL B 336 -6.21 -47.29 -34.62
N ILE B 337 -7.32 -47.57 -33.95
CA ILE B 337 -7.52 -48.83 -33.29
C ILE B 337 -7.43 -49.98 -34.27
N LYS B 338 -8.18 -49.92 -35.34
CA LYS B 338 -8.12 -50.99 -36.35
C LYS B 338 -6.73 -51.25 -36.96
N ALA B 339 -5.97 -50.18 -37.24
CA ALA B 339 -4.63 -50.32 -37.79
C ALA B 339 -3.75 -51.01 -36.77
N ALA B 340 -3.88 -50.59 -35.51
CA ALA B 340 -3.09 -51.15 -34.43
C ALA B 340 -3.37 -52.62 -34.24
N TYR B 341 -4.65 -52.95 -34.15
CA TYR B 341 -5.08 -54.33 -33.96
C TYR B 341 -4.55 -55.17 -35.10
N ASN B 342 -4.67 -54.67 -36.34
CA ASN B 342 -4.17 -55.44 -37.47
C ASN B 342 -2.67 -55.65 -37.41
N GLN B 343 -1.94 -54.71 -36.83
CA GLN B 343 -0.52 -54.87 -36.75
C GLN B 343 -0.13 -56.05 -35.85
N VAL B 344 -0.84 -56.20 -34.74
CA VAL B 344 -0.60 -57.31 -33.85
C VAL B 344 -0.91 -58.59 -34.59
N LYS B 345 -2.06 -58.61 -35.29
CA LYS B 345 -2.49 -59.77 -36.09
C LYS B 345 -1.37 -60.25 -37.00
N THR B 346 -0.67 -59.29 -37.60
CA THR B 346 0.44 -59.56 -38.51
C THR B 346 1.56 -60.36 -37.85
N ILE B 347 1.86 -60.06 -36.59
CA ILE B 347 2.88 -60.80 -35.84
C ILE B 347 2.32 -62.15 -35.41
N ALA B 348 1.02 -62.21 -35.19
CA ALA B 348 0.39 -63.45 -34.80
C ALA B 348 0.35 -64.44 -35.98
N GLN B 349 0.39 -63.92 -37.20
CA GLN B 349 0.39 -64.75 -38.38
C GLN B 349 1.81 -65.14 -38.81
N GLY B 350 2.82 -64.73 -38.03
CA GLY B 350 4.19 -65.14 -38.32
C GLY B 350 5.14 -64.07 -38.88
N ASN B 351 4.61 -62.90 -39.21
CA ASN B 351 5.45 -61.89 -39.81
C ASN B 351 6.27 -61.08 -38.83
N LEU B 352 7.21 -61.78 -38.21
CA LEU B 352 8.06 -61.21 -37.23
C LEU B 352 9.48 -61.63 -37.61
N SER B 353 10.41 -60.68 -37.59
CA SER B 353 11.81 -60.91 -37.99
C SER B 353 12.60 -61.72 -36.95
N ASN B 354 13.89 -61.53 -36.95
CA ASN B 354 14.73 -62.11 -35.94
C ASN B 354 15.47 -60.95 -35.33
N PRO B 355 16.05 -60.07 -36.19
CA PRO B 355 16.60 -58.81 -35.69
C PRO B 355 15.53 -57.95 -35.01
N ASP B 356 14.24 -58.20 -35.29
CA ASP B 356 13.16 -57.44 -34.61
C ASP B 356 13.06 -57.85 -33.17
N VAL B 357 13.00 -59.15 -32.94
CA VAL B 357 12.96 -59.69 -31.61
C VAL B 357 14.25 -59.32 -30.89
N GLN B 358 15.35 -59.32 -31.63
CA GLN B 358 16.67 -58.94 -31.11
C GLN B 358 16.67 -57.48 -30.66
N ALA B 359 16.09 -56.62 -31.48
CA ALA B 359 16.00 -55.21 -31.14
C ALA B 359 15.09 -55.06 -29.94
N ALA B 360 14.00 -55.81 -29.91
CA ALA B 360 13.07 -55.72 -28.79
C ALA B 360 13.79 -56.17 -27.51
N LYS B 361 14.51 -57.30 -27.59
CA LYS B 361 15.28 -57.79 -26.46
C LYS B 361 16.22 -56.71 -25.95
N ASN B 362 16.87 -56.01 -26.87
CA ASN B 362 17.80 -54.97 -26.45
C ASN B 362 17.11 -53.79 -25.84
N LYS B 363 15.89 -53.49 -26.30
CA LYS B 363 15.18 -52.38 -25.75
C LYS B 363 14.72 -52.73 -24.34
N LEU B 364 14.22 -53.95 -24.19
CA LEU B 364 13.78 -54.46 -22.87
C LEU B 364 14.90 -54.58 -21.83
N LYS B 365 16.04 -55.08 -22.26
CA LYS B 365 17.16 -55.24 -21.34
C LYS B 365 17.76 -53.91 -20.97
N ALA B 366 18.00 -53.05 -21.96
CA ALA B 366 18.59 -51.77 -21.65
C ALA B 366 17.71 -51.02 -20.65
N GLY B 367 16.40 -51.09 -20.86
CA GLY B 367 15.43 -50.41 -20.01
C GLY B 367 15.31 -50.93 -18.57
N TYR B 368 15.41 -52.25 -18.40
CA TYR B 368 15.35 -52.82 -17.10
C TYR B 368 16.58 -52.40 -16.32
N LEU B 369 17.73 -52.50 -16.95
CA LEU B 369 18.94 -52.10 -16.30
C LEU B 369 18.84 -50.64 -15.96
N MET B 370 18.23 -49.87 -16.83
CA MET B 370 18.05 -48.45 -16.57
C MET B 370 17.08 -48.20 -15.40
N SER B 371 16.09 -49.08 -15.27
CA SER B 371 15.10 -49.00 -14.23
C SER B 371 15.69 -49.16 -12.80
N VAL B 372 16.79 -49.88 -12.66
CA VAL B 372 17.35 -50.06 -11.34
C VAL B 372 18.67 -49.32 -11.12
N GLU B 373 18.86 -48.26 -11.89
CA GLU B 373 20.06 -47.43 -11.86
C GLU B 373 20.15 -46.65 -10.58
N SER B 374 19.00 -46.20 -10.11
CA SER B 374 18.92 -45.39 -8.94
C SER B 374 18.40 -46.16 -7.76
N SER B 375 18.53 -45.55 -6.58
CA SER B 375 18.04 -46.10 -5.32
C SER B 375 16.53 -46.37 -5.36
N GLU B 376 15.78 -45.40 -5.82
CA GLU B 376 14.34 -45.52 -5.88
C GLU B 376 13.90 -46.69 -6.77
N GLY B 377 14.53 -46.84 -7.91
CA GLY B 377 14.15 -47.89 -8.83
C GLY B 377 14.61 -49.26 -8.38
N PHE B 378 15.81 -49.29 -7.79
CA PHE B 378 16.35 -50.50 -7.30
C PHE B 378 15.52 -51.02 -6.15
N LEU B 379 15.27 -50.17 -5.17
CA LEU B 379 14.53 -50.57 -3.98
C LEU B 379 13.14 -51.07 -4.30
N ASP B 380 12.50 -50.46 -5.26
CA ASP B 380 11.18 -50.88 -5.61
C ASP B 380 11.21 -52.27 -6.29
N GLU B 381 12.25 -52.54 -7.07
CA GLU B 381 12.37 -53.78 -7.76
C GLU B 381 12.68 -54.89 -6.77
N VAL B 382 13.53 -54.61 -5.79
CA VAL B 382 13.84 -55.59 -4.79
C VAL B 382 12.61 -55.88 -3.94
N GLY B 383 11.92 -54.84 -3.51
CA GLY B 383 10.71 -55.02 -2.71
C GLY B 383 9.62 -55.82 -3.44
N SER B 384 9.37 -55.50 -4.69
CA SER B 384 8.32 -56.19 -5.45
C SER B 384 8.65 -57.63 -5.72
N GLN B 385 9.95 -57.89 -5.91
CA GLN B 385 10.44 -59.22 -6.17
C GLN B 385 10.28 -60.04 -4.94
N ALA B 386 10.55 -59.44 -3.79
CA ALA B 386 10.46 -60.15 -2.55
C ALA B 386 9.04 -60.64 -2.32
N LEU B 387 8.08 -59.79 -2.67
CA LEU B 387 6.67 -60.10 -2.53
C LEU B 387 6.16 -61.12 -3.51
N ALA B 388 6.40 -60.86 -4.79
CA ALA B 388 5.96 -61.75 -5.86
C ALA B 388 6.65 -63.13 -5.84
N ALA B 389 7.99 -63.13 -5.74
CA ALA B 389 8.80 -64.36 -5.84
C ALA B 389 9.38 -64.90 -4.56
N GLY B 390 9.62 -64.03 -3.58
CA GLY B 390 10.26 -64.46 -2.34
C GLY B 390 11.73 -64.66 -2.56
N SER B 391 12.23 -64.04 -3.62
CA SER B 391 13.63 -64.17 -4.02
C SER B 391 14.18 -62.88 -4.50
N TYR B 392 15.47 -62.89 -4.78
CA TYR B 392 16.11 -61.78 -5.42
C TYR B 392 16.85 -62.30 -6.64
N THR B 393 16.43 -61.86 -7.80
CA THR B 393 17.03 -62.32 -9.02
C THR B 393 17.94 -61.25 -9.56
N PRO B 394 19.23 -61.54 -9.63
CA PRO B 394 20.24 -60.58 -10.11
C PRO B 394 19.99 -60.16 -11.55
N PRO B 395 20.41 -58.95 -11.93
CA PRO B 395 20.26 -58.45 -13.31
C PRO B 395 20.77 -59.45 -14.38
N SER B 396 21.81 -60.22 -14.06
CA SER B 396 22.42 -61.18 -15.03
C SER B 396 21.44 -62.24 -15.42
N THR B 397 20.70 -62.72 -14.44
CA THR B 397 19.79 -63.78 -14.73
C THR B 397 18.51 -63.34 -15.32
N VAL B 398 18.16 -62.08 -15.06
CA VAL B 398 17.00 -61.51 -15.69
C VAL B 398 17.34 -61.36 -17.17
N LEU B 399 18.58 -60.91 -17.46
CA LEU B 399 19.01 -60.75 -18.83
C LEU B 399 19.04 -62.11 -19.50
N GLN B 400 19.40 -63.14 -18.72
CA GLN B 400 19.41 -64.49 -19.21
C GLN B 400 18.01 -64.97 -19.55
N GLN B 401 17.05 -64.65 -18.67
CA GLN B 401 15.64 -65.06 -18.85
C GLN B 401 15.00 -64.45 -20.08
N ILE B 402 15.45 -63.24 -20.40
CA ILE B 402 14.95 -62.52 -21.53
C ILE B 402 15.47 -63.17 -22.76
N ASP B 403 16.74 -63.55 -22.73
CA ASP B 403 17.35 -64.18 -23.85
C ASP B 403 16.71 -65.53 -24.21
N ALA B 404 16.19 -66.25 -23.21
CA ALA B 404 15.57 -67.58 -23.44
C ALA B 404 14.27 -67.46 -24.23
N VAL B 405 13.67 -66.29 -24.20
CA VAL B 405 12.50 -66.04 -24.99
C VAL B 405 12.83 -66.21 -26.52
N ALA B 406 12.17 -67.16 -27.18
CA ALA B 406 12.39 -67.37 -28.59
C ALA B 406 11.37 -66.57 -29.40
N ASP B 407 11.64 -66.43 -30.70
CA ASP B 407 10.74 -65.78 -31.64
C ASP B 407 9.35 -66.40 -31.59
N ALA B 408 9.30 -67.72 -31.53
CA ALA B 408 8.04 -68.42 -31.46
C ALA B 408 7.27 -68.12 -30.16
N ASP B 409 7.98 -67.76 -29.09
CA ASP B 409 7.28 -67.43 -27.87
C ASP B 409 6.53 -66.10 -28.06
N VAL B 410 7.20 -65.15 -28.70
CA VAL B 410 6.64 -63.85 -29.01
C VAL B 410 5.45 -64.03 -29.94
N ILE B 411 5.66 -64.80 -31.03
CA ILE B 411 4.57 -65.08 -31.96
C ILE B 411 3.38 -65.67 -31.19
N ASN B 412 3.64 -66.66 -30.33
CA ASN B 412 2.58 -67.29 -29.54
C ASN B 412 1.80 -66.30 -28.59
N ALA B 413 2.51 -65.35 -27.98
CA ALA B 413 1.88 -64.36 -27.13
C ALA B 413 0.93 -63.47 -27.97
N ALA B 414 1.40 -63.07 -29.15
CA ALA B 414 0.60 -62.27 -30.06
C ALA B 414 -0.65 -63.04 -30.45
N LYS B 415 -0.46 -64.31 -30.73
CA LYS B 415 -1.56 -65.17 -31.09
C LYS B 415 -2.56 -65.31 -29.94
N LYS B 416 -2.06 -65.23 -28.71
CA LYS B 416 -2.93 -65.31 -27.54
C LYS B 416 -3.74 -64.04 -27.41
N PHE B 417 -3.14 -62.91 -27.75
CA PHE B 417 -3.87 -61.70 -27.67
C PHE B 417 -5.00 -61.69 -28.71
N VAL B 418 -4.65 -62.04 -29.93
CA VAL B 418 -5.61 -62.01 -31.01
C VAL B 418 -6.87 -62.85 -30.80
N SER B 419 -6.75 -63.98 -30.17
CA SER B 419 -7.91 -64.85 -30.03
C SER B 419 -8.53 -64.89 -28.65
N GLY B 420 -8.00 -64.11 -27.69
CA GLY B 420 -8.54 -64.13 -26.36
C GLY B 420 -9.69 -63.18 -26.25
N ARG B 421 -10.61 -63.43 -25.28
CA ARG B 421 -11.75 -62.57 -25.08
C ARG B 421 -11.17 -61.22 -24.66
N LYS B 422 -11.65 -60.15 -25.26
CA LYS B 422 -11.10 -58.85 -25.02
C LYS B 422 -11.69 -58.03 -23.93
N SER B 423 -10.95 -57.00 -23.53
CA SER B 423 -11.41 -56.05 -22.56
C SER B 423 -11.05 -54.70 -23.07
N MET B 424 -11.95 -53.74 -22.97
CA MET B 424 -11.63 -52.44 -23.46
C MET B 424 -12.25 -51.29 -22.71
N ALA B 425 -11.48 -50.20 -22.55
CA ALA B 425 -11.96 -48.97 -21.93
C ALA B 425 -11.61 -47.80 -22.86
N ALA B 426 -12.49 -46.79 -22.92
CA ALA B 426 -12.27 -45.66 -23.81
C ALA B 426 -12.94 -44.39 -23.31
N SER B 427 -12.29 -43.25 -23.47
CA SER B 427 -12.90 -42.00 -23.05
C SER B 427 -12.70 -40.95 -24.09
N GLY B 428 -13.64 -40.03 -24.21
CA GLY B 428 -13.59 -38.96 -25.22
C GLY B 428 -14.93 -38.89 -25.91
N ASN B 429 -14.96 -38.25 -27.09
CA ASN B 429 -16.18 -38.25 -27.90
C ASN B 429 -16.08 -39.55 -28.67
N LEU B 430 -16.85 -40.55 -28.25
CA LEU B 430 -16.77 -41.90 -28.76
C LEU B 430 -17.55 -42.25 -30.00
N GLY B 431 -18.07 -41.23 -30.69
CA GLY B 431 -18.87 -41.42 -31.89
C GLY B 431 -18.28 -42.25 -33.00
N HIS B 432 -16.99 -42.42 -33.03
CA HIS B 432 -16.37 -43.24 -34.07
C HIS B 432 -15.44 -44.26 -33.44
N THR B 433 -15.65 -44.55 -32.18
CA THR B 433 -14.84 -45.52 -31.49
C THR B 433 -15.57 -46.87 -31.54
N PRO B 434 -14.95 -47.90 -32.13
CA PRO B 434 -15.55 -49.21 -32.25
C PRO B 434 -15.76 -49.96 -30.91
N PHE B 435 -16.75 -50.88 -30.89
CA PHE B 435 -17.20 -51.66 -29.72
C PHE B 435 -16.63 -53.05 -29.42
N ILE B 436 -15.54 -53.48 -30.03
CA ILE B 436 -15.03 -54.92 -29.77
C ILE B 436 -15.73 -55.77 -30.76
N ASP B 437 -17.06 -55.83 -30.65
CA ASP B 437 -17.93 -56.44 -31.67
C ASP B 437 -17.36 -56.14 -33.05
N GLU B 438 -17.03 -54.87 -33.24
CA GLU B 438 -16.61 -54.34 -34.51
C GLU B 438 -15.12 -54.33 -34.79
N LEU B 439 -14.33 -55.05 -34.02
CA LEU B 439 -12.90 -55.01 -34.25
C LEU B 439 -12.34 -56.00 -35.25
N THR C 2 -4.16 -15.39 8.03
CA THR C 2 -4.83 -14.06 8.18
C THR C 2 -3.86 -13.01 8.69
N ASN C 3 -4.27 -11.75 8.51
CA ASN C 3 -3.50 -10.56 8.89
C ASN C 3 -3.90 -10.14 10.30
N ILE C 4 -3.80 -8.85 10.60
CA ILE C 4 -4.23 -8.33 11.89
C ILE C 4 -5.19 -7.19 11.56
N ARG C 5 -4.82 -6.44 10.52
CA ARG C 5 -5.59 -5.33 10.00
C ARG C 5 -6.92 -5.78 9.52
N LYS C 6 -6.91 -6.86 8.76
CA LYS C 6 -8.10 -7.37 8.16
C LYS C 6 -9.10 -8.00 9.12
N SER C 7 -8.60 -8.62 10.20
CA SER C 7 -9.48 -9.38 11.10
C SER C 7 -9.98 -8.69 12.38
N HIS C 8 -9.14 -7.86 13.00
CA HIS C 8 -9.49 -7.14 14.24
C HIS C 8 -10.72 -6.23 14.05
N PRO C 9 -11.72 -6.40 14.92
CA PRO C 9 -12.97 -5.65 14.86
C PRO C 9 -12.79 -4.17 14.68
N LEU C 10 -11.87 -3.58 15.42
CA LEU C 10 -11.59 -2.15 15.31
C LEU C 10 -10.80 -1.78 14.06
N MET C 11 -9.71 -2.51 13.79
CA MET C 11 -8.85 -2.19 12.65
C MET C 11 -9.53 -2.40 11.33
N LYS C 12 -10.44 -3.40 11.25
CA LYS C 12 -11.27 -3.68 10.06
C LYS C 12 -11.82 -2.40 9.53
N ILE C 13 -12.53 -1.69 10.40
CA ILE C 13 -13.16 -0.42 10.05
C ILE C 13 -12.16 0.51 9.42
N VAL C 14 -10.98 0.65 10.03
CA VAL C 14 -9.93 1.50 9.49
C VAL C 14 -9.47 1.02 8.09
N ASN C 15 -9.22 -0.28 8.02
CA ASN C 15 -8.74 -0.93 6.83
C ASN C 15 -9.72 -0.73 5.69
N ASN C 16 -11.01 -0.94 5.99
CA ASN C 16 -12.05 -0.82 4.99
C ASN C 16 -12.37 0.61 4.60
N ALA C 17 -11.79 1.56 5.31
CA ALA C 17 -12.08 2.94 5.01
C ALA C 17 -10.88 3.75 4.54
N PHE C 18 -9.67 3.37 4.91
CA PHE C 18 -8.48 4.16 4.53
C PHE C 18 -7.28 3.38 4.02
N ILE C 19 -7.34 2.04 4.07
CA ILE C 19 -6.19 1.24 3.64
C ILE C 19 -6.42 0.44 2.34
N ASP C 20 -7.36 -0.49 2.39
CA ASP C 20 -7.59 -1.37 1.28
C ASP C 20 -8.78 -1.01 0.48
N LEU C 21 -9.37 0.10 0.83
CA LEU C 21 -10.53 0.59 0.14
C LEU C 21 -10.20 0.77 -1.33
N PRO C 22 -10.95 0.08 -2.19
CA PRO C 22 -10.77 0.21 -3.66
C PRO C 22 -11.25 1.58 -4.05
N ALA C 23 -10.34 2.39 -4.59
CA ALA C 23 -10.62 3.74 -5.01
C ALA C 23 -10.35 3.86 -6.52
N PRO C 24 -11.04 4.80 -7.20
CA PRO C 24 -10.84 4.95 -8.64
C PRO C 24 -9.50 5.53 -8.84
N SER C 25 -8.81 5.12 -9.88
CA SER C 25 -7.46 5.59 -10.12
C SER C 25 -7.35 6.98 -10.66
N ASN C 26 -8.49 7.59 -11.00
CA ASN C 26 -8.45 8.88 -11.69
C ASN C 26 -9.11 10.05 -10.99
N ILE C 27 -9.44 9.93 -9.71
CA ILE C 27 -10.03 11.06 -9.01
C ILE C 27 -8.98 12.13 -8.88
N SER C 28 -9.41 13.38 -9.03
CA SER C 28 -8.51 14.51 -8.98
C SER C 28 -8.72 15.37 -7.71
N SER C 29 -7.91 16.44 -7.57
CA SER C 29 -8.12 17.44 -6.51
C SER C 29 -9.53 17.82 -6.86
N TRP C 30 -10.38 17.90 -5.87
CA TRP C 30 -11.85 18.16 -6.02
C TRP C 30 -12.38 16.99 -5.27
N TRP C 31 -11.60 15.94 -5.22
CA TRP C 31 -11.96 14.84 -4.42
C TRP C 31 -11.28 15.01 -3.07
N ASN C 32 -10.37 15.99 -2.97
CA ASN C 32 -9.66 16.20 -1.71
C ASN C 32 -10.47 16.89 -0.65
N PHE C 33 -11.49 17.63 -1.07
CA PHE C 33 -12.29 18.42 -0.13
C PHE C 33 -13.07 17.59 0.92
N GLY C 34 -13.22 16.30 0.68
CA GLY C 34 -13.85 15.47 1.66
C GLY C 34 -12.97 15.26 2.88
N SER C 35 -11.68 14.98 2.64
CA SER C 35 -10.73 14.81 3.73
C SER C 35 -10.43 16.20 4.36
N LEU C 36 -10.37 17.23 3.51
CA LEU C 36 -10.14 18.58 3.98
C LEU C 36 -11.28 19.06 4.88
N LEU C 37 -12.52 18.67 4.57
CA LEU C 37 -13.63 19.01 5.47
C LEU C 37 -13.39 18.22 6.80
N GLY C 38 -12.93 16.96 6.67
CA GLY C 38 -12.60 16.14 7.80
C GLY C 38 -11.62 16.86 8.71
N ILE C 39 -10.50 17.35 8.15
CA ILE C 39 -9.49 18.13 8.88
C ILE C 39 -10.10 19.43 9.48
N CYS C 40 -10.89 20.15 8.69
CA CYS C 40 -11.51 21.39 9.15
C CYS C 40 -12.43 21.11 10.31
N LEU C 41 -13.09 19.95 10.30
CA LEU C 41 -13.98 19.61 11.38
C LEU C 41 -13.21 19.39 12.62
N ILE C 42 -12.08 18.68 12.51
CA ILE C 42 -11.30 18.47 13.73
C ILE C 42 -10.59 19.71 14.23
N LEU C 43 -10.09 20.52 13.28
CA LEU C 43 -9.42 21.77 13.59
C LEU C 43 -10.36 22.70 14.33
N GLN C 44 -11.63 22.76 13.86
CA GLN C 44 -12.68 23.56 14.53
C GLN C 44 -13.00 23.08 15.92
N ILE C 45 -12.93 21.77 16.14
CA ILE C 45 -13.22 21.18 17.44
C ILE C 45 -12.09 21.42 18.44
N LEU C 46 -10.86 21.20 17.99
CA LEU C 46 -9.68 21.36 18.83
C LEU C 46 -9.44 22.83 19.28
N THR C 47 -9.34 23.77 18.34
CA THR C 47 -9.21 25.18 18.70
C THR C 47 -10.47 25.63 19.40
N GLY C 48 -11.60 25.08 19.01
CA GLY C 48 -12.86 25.38 19.68
C GLY C 48 -12.86 24.99 21.17
N LEU C 49 -12.26 23.85 21.51
CA LEU C 49 -12.20 23.40 22.91
C LEU C 49 -11.28 24.29 23.75
N PHE C 50 -10.10 24.61 23.21
CA PHE C 50 -9.16 25.44 23.94
C PHE C 50 -9.72 26.86 24.20
N LEU C 51 -10.53 27.37 23.27
CA LEU C 51 -11.18 28.64 23.49
C LEU C 51 -12.20 28.51 24.61
N ALA C 52 -12.91 27.38 24.66
CA ALA C 52 -13.92 27.16 25.70
C ALA C 52 -13.34 27.07 27.11
N MET C 53 -12.02 26.87 27.19
CA MET C 53 -11.33 26.81 28.49
C MET C 53 -11.11 28.21 29.11
N HIS C 54 -11.45 29.27 28.38
CA HIS C 54 -11.28 30.63 28.88
C HIS C 54 -12.46 31.51 28.56
N TYR C 55 -13.24 31.11 27.56
CA TYR C 55 -14.39 31.90 27.15
C TYR C 55 -15.50 31.91 28.22
N THR C 56 -16.19 33.04 28.36
CA THR C 56 -17.32 33.10 29.26
C THR C 56 -18.57 33.35 28.45
N SER C 57 -19.61 32.61 28.74
CA SER C 57 -20.87 32.76 28.04
C SER C 57 -21.80 33.88 28.60
N ASP C 58 -21.27 34.76 29.45
CA ASP C 58 -22.10 35.84 30.03
C ASP C 58 -21.86 37.22 29.37
N THR C 59 -22.96 37.89 29.02
CA THR C 59 -22.90 39.22 28.34
C THR C 59 -21.99 40.22 29.04
N THR C 60 -21.87 40.09 30.34
CA THR C 60 -21.02 40.92 31.16
C THR C 60 -19.52 40.76 30.83
N THR C 61 -19.12 39.54 30.49
CA THR C 61 -17.73 39.23 30.28
C THR C 61 -17.43 38.53 28.97
N ALA C 62 -18.45 38.32 28.15
CA ALA C 62 -18.25 37.64 26.89
C ALA C 62 -17.12 38.24 26.03
N PHE C 63 -17.28 39.51 25.65
CA PHE C 63 -16.30 40.23 24.83
C PHE C 63 -14.95 40.26 25.53
N SER C 64 -14.99 40.59 26.82
CA SER C 64 -13.79 40.70 27.63
C SER C 64 -12.99 39.40 27.68
N SER C 65 -13.70 38.28 27.80
CA SER C 65 -13.06 36.97 27.82
C SER C 65 -12.42 36.69 26.46
N VAL C 66 -13.09 37.09 25.38
CA VAL C 66 -12.51 36.95 24.05
C VAL C 66 -11.20 37.82 23.97
N THR C 67 -11.25 39.02 24.55
CA THR C 67 -10.09 39.91 24.59
C THR C 67 -9.02 39.33 25.51
N HIS C 68 -9.46 38.82 26.66
CA HIS C 68 -8.57 38.17 27.63
C HIS C 68 -7.71 37.10 26.93
N ILE C 69 -8.34 36.36 26.01
CA ILE C 69 -7.69 35.31 25.25
C ILE C 69 -6.56 35.81 24.34
N CYS C 70 -6.82 36.89 23.62
CA CYS C 70 -5.83 37.40 22.67
C CYS C 70 -4.63 38.15 23.25
N ARG C 71 -4.74 38.66 24.47
CA ARG C 71 -3.65 39.43 25.07
C ARG C 71 -2.93 38.67 26.15
N ASP C 72 -3.73 38.06 27.01
CA ASP C 72 -3.22 37.37 28.18
C ASP C 72 -2.92 35.88 28.04
N VAL C 73 -3.87 35.12 27.47
CA VAL C 73 -3.71 33.65 27.30
C VAL C 73 -2.57 33.37 26.35
N ASN C 74 -1.61 32.55 26.79
CA ASN C 74 -0.44 32.22 25.98
C ASN C 74 -0.88 31.64 24.68
N TYR C 75 -0.49 32.31 23.59
CA TYR C 75 -0.82 31.84 22.26
C TYR C 75 -2.32 31.77 22.05
N GLY C 76 -3.06 32.52 22.86
CA GLY C 76 -4.49 32.52 22.76
C GLY C 76 -4.95 33.12 21.46
N TRP C 77 -4.19 34.08 20.95
CA TRP C 77 -4.54 34.75 19.72
C TRP C 77 -4.60 33.86 18.48
N ILE C 78 -3.58 32.99 18.27
CA ILE C 78 -3.58 32.11 17.07
C ILE C 78 -4.76 31.19 17.14
N ILE C 79 -4.91 30.55 18.30
CA ILE C 79 -6.03 29.65 18.55
C ILE C 79 -7.33 30.34 18.15
N ARG C 80 -7.55 31.57 18.67
CA ARG C 80 -8.73 32.36 18.31
C ARG C 80 -8.85 32.60 16.78
N TYR C 81 -7.75 32.97 16.12
CA TYR C 81 -7.79 33.25 14.66
C TYR C 81 -7.86 32.01 13.82
N MET C 82 -7.31 30.92 14.34
CA MET C 82 -7.37 29.67 13.63
C MET C 82 -8.82 29.23 13.64
N HIS C 83 -9.49 29.49 14.75
CA HIS C 83 -10.86 29.17 14.88
C HIS C 83 -11.68 29.94 13.89
N ALA C 84 -11.58 31.28 13.99
CA ALA C 84 -12.27 32.21 13.11
C ALA C 84 -12.01 31.91 11.63
N ASN C 85 -10.74 31.85 11.25
CA ASN C 85 -10.41 31.58 9.84
C ASN C 85 -10.71 30.16 9.37
N GLY C 86 -10.69 29.21 10.32
CA GLY C 86 -10.99 27.83 10.01
C GLY C 86 -12.43 27.70 9.63
N ALA C 87 -13.28 28.51 10.27
CA ALA C 87 -14.69 28.52 9.95
C ALA C 87 -14.88 28.93 8.47
N SER C 88 -14.05 29.84 7.98
CA SER C 88 -14.13 30.28 6.59
C SER C 88 -13.56 29.20 5.69
N MET C 89 -12.46 28.59 6.12
CA MET C 89 -11.86 27.51 5.38
C MET C 89 -12.88 26.35 5.24
N PHE C 90 -13.65 26.14 6.31
CA PHE C 90 -14.70 25.14 6.34
C PHE C 90 -15.76 25.47 5.30
N PHE C 91 -16.01 26.74 5.04
CA PHE C 91 -17.01 27.05 4.02
C PHE C 91 -16.48 27.02 2.61
N ILE C 92 -15.21 27.39 2.41
CA ILE C 92 -14.60 27.29 1.07
C ILE C 92 -14.60 25.79 0.66
N CYS C 93 -14.19 24.92 1.58
CA CYS C 93 -14.15 23.50 1.29
C CYS C 93 -15.55 22.95 1.05
N LEU C 94 -16.48 23.39 1.88
CA LEU C 94 -17.86 22.96 1.78
C LEU C 94 -18.41 23.29 0.39
N TYR C 95 -18.14 24.52 -0.06
CA TYR C 95 -18.61 24.95 -1.38
C TYR C 95 -17.95 24.25 -2.54
N MET C 96 -16.64 24.04 -2.46
CA MET C 96 -15.96 23.23 -3.48
C MET C 96 -16.65 21.82 -3.59
N HIS C 97 -16.78 21.18 -2.42
CA HIS C 97 -17.37 19.87 -2.28
C HIS C 97 -18.74 19.73 -2.90
N VAL C 98 -19.64 20.66 -2.60
CA VAL C 98 -20.99 20.60 -3.16
C VAL C 98 -20.92 20.81 -4.68
N GLY C 99 -20.16 21.81 -5.10
CA GLY C 99 -20.00 22.08 -6.51
C GLY C 99 -19.42 20.89 -7.26
N ARG C 100 -18.40 20.26 -6.68
CA ARG C 100 -17.77 19.11 -7.28
C ARG C 100 -18.85 18.05 -7.52
N GLY C 101 -19.69 17.84 -6.50
CA GLY C 101 -20.76 16.86 -6.60
C GLY C 101 -21.74 17.17 -7.73
N LEU C 102 -22.04 18.46 -7.89
CA LEU C 102 -22.97 18.90 -8.89
C LEU C 102 -22.41 18.73 -10.34
N TYR C 103 -21.21 19.20 -10.56
CA TYR C 103 -20.60 19.09 -11.84
C TYR C 103 -20.48 17.64 -12.25
N TYR C 104 -19.96 16.82 -11.34
CA TYR C 104 -19.68 15.46 -11.63
C TYR C 104 -20.80 14.47 -11.52
N GLY C 105 -21.99 14.88 -11.14
CA GLY C 105 -23.09 13.92 -11.03
C GLY C 105 -23.07 13.06 -9.76
N SER C 106 -22.13 13.34 -8.85
CA SER C 106 -22.00 12.60 -7.63
C SER C 106 -23.26 12.48 -6.81
N TYR C 107 -24.19 13.41 -6.98
CA TYR C 107 -25.44 13.40 -6.25
C TYR C 107 -26.32 12.19 -6.50
N THR C 108 -25.99 11.39 -7.53
CA THR C 108 -26.80 10.23 -7.84
C THR C 108 -26.76 9.19 -6.73
N PHE C 109 -25.80 9.34 -5.83
CA PHE C 109 -25.73 8.56 -4.59
C PHE C 109 -26.69 9.28 -3.64
N LEU C 110 -27.99 9.02 -3.77
CA LEU C 110 -29.01 9.79 -3.00
C LEU C 110 -28.77 9.98 -1.50
N GLU C 111 -28.65 8.86 -0.77
CA GLU C 111 -28.46 8.90 0.68
C GLU C 111 -27.21 9.67 1.06
N THR C 112 -26.09 9.36 0.42
CA THR C 112 -24.83 10.05 0.69
C THR C 112 -25.03 11.57 0.58
N TRP C 113 -25.60 11.99 -0.56
CA TRP C 113 -25.83 13.40 -0.88
C TRP C 113 -26.83 14.04 0.03
N ASN C 114 -27.93 13.36 0.29
CA ASN C 114 -28.93 13.92 1.16
C ASN C 114 -28.40 14.08 2.55
N ILE C 115 -27.56 13.14 2.98
CA ILE C 115 -26.92 13.25 4.26
C ILE C 115 -26.02 14.48 4.17
N GLY C 116 -25.38 14.67 3.01
CA GLY C 116 -24.52 15.81 2.80
C GLY C 116 -25.26 17.13 2.97
N VAL C 117 -26.53 17.19 2.54
CA VAL C 117 -27.34 18.39 2.70
C VAL C 117 -27.55 18.68 4.20
N ILE C 118 -27.89 17.62 4.96
CA ILE C 118 -28.05 17.73 6.40
C ILE C 118 -26.73 18.27 7.00
N LEU C 119 -25.58 17.76 6.51
CA LEU C 119 -24.27 18.23 6.97
C LEU C 119 -24.04 19.68 6.65
N LEU C 120 -24.51 20.14 5.49
CA LEU C 120 -24.37 21.55 5.15
C LEU C 120 -25.19 22.43 6.12
N LEU C 121 -26.49 22.13 6.23
CA LEU C 121 -27.38 22.84 7.13
C LEU C 121 -26.83 22.91 8.56
N THR C 122 -26.34 21.76 9.04
CA THR C 122 -25.79 21.66 10.36
C THR C 122 -24.59 22.53 10.59
N VAL C 123 -23.61 22.51 9.69
CA VAL C 123 -22.48 23.45 9.90
C VAL C 123 -22.87 24.90 9.71
N MET C 124 -23.92 25.13 8.93
CA MET C 124 -24.41 26.49 8.77
C MET C 124 -25.03 26.95 10.08
N ALA C 125 -25.96 26.13 10.62
CA ALA C 125 -26.59 26.44 11.91
C ALA C 125 -25.51 26.58 12.93
N THR C 126 -24.48 25.71 12.83
CA THR C 126 -23.35 25.78 13.76
C THR C 126 -22.57 27.12 13.70
N ALA C 127 -22.14 27.52 12.49
CA ALA C 127 -21.34 28.76 12.32
C ALA C 127 -22.08 30.06 12.67
N PHE C 128 -23.37 30.10 12.37
CA PHE C 128 -24.21 31.24 12.71
C PHE C 128 -24.14 31.44 14.20
N MET C 129 -24.42 30.39 14.99
CA MET C 129 -24.35 30.49 16.46
C MET C 129 -22.95 30.82 16.94
N GLY C 130 -21.95 30.46 16.16
CA GLY C 130 -20.58 30.72 16.53
C GLY C 130 -20.31 32.17 16.57
N TYR C 131 -20.63 32.84 15.47
CA TYR C 131 -20.38 34.27 15.30
C TYR C 131 -21.03 35.21 16.37
N VAL C 132 -22.08 34.73 17.04
CA VAL C 132 -22.76 35.52 18.03
C VAL C 132 -22.00 35.56 19.33
N LEU C 133 -21.25 34.51 19.58
CA LEU C 133 -20.50 34.34 20.84
C LEU C 133 -19.60 35.49 21.38
N PRO C 134 -18.84 36.20 20.52
CA PRO C 134 -18.00 37.31 20.99
C PRO C 134 -18.84 38.51 21.47
N TRP C 135 -20.11 38.54 21.08
CA TRP C 135 -21.06 39.57 21.47
C TRP C 135 -20.66 40.93 20.95
N GLY C 136 -20.23 40.96 19.68
CA GLY C 136 -19.87 42.18 19.01
C GLY C 136 -21.14 42.79 18.42
N GLN C 137 -21.02 43.99 17.87
CA GLN C 137 -22.17 44.64 17.28
C GLN C 137 -22.74 43.77 16.16
N MET C 138 -21.87 43.14 15.38
CA MET C 138 -22.33 42.29 14.30
C MET C 138 -22.87 40.97 14.79
N SER C 139 -22.40 40.55 15.96
CA SER C 139 -22.87 39.33 16.55
C SER C 139 -24.32 39.50 16.97
N PHE C 140 -24.60 40.61 17.62
CA PHE C 140 -25.92 40.88 18.14
C PHE C 140 -26.95 41.21 17.06
N TRP C 141 -26.56 42.06 16.12
CA TRP C 141 -27.46 42.47 15.05
C TRP C 141 -27.61 41.39 14.00
N GLY C 142 -26.58 40.57 13.88
CA GLY C 142 -26.64 39.42 13.03
C GLY C 142 -27.66 38.48 13.67
N ALA C 143 -27.47 38.21 14.97
CA ALA C 143 -28.38 37.36 15.74
C ALA C 143 -29.81 37.83 15.69
N THR C 144 -29.97 39.16 15.68
CA THR C 144 -31.27 39.77 15.63
C THR C 144 -31.91 39.58 14.26
N VAL C 145 -31.27 40.12 13.22
CA VAL C 145 -31.83 40.02 11.88
C VAL C 145 -32.24 38.61 11.50
N ILE C 146 -31.40 37.64 11.87
CA ILE C 146 -31.61 36.24 11.50
C ILE C 146 -32.76 35.56 12.11
N THR C 147 -32.71 35.43 13.43
CA THR C 147 -33.76 34.77 14.17
C THR C 147 -35.15 35.32 13.85
N ASN C 148 -35.24 36.64 13.78
CA ASN C 148 -36.49 37.32 13.47
C ASN C 148 -37.16 36.92 12.18
N LEU C 149 -36.41 36.28 11.28
CA LEU C 149 -36.95 35.79 10.01
C LEU C 149 -38.08 34.84 10.27
N LEU C 150 -37.87 34.00 11.28
CA LEU C 150 -38.81 32.96 11.65
C LEU C 150 -40.19 33.50 12.06
N SER C 151 -40.30 34.82 12.28
CA SER C 151 -41.56 35.46 12.66
C SER C 151 -42.52 35.64 11.49
N ALA C 152 -42.07 35.23 10.30
CA ALA C 152 -42.87 35.33 9.09
C ALA C 152 -43.74 34.09 8.91
N ILE C 153 -43.41 33.04 9.63
CA ILE C 153 -44.19 31.82 9.61
C ILE C 153 -45.53 32.14 10.26
N PRO C 154 -46.60 31.97 9.49
CA PRO C 154 -47.96 32.33 9.91
C PRO C 154 -48.44 31.68 11.21
N TYR C 155 -49.02 32.49 12.11
CA TYR C 155 -49.66 31.99 13.35
C TYR C 155 -48.75 31.39 14.44
N ILE C 156 -47.56 30.91 14.05
CA ILE C 156 -46.63 30.26 14.97
C ILE C 156 -45.32 31.09 15.14
N GLY C 157 -45.03 31.91 14.14
CA GLY C 157 -43.80 32.70 14.08
C GLY C 157 -43.37 33.57 15.24
N THR C 158 -44.31 34.28 15.86
CA THR C 158 -43.98 35.15 16.99
C THR C 158 -43.55 34.31 18.20
N ASN C 159 -44.38 33.33 18.56
CA ASN C 159 -44.08 32.41 19.68
C ASN C 159 -42.75 31.62 19.47
N LEU C 160 -42.46 31.28 18.21
CA LEU C 160 -41.26 30.53 17.82
C LEU C 160 -40.00 31.36 18.02
N VAL C 161 -40.05 32.59 17.58
CA VAL C 161 -38.91 33.48 17.71
C VAL C 161 -38.65 33.81 19.17
N GLU C 162 -39.72 34.04 19.92
CA GLU C 162 -39.59 34.32 21.34
C GLU C 162 -39.12 33.10 22.12
N TRP C 163 -39.47 31.91 21.63
CA TRP C 163 -39.05 30.68 22.27
C TRP C 163 -37.55 30.47 22.12
N ILE C 164 -37.00 30.70 20.93
CA ILE C 164 -35.58 30.50 20.81
C ILE C 164 -34.77 31.65 21.40
N TRP C 165 -35.40 32.83 21.50
CA TRP C 165 -34.74 34.01 22.10
C TRP C 165 -34.60 33.87 23.65
N GLY C 166 -35.64 33.38 24.29
CA GLY C 166 -35.64 33.24 25.75
C GLY C 166 -35.99 34.58 26.35
N GLY C 167 -36.80 35.32 25.58
CA GLY C 167 -37.23 36.65 25.92
C GLY C 167 -37.83 37.32 24.70
N PHE C 168 -37.85 38.65 24.73
CA PHE C 168 -38.41 39.43 23.63
C PHE C 168 -37.29 40.02 22.79
N SER C 169 -36.05 39.69 23.17
CA SER C 169 -34.89 40.16 22.44
C SER C 169 -33.75 39.19 22.53
N VAL C 170 -32.68 39.52 21.84
CA VAL C 170 -31.47 38.74 21.85
C VAL C 170 -30.71 39.21 23.11
N ASP C 171 -30.96 38.54 24.24
CA ASP C 171 -30.40 38.98 25.52
C ASP C 171 -29.39 38.01 26.18
N LYS C 172 -29.55 37.81 27.51
CA LYS C 172 -28.67 36.97 28.30
C LYS C 172 -28.94 35.53 27.98
N ALA C 173 -30.22 35.17 28.04
CA ALA C 173 -30.70 33.84 27.81
C ALA C 173 -30.29 33.35 26.42
N THR C 174 -30.36 34.24 25.43
CA THR C 174 -30.00 33.95 24.07
C THR C 174 -28.50 33.64 23.83
N LEU C 175 -27.60 34.35 24.50
CA LEU C 175 -26.13 34.10 24.30
C LEU C 175 -25.72 32.74 24.83
N THR C 176 -26.05 32.46 26.11
CA THR C 176 -25.71 31.21 26.79
C THR C 176 -26.25 30.04 26.02
N ARG C 177 -27.47 30.20 25.58
CA ARG C 177 -28.17 29.26 24.79
C ARG C 177 -27.30 28.93 23.61
N PHE C 178 -27.01 29.93 22.79
CA PHE C 178 -26.15 29.76 21.59
C PHE C 178 -24.79 29.10 21.87
N PHE C 179 -24.25 29.25 23.08
CA PHE C 179 -22.97 28.61 23.44
C PHE C 179 -23.14 27.11 23.45
N ALA C 180 -24.11 26.67 24.26
CA ALA C 180 -24.43 25.27 24.44
C ALA C 180 -24.66 24.52 23.09
N PHE C 181 -25.49 25.10 22.22
CA PHE C 181 -25.78 24.50 20.91
C PHE C 181 -24.56 24.49 20.00
N HIS C 182 -23.69 25.49 20.16
CA HIS C 182 -22.48 25.61 19.34
C HIS C 182 -21.42 24.64 19.84
N PHE C 183 -21.62 24.12 21.05
CA PHE C 183 -20.69 23.16 21.60
C PHE C 183 -21.11 21.72 21.16
N ILE C 184 -22.40 21.42 21.27
CA ILE C 184 -22.87 20.11 20.95
C ILE C 184 -23.01 19.82 19.47
N LEU C 185 -23.34 20.83 18.66
CA LEU C 185 -23.52 20.63 17.21
C LEU C 185 -22.40 19.95 16.41
N PRO C 186 -21.14 20.35 16.60
CA PRO C 186 -20.04 19.70 15.88
C PRO C 186 -19.83 18.19 16.21
N PHE C 187 -20.28 17.74 17.36
CA PHE C 187 -20.16 16.35 17.69
C PHE C 187 -21.20 15.58 16.92
N ILE C 188 -22.41 16.11 16.90
CA ILE C 188 -23.48 15.51 16.14
C ILE C 188 -23.05 15.48 14.64
N ILE C 189 -22.55 16.62 14.13
CA ILE C 189 -22.01 16.71 12.75
C ILE C 189 -21.10 15.52 12.49
N MET C 190 -20.21 15.24 13.43
CA MET C 190 -19.27 14.15 13.25
C MET C 190 -19.96 12.81 13.12
N ALA C 191 -20.91 12.51 13.99
CA ALA C 191 -21.67 11.26 13.88
C ALA C 191 -22.33 11.16 12.49
N ILE C 192 -22.79 12.29 11.98
CA ILE C 192 -23.43 12.32 10.68
C ILE C 192 -22.41 12.18 9.59
N ALA C 193 -21.22 12.73 9.80
CA ALA C 193 -20.14 12.59 8.79
C ALA C 193 -19.72 11.11 8.64
N MET C 194 -19.92 10.35 9.71
CA MET C 194 -19.61 8.92 9.70
C MET C 194 -20.68 8.14 8.93
N VAL C 195 -21.93 8.57 9.06
CA VAL C 195 -23.06 7.96 8.34
C VAL C 195 -22.93 8.33 6.84
N HIS C 196 -22.41 9.53 6.60
CA HIS C 196 -22.16 10.04 5.25
C HIS C 196 -21.16 9.10 4.59
N LEU C 197 -20.07 8.82 5.30
CA LEU C 197 -19.02 7.96 4.83
C LEU C 197 -19.51 6.47 4.78
N LEU C 198 -20.46 6.13 5.64
CA LEU C 198 -21.04 4.79 5.64
C LEU C 198 -21.77 4.56 4.32
N PHE C 199 -22.66 5.47 3.94
CA PHE C 199 -23.38 5.34 2.66
C PHE C 199 -22.46 5.40 1.45
N LEU C 200 -21.43 6.25 1.53
CA LEU C 200 -20.46 6.39 0.47
C LEU C 200 -19.77 5.07 0.18
N HIS C 201 -19.56 4.30 1.22
CA HIS C 201 -18.88 3.04 1.06
C HIS C 201 -19.60 1.97 0.35
N GLU C 202 -20.92 2.04 0.30
CA GLU C 202 -21.68 1.04 -0.46
C GLU C 202 -21.28 1.03 -1.98
N THR C 203 -20.82 2.18 -2.50
CA THR C 203 -20.47 2.25 -3.90
C THR C 203 -19.03 2.58 -4.17
N GLY C 204 -18.41 3.30 -3.27
CA GLY C 204 -17.08 3.76 -3.53
C GLY C 204 -17.25 5.10 -4.21
N SER C 205 -16.15 5.73 -4.57
CA SER C 205 -16.19 7.06 -5.16
C SER C 205 -16.56 7.12 -6.63
N ASN C 206 -17.04 8.28 -7.05
CA ASN C 206 -17.34 8.54 -8.46
C ASN C 206 -16.02 9.06 -8.98
N ASN C 207 -15.96 9.42 -10.25
CA ASN C 207 -14.74 9.98 -10.81
C ASN C 207 -15.10 10.96 -11.88
N PRO C 208 -14.13 11.77 -12.32
CA PRO C 208 -14.35 12.77 -13.36
C PRO C 208 -15.14 12.37 -14.58
N THR C 209 -14.96 11.17 -15.09
CA THR C 209 -15.66 10.75 -16.33
C THR C 209 -17.11 10.40 -16.10
N GLY C 210 -17.46 10.11 -14.84
CA GLY C 210 -18.81 9.68 -14.50
C GLY C 210 -19.08 8.25 -14.93
N ILE C 211 -18.06 7.60 -15.48
CA ILE C 211 -18.18 6.23 -15.96
C ILE C 211 -17.70 5.33 -14.85
N SER C 212 -18.29 4.17 -14.71
CA SER C 212 -17.83 3.26 -13.65
C SER C 212 -16.32 2.92 -13.74
N SER C 213 -15.68 2.84 -12.57
CA SER C 213 -14.23 2.58 -12.46
C SER C 213 -13.82 1.22 -11.83
N ASP C 214 -14.76 0.27 -11.72
CA ASP C 214 -14.47 -1.08 -11.15
C ASP C 214 -13.35 -1.75 -11.90
N VAL C 215 -13.21 -1.34 -13.13
CA VAL C 215 -12.24 -1.86 -14.07
C VAL C 215 -10.82 -1.38 -13.79
N ASP C 216 -10.69 -0.37 -12.95
CA ASP C 216 -9.39 0.19 -12.65
C ASP C 216 -9.37 0.87 -11.28
N LYS C 217 -9.47 0.10 -10.24
CA LYS C 217 -9.42 0.63 -8.92
C LYS C 217 -8.00 0.45 -8.37
N ILE C 218 -7.61 1.35 -7.49
CA ILE C 218 -6.33 1.25 -6.76
C ILE C 218 -6.62 1.35 -5.27
N PRO C 219 -5.71 0.82 -4.43
CA PRO C 219 -5.88 0.88 -2.97
C PRO C 219 -5.79 2.34 -2.54
N PHE C 220 -6.51 2.68 -1.51
CA PHE C 220 -6.43 4.01 -1.00
C PHE C 220 -5.00 4.14 -0.34
N HIS C 221 -4.43 2.99 0.07
CA HIS C 221 -3.11 2.85 0.73
C HIS C 221 -1.73 3.33 0.33
N PRO C 222 -1.48 3.77 -0.78
CA PRO C 222 -0.30 4.63 -0.89
C PRO C 222 -0.77 5.91 -1.57
N TYR C 223 -1.58 5.73 -2.61
CA TYR C 223 -2.08 6.75 -3.49
C TYR C 223 -2.92 7.91 -2.90
N TYR C 224 -3.98 7.58 -2.18
CA TYR C 224 -4.81 8.63 -1.62
C TYR C 224 -4.52 9.03 -0.21
N THR C 225 -3.68 8.26 0.49
CA THR C 225 -3.28 8.70 1.80
C THR C 225 -2.36 9.90 1.60
N ILE C 226 -1.33 9.71 0.80
CA ILE C 226 -0.38 10.77 0.51
C ILE C 226 -0.94 11.95 -0.28
N LYS C 227 -1.88 11.71 -1.19
CA LYS C 227 -2.48 12.81 -1.94
C LYS C 227 -3.35 13.67 -0.98
N ASP C 228 -3.91 13.02 0.06
CA ASP C 228 -4.72 13.77 1.06
C ASP C 228 -3.80 14.52 1.99
N ILE C 229 -2.64 13.91 2.25
CA ILE C 229 -1.65 14.54 3.06
C ILE C 229 -1.21 15.84 2.38
N LEU C 230 -0.71 15.73 1.12
CA LEU C 230 -0.24 16.88 0.33
C LEU C 230 -1.31 17.95 0.32
N GLY C 231 -2.57 17.52 0.22
CA GLY C 231 -3.70 18.42 0.19
C GLY C 231 -4.04 19.12 1.51
N ALA C 232 -3.80 18.45 2.63
CA ALA C 232 -4.08 19.04 3.93
C ALA C 232 -3.06 20.11 4.19
N LEU C 233 -1.84 19.86 3.67
CA LEU C 233 -0.74 20.79 3.79
C LEU C 233 -1.11 22.06 3.03
N LEU C 234 -1.84 21.89 1.92
CA LEU C 234 -2.29 23.04 1.16
C LEU C 234 -3.41 23.77 1.90
N LEU C 235 -4.18 23.04 2.73
CA LEU C 235 -5.24 23.68 3.52
C LEU C 235 -4.58 24.44 4.63
N ILE C 236 -3.48 23.92 5.14
CA ILE C 236 -2.79 24.60 6.24
C ILE C 236 -2.23 25.90 5.75
N LEU C 237 -1.59 25.86 4.57
CA LEU C 237 -1.03 27.07 3.94
C LEU C 237 -2.10 28.14 3.84
N ALA C 238 -3.21 27.83 3.17
CA ALA C 238 -4.31 28.79 3.03
C ALA C 238 -4.76 29.37 4.40
N LEU C 239 -5.07 28.49 5.36
CA LEU C 239 -5.47 28.91 6.71
C LEU C 239 -4.40 29.78 7.37
N MET C 240 -3.18 29.28 7.45
CA MET C 240 -2.10 30.04 8.10
C MET C 240 -1.75 31.35 7.42
N LEU C 241 -1.87 31.40 6.10
CA LEU C 241 -1.65 32.60 5.33
C LEU C 241 -2.68 33.60 5.80
N LEU C 242 -3.91 33.14 5.94
CA LEU C 242 -4.97 33.99 6.40
C LEU C 242 -4.69 34.46 7.83
N VAL C 243 -4.56 33.53 8.80
CA VAL C 243 -4.33 33.90 10.24
C VAL C 243 -3.01 34.61 10.66
N LEU C 244 -1.90 34.27 10.01
CA LEU C 244 -0.63 34.91 10.38
C LEU C 244 -0.28 36.15 9.53
N PHE C 245 -1.17 36.54 8.62
CA PHE C 245 -0.93 37.71 7.79
C PHE C 245 -2.15 38.60 7.59
N ALA C 246 -3.33 38.03 7.61
CA ALA C 246 -4.56 38.82 7.38
C ALA C 246 -5.75 38.24 8.14
N PRO C 247 -5.71 38.28 9.46
CA PRO C 247 -6.71 37.64 10.31
C PRO C 247 -8.07 38.30 10.36
N ASP C 248 -8.16 39.50 9.81
CA ASP C 248 -9.42 40.19 9.82
C ASP C 248 -9.92 40.43 8.41
N LEU C 249 -9.11 40.04 7.42
CA LEU C 249 -9.45 40.23 5.99
C LEU C 249 -10.92 39.83 5.66
N LEU C 250 -11.32 38.64 6.13
CA LEU C 250 -12.68 38.14 5.92
C LEU C 250 -13.59 38.50 7.07
N GLY C 251 -13.06 39.26 8.02
CA GLY C 251 -13.82 39.66 9.19
C GLY C 251 -14.35 41.09 9.12
N ASP C 252 -15.39 41.33 9.91
CA ASP C 252 -16.03 42.62 9.97
C ASP C 252 -15.55 43.47 11.17
N PRO C 253 -14.87 44.59 10.88
CA PRO C 253 -14.40 45.54 11.92
C PRO C 253 -15.59 46.33 12.48
N ASP C 254 -16.30 45.78 13.46
CA ASP C 254 -17.51 46.40 14.02
C ASP C 254 -17.96 45.41 15.04
N ASN C 255 -17.55 44.16 14.82
CA ASN C 255 -17.81 43.09 15.73
C ASN C 255 -16.78 43.24 16.79
N TYR C 256 -15.97 44.30 16.63
CA TYR C 256 -14.97 44.68 17.58
C TYR C 256 -15.55 45.71 18.55
N THR C 257 -16.69 46.28 18.20
CA THR C 257 -17.33 47.18 19.14
C THR C 257 -18.42 46.36 19.85
N PRO C 258 -18.34 46.31 21.17
CA PRO C 258 -19.30 45.56 22.00
C PRO C 258 -20.74 45.80 21.65
N ALA C 259 -21.56 44.76 21.77
CA ALA C 259 -22.98 44.84 21.45
C ALA C 259 -23.66 46.01 22.14
N ASN C 260 -24.53 46.66 21.39
CA ASN C 260 -25.27 47.79 21.87
C ASN C 260 -26.66 47.66 21.26
N PRO C 261 -27.63 47.17 22.05
CA PRO C 261 -29.03 46.97 21.60
C PRO C 261 -29.78 48.25 21.17
N LEU C 262 -29.11 49.40 21.21
CA LEU C 262 -29.74 50.66 20.82
C LEU C 262 -29.05 51.20 19.55
N ASN C 263 -27.79 50.77 19.34
CA ASN C 263 -27.00 51.21 18.19
C ASN C 263 -27.05 50.22 17.00
N THR C 264 -27.81 50.57 15.96
CA THR C 264 -27.94 49.76 14.77
C THR C 264 -26.97 50.30 13.80
N PRO C 265 -25.98 49.49 13.44
CA PRO C 265 -24.99 49.91 12.46
C PRO C 265 -25.67 50.07 11.09
N PRO C 266 -25.22 51.04 10.28
CA PRO C 266 -25.75 51.21 8.91
C PRO C 266 -25.50 49.95 8.09
N HIS C 267 -24.38 49.27 8.38
CA HIS C 267 -23.92 48.01 7.78
C HIS C 267 -24.99 46.91 7.74
N ILE C 268 -24.89 46.02 8.72
CA ILE C 268 -25.78 44.88 8.88
C ILE C 268 -25.84 43.88 7.73
N LYS C 269 -24.89 42.95 7.77
CA LYS C 269 -24.73 41.90 6.78
C LYS C 269 -24.14 40.66 7.50
N PRO C 270 -24.36 39.48 6.93
CA PRO C 270 -23.80 38.24 7.47
C PRO C 270 -22.32 38.11 7.29
N GLU C 271 -21.84 36.94 7.69
CA GLU C 271 -20.51 36.55 7.39
C GLU C 271 -20.63 36.17 5.89
N TRP C 272 -19.54 36.32 5.15
CA TRP C 272 -19.55 36.08 3.71
C TRP C 272 -20.22 34.79 3.18
N TYR C 273 -20.13 33.71 3.94
CA TYR C 273 -20.69 32.45 3.52
C TYR C 273 -22.23 32.38 3.41
N PHE C 274 -22.93 33.40 3.89
CA PHE C 274 -24.40 33.48 3.78
C PHE C 274 -24.84 34.62 2.85
N LEU C 275 -23.88 35.41 2.37
CA LEU C 275 -24.18 36.56 1.53
C LEU C 275 -25.05 36.29 0.29
N PHE C 276 -24.83 35.14 -0.36
CA PHE C 276 -25.64 34.76 -1.52
C PHE C 276 -27.10 34.49 -1.14
N ALA C 277 -27.31 33.85 0.02
CA ALA C 277 -28.62 33.54 0.51
C ALA C 277 -29.28 34.80 0.99
N TYR C 278 -28.46 35.68 1.59
CA TYR C 278 -28.88 37.00 2.07
C TYR C 278 -29.40 37.81 0.90
N ALA C 279 -28.65 37.78 -0.22
CA ALA C 279 -29.04 38.51 -1.42
C ALA C 279 -30.35 37.97 -1.97
N ILE C 280 -30.51 36.65 -1.96
CA ILE C 280 -31.74 36.06 -2.44
C ILE C 280 -32.92 36.48 -1.55
N LEU C 281 -32.71 36.46 -0.23
CA LEU C 281 -33.72 36.85 0.75
C LEU C 281 -34.28 38.28 0.50
N ARG C 282 -33.42 39.29 0.55
CA ARG C 282 -33.88 40.68 0.37
C ARG C 282 -34.30 41.11 -1.06
N SER C 283 -34.14 40.21 -2.03
CA SER C 283 -34.56 40.47 -3.41
C SER C 283 -36.06 40.43 -3.52
N ILE C 284 -36.70 39.97 -2.46
CA ILE C 284 -38.12 39.78 -2.46
C ILE C 284 -38.81 40.78 -1.59
N PRO C 285 -39.73 41.53 -2.19
CA PRO C 285 -40.49 42.54 -1.43
C PRO C 285 -41.59 41.87 -0.62
N ASN C 286 -41.21 40.87 0.20
CA ASN C 286 -42.15 40.17 1.05
C ASN C 286 -41.43 39.49 2.20
N LYS C 287 -42.09 39.50 3.35
CA LYS C 287 -41.58 38.92 4.57
C LYS C 287 -41.58 37.38 4.46
N LEU C 288 -42.72 36.81 4.09
CA LEU C 288 -42.86 35.34 4.00
C LEU C 288 -42.08 34.79 2.84
N GLY C 289 -42.27 35.37 1.67
CA GLY C 289 -41.63 34.92 0.46
C GLY C 289 -40.13 35.01 0.51
N GLY C 290 -39.62 36.01 1.21
CA GLY C 290 -38.20 36.20 1.30
C GLY C 290 -37.55 35.06 2.03
N VAL C 291 -38.17 34.66 3.11
CA VAL C 291 -37.65 33.59 3.91
C VAL C 291 -38.03 32.24 3.32
N LEU C 292 -39.08 32.22 2.50
CA LEU C 292 -39.48 30.98 1.89
C LEU C 292 -38.46 30.70 0.81
N ALA C 293 -38.07 31.75 0.08
CA ALA C 293 -37.09 31.60 -0.97
C ALA C 293 -35.68 31.51 -0.44
N LEU C 294 -35.46 32.01 0.77
CA LEU C 294 -34.13 31.93 1.40
C LEU C 294 -33.86 30.46 1.69
N ALA C 295 -34.85 29.83 2.31
CA ALA C 295 -34.78 28.44 2.62
C ALA C 295 -34.59 27.63 1.35
N PHE C 296 -35.47 27.89 0.36
CA PHE C 296 -35.45 27.15 -0.90
C PHE C 296 -34.12 27.24 -1.67
N SER C 297 -33.31 28.28 -1.39
CA SER C 297 -32.01 28.44 -2.09
C SER C 297 -30.97 27.44 -1.58
N ILE C 298 -31.26 26.85 -0.44
CA ILE C 298 -30.42 25.82 0.09
C ILE C 298 -31.01 24.45 -0.05
N LEU C 299 -32.30 24.30 0.27
CA LEU C 299 -32.98 23.01 0.19
C LEU C 299 -33.17 22.50 -1.23
N ILE C 300 -32.80 23.32 -2.23
CA ILE C 300 -32.94 22.95 -3.62
C ILE C 300 -31.98 21.83 -3.98
N LEU C 301 -30.89 21.70 -3.22
CA LEU C 301 -29.90 20.65 -3.43
C LEU C 301 -30.56 19.29 -3.29
N ALA C 302 -31.68 19.24 -2.59
CA ALA C 302 -32.40 18.01 -2.42
C ALA C 302 -33.28 17.74 -3.65
N LEU C 303 -33.47 18.73 -4.51
CA LEU C 303 -34.27 18.53 -5.72
C LEU C 303 -33.40 18.17 -6.88
N ILE C 304 -32.11 18.55 -6.80
CA ILE C 304 -31.16 18.27 -7.89
C ILE C 304 -31.19 16.85 -8.53
N PRO C 305 -31.00 15.76 -7.77
CA PRO C 305 -31.10 14.41 -8.35
C PRO C 305 -32.40 14.16 -9.13
N LEU C 306 -33.50 14.87 -8.82
CA LEU C 306 -34.75 14.63 -9.55
C LEU C 306 -34.78 15.40 -10.87
N LEU C 307 -33.84 16.32 -11.01
CA LEU C 307 -33.78 17.12 -12.17
C LEU C 307 -32.63 16.72 -13.08
N HIS C 308 -32.03 15.56 -12.79
CA HIS C 308 -30.99 15.06 -13.65
C HIS C 308 -31.71 14.53 -14.86
N THR C 309 -31.23 14.89 -16.02
CA THR C 309 -31.97 14.62 -17.18
C THR C 309 -31.06 14.00 -18.27
N SER C 310 -29.77 14.20 -18.10
CA SER C 310 -28.78 13.70 -19.04
C SER C 310 -28.55 12.17 -18.95
N LYS C 311 -28.22 11.57 -20.08
CA LYS C 311 -27.92 10.16 -20.12
C LYS C 311 -26.51 9.86 -19.62
N GLN C 312 -25.66 10.88 -19.55
CA GLN C 312 -24.31 10.72 -18.97
C GLN C 312 -24.34 11.27 -17.53
N ARG C 313 -23.43 10.81 -16.69
CA ARG C 313 -23.42 11.21 -15.29
C ARG C 313 -22.65 12.47 -15.02
N SER C 314 -21.46 12.58 -15.58
CA SER C 314 -20.60 13.72 -15.32
C SER C 314 -20.80 14.84 -16.31
N MET C 315 -20.08 15.93 -16.15
CA MET C 315 -20.18 17.02 -17.13
C MET C 315 -18.99 17.06 -18.03
N MET C 316 -17.97 16.26 -17.72
CA MET C 316 -16.75 16.13 -18.52
C MET C 316 -16.99 16.10 -20.02
N PHE C 317 -17.99 15.36 -20.46
CA PHE C 317 -18.30 15.25 -21.86
C PHE C 317 -19.50 16.12 -22.25
N ARG C 318 -19.99 16.95 -21.37
CA ARG C 318 -21.07 17.81 -21.80
C ARG C 318 -20.83 19.37 -21.77
N PRO C 319 -20.49 19.92 -22.95
CA PRO C 319 -20.12 21.34 -23.10
C PRO C 319 -21.20 22.35 -22.72
N LEU C 320 -22.39 22.17 -23.25
CA LEU C 320 -23.50 23.06 -23.00
C LEU C 320 -23.73 23.15 -21.53
N SER C 321 -23.68 21.98 -20.86
CA SER C 321 -23.91 21.91 -19.38
C SER C 321 -22.82 22.54 -18.56
N GLN C 322 -21.59 22.46 -19.05
CA GLN C 322 -20.49 23.10 -18.42
C GLN C 322 -20.74 24.60 -18.32
N CYS C 323 -21.16 25.22 -19.45
CA CYS C 323 -21.40 26.68 -19.53
C CYS C 323 -22.44 27.09 -18.53
N LEU C 324 -23.51 26.34 -18.47
CA LEU C 324 -24.56 26.58 -17.50
C LEU C 324 -24.08 26.45 -16.06
N PHE C 325 -23.20 25.49 -15.83
CA PHE C 325 -22.65 25.29 -14.50
C PHE C 325 -21.81 26.51 -14.12
N TRP C 326 -20.92 26.93 -15.01
CA TRP C 326 -20.06 28.06 -14.69
C TRP C 326 -20.80 29.35 -14.52
N ALA C 327 -21.93 29.46 -15.19
CA ALA C 327 -22.81 30.58 -15.04
C ALA C 327 -23.48 30.52 -13.65
N LEU C 328 -23.59 29.31 -13.07
CA LEU C 328 -24.19 29.17 -11.73
C LEU C 328 -23.20 29.67 -10.69
N VAL C 329 -21.93 29.31 -10.88
CA VAL C 329 -20.86 29.75 -9.97
C VAL C 329 -20.69 31.25 -10.09
N ALA C 330 -20.67 31.75 -11.34
CA ALA C 330 -20.55 33.20 -11.60
C ALA C 330 -21.75 33.94 -10.99
N ASP C 331 -22.95 33.35 -11.10
CA ASP C 331 -24.17 33.93 -10.51
C ASP C 331 -24.10 33.95 -8.96
N LEU C 332 -23.37 32.98 -8.40
CA LEU C 332 -23.20 32.93 -6.97
C LEU C 332 -22.14 33.94 -6.50
N LEU C 333 -21.30 34.45 -7.41
CA LEU C 333 -20.34 35.47 -6.99
C LEU C 333 -21.14 36.72 -6.90
N THR C 334 -21.99 36.92 -7.91
CA THR C 334 -22.86 38.10 -8.00
C THR C 334 -23.73 38.19 -6.77
N LEU C 335 -24.31 37.05 -6.40
CA LEU C 335 -25.17 37.01 -5.26
C LEU C 335 -24.44 37.40 -3.96
N THR C 336 -23.21 36.87 -3.77
CA THR C 336 -22.50 37.24 -2.56
C THR C 336 -22.06 38.68 -2.58
N TRP C 337 -21.56 39.12 -3.72
CA TRP C 337 -21.18 40.51 -3.90
C TRP C 337 -22.38 41.42 -3.58
N ILE C 338 -23.53 41.19 -4.23
CA ILE C 338 -24.76 41.99 -3.95
C ILE C 338 -25.16 41.91 -2.48
N GLY C 339 -25.12 40.70 -1.90
CA GLY C 339 -25.43 40.48 -0.50
C GLY C 339 -24.59 41.29 0.45
N GLY C 340 -23.34 41.57 0.06
CA GLY C 340 -22.45 42.43 0.84
C GLY C 340 -22.61 43.94 0.51
N GLN C 341 -23.67 44.29 -0.24
CA GLN C 341 -23.94 45.70 -0.64
C GLN C 341 -25.32 46.19 -0.17
N PRO C 342 -25.43 47.50 0.07
CA PRO C 342 -26.70 48.10 0.50
C PRO C 342 -27.85 47.92 -0.53
N VAL C 343 -29.09 47.92 -0.03
CA VAL C 343 -30.27 47.76 -0.88
C VAL C 343 -30.73 49.15 -1.44
N GLU C 344 -29.87 49.77 -2.26
CA GLU C 344 -30.14 51.10 -2.86
C GLU C 344 -30.18 50.95 -4.40
N HIS C 345 -29.57 51.89 -5.18
CA HIS C 345 -29.55 51.73 -6.66
C HIS C 345 -28.87 50.45 -7.24
N PRO C 346 -28.26 50.46 -8.41
CA PRO C 346 -28.06 49.24 -9.19
C PRO C 346 -28.51 47.95 -8.44
N TYR C 347 -27.70 47.65 -7.42
CA TYR C 347 -27.83 46.55 -6.52
C TYR C 347 -29.19 45.87 -6.31
N ILE C 348 -30.29 46.63 -6.23
CA ILE C 348 -31.62 45.99 -6.05
C ILE C 348 -32.03 45.15 -7.25
N THR C 349 -32.04 45.74 -8.43
CA THR C 349 -32.49 45.03 -9.64
C THR C 349 -31.54 43.97 -10.15
N ILE C 350 -30.24 44.13 -9.94
CA ILE C 350 -29.34 43.10 -10.40
C ILE C 350 -29.39 41.93 -9.48
N GLY C 351 -29.51 42.21 -8.17
CA GLY C 351 -29.59 41.17 -7.16
C GLY C 351 -30.94 40.50 -7.21
N GLN C 352 -31.91 41.18 -7.83
CA GLN C 352 -33.25 40.65 -7.97
C GLN C 352 -33.28 39.68 -9.13
N LEU C 353 -32.61 40.06 -10.22
CA LEU C 353 -32.57 39.25 -11.44
C LEU C 353 -31.67 38.05 -11.27
N ALA C 354 -30.60 38.22 -10.48
CA ALA C 354 -29.64 37.13 -10.23
C ALA C 354 -30.32 36.02 -9.43
N SER C 355 -31.23 36.42 -8.52
CA SER C 355 -32.02 35.49 -7.74
C SER C 355 -32.91 34.66 -8.64
N VAL C 356 -33.59 35.32 -9.58
CA VAL C 356 -34.43 34.62 -10.55
C VAL C 356 -33.54 33.63 -11.36
N LEU C 357 -32.37 34.12 -11.83
CA LEU C 357 -31.42 33.33 -12.62
C LEU C 357 -30.96 32.08 -11.88
N TYR C 358 -30.66 32.23 -10.61
CA TYR C 358 -30.22 31.10 -9.79
C TYR C 358 -31.26 29.97 -9.93
N PHE C 359 -32.52 30.30 -9.69
CA PHE C 359 -33.59 29.33 -9.78
C PHE C 359 -33.98 28.96 -11.22
N LEU C 360 -33.75 29.84 -12.18
CA LEU C 360 -34.08 29.51 -13.56
C LEU C 360 -33.02 28.53 -14.07
N LEU C 361 -31.80 28.73 -13.61
CA LEU C 361 -30.70 27.93 -14.00
C LEU C 361 -30.89 26.46 -13.49
N ILE C 362 -30.86 26.28 -12.17
CA ILE C 362 -31.02 24.97 -11.57
C ILE C 362 -32.35 24.28 -11.91
N LEU C 363 -33.42 25.03 -11.90
CA LEU C 363 -34.73 24.43 -12.03
C LEU C 363 -35.24 24.19 -13.47
N VAL C 364 -34.73 24.98 -14.43
CA VAL C 364 -35.22 24.91 -15.80
C VAL C 364 -34.12 24.77 -16.83
N LEU C 365 -33.13 25.66 -16.79
CA LEU C 365 -32.05 25.71 -17.80
C LEU C 365 -31.15 24.50 -17.85
N MET C 366 -30.60 24.11 -16.70
CA MET C 366 -29.71 22.93 -16.62
C MET C 366 -30.36 21.62 -17.08
N PRO C 367 -31.58 21.31 -16.61
CA PRO C 367 -32.32 20.13 -17.12
C PRO C 367 -32.55 20.23 -18.65
N THR C 368 -33.09 21.35 -19.12
CA THR C 368 -33.32 21.52 -20.54
C THR C 368 -32.04 21.24 -21.36
N ALA C 369 -30.89 21.73 -20.88
CA ALA C 369 -29.62 21.49 -21.55
C ALA C 369 -29.32 20.01 -21.67
N GLY C 370 -29.61 19.26 -20.60
CA GLY C 370 -29.37 17.82 -20.59
C GLY C 370 -30.19 17.10 -21.67
N THR C 371 -31.43 17.53 -21.84
CA THR C 371 -32.31 16.95 -22.85
C THR C 371 -31.77 17.26 -24.21
N ILE C 372 -31.34 18.51 -24.40
CA ILE C 372 -30.78 18.93 -25.71
C ILE C 372 -29.52 18.12 -26.04
N GLU C 373 -28.65 17.96 -25.05
CA GLU C 373 -27.42 17.24 -25.22
C GLU C 373 -27.66 15.78 -25.57
N ASN C 374 -28.66 15.18 -24.94
CA ASN C 374 -28.99 13.82 -25.22
C ASN C 374 -29.34 13.76 -26.69
N LYS C 375 -30.23 14.66 -27.11
CA LYS C 375 -30.68 14.72 -28.49
C LYS C 375 -29.57 14.88 -29.51
N LEU C 376 -28.55 15.70 -29.21
CA LEU C 376 -27.43 15.93 -30.13
C LEU C 376 -26.62 14.69 -30.33
N LEU C 377 -26.61 13.84 -29.28
CA LEU C 377 -25.91 12.57 -29.29
C LEU C 377 -26.78 11.41 -29.90
N LYS C 378 -28.01 11.74 -30.30
CA LYS C 378 -29.02 10.81 -30.84
C LYS C 378 -29.54 9.80 -29.79
N TRP C 379 -29.40 10.17 -28.52
CA TRP C 379 -29.83 9.36 -27.35
C TRP C 379 -31.17 9.85 -26.83
N SER D 1 -23.26 63.96 4.82
CA SER D 1 -24.57 63.27 5.02
C SER D 1 -24.84 62.34 3.80
N ASP D 2 -24.64 61.03 3.99
CA ASP D 2 -24.81 59.98 2.94
C ASP D 2 -23.78 60.01 1.79
N LEU D 3 -22.81 60.91 1.93
CA LEU D 3 -21.73 61.06 0.99
C LEU D 3 -20.49 60.89 1.81
N GLU D 4 -19.46 60.27 1.25
CA GLU D 4 -18.25 60.03 2.04
C GLU D 4 -16.96 59.95 1.23
N LEU D 5 -15.83 59.96 1.92
CA LEU D 5 -14.52 59.91 1.29
C LEU D 5 -13.67 58.86 2.00
N HIS D 6 -12.86 58.11 1.23
CA HIS D 6 -12.00 57.04 1.80
C HIS D 6 -10.50 57.44 1.95
N PRO D 7 -9.87 57.01 3.06
CA PRO D 7 -8.48 57.39 3.40
C PRO D 7 -7.42 56.87 2.43
N PRO D 8 -6.28 57.55 2.31
CA PRO D 8 -5.21 57.13 1.40
C PRO D 8 -4.47 55.96 1.97
N SER D 9 -3.35 55.62 1.36
CA SER D 9 -2.56 54.50 1.80
C SER D 9 -1.20 54.99 2.32
N TYR D 10 -1.13 55.26 3.62
CA TYR D 10 0.11 55.77 4.21
C TYR D 10 1.12 54.63 4.41
N PRO D 11 2.40 54.88 4.10
CA PRO D 11 3.44 53.85 4.20
C PRO D 11 3.90 53.56 5.61
N TRP D 12 3.02 53.06 6.47
CA TRP D 12 3.37 52.72 7.85
C TRP D 12 4.56 51.80 7.85
N SER D 13 5.35 51.85 8.91
CA SER D 13 6.55 51.04 8.99
C SER D 13 6.23 49.55 9.32
N HIS D 14 4.93 49.26 9.47
CA HIS D 14 4.43 47.93 9.81
C HIS D 14 3.38 47.49 8.75
N ARG D 15 3.51 48.03 7.54
CA ARG D 15 2.56 47.73 6.48
C ARG D 15 2.90 46.44 5.73
N GLY D 16 4.20 46.18 5.55
CA GLY D 16 4.66 44.98 4.85
C GLY D 16 4.29 43.68 5.55
N LEU D 17 4.19 42.59 4.78
CA LEU D 17 3.83 41.28 5.29
C LEU D 17 4.71 40.81 6.46
N LEU D 18 6.01 41.02 6.33
CA LEU D 18 6.95 40.62 7.38
C LEU D 18 7.50 41.83 8.11
N SER D 19 6.65 42.81 8.39
CA SER D 19 7.11 44.07 9.00
C SER D 19 6.73 44.35 10.44
N SER D 20 7.76 44.45 11.29
CA SER D 20 7.60 44.75 12.70
C SER D 20 7.09 46.18 12.95
N LEU D 21 6.90 46.51 14.20
CA LEU D 21 6.47 47.85 14.57
C LEU D 21 7.69 48.65 14.96
N ASP D 22 7.59 49.96 14.88
CA ASP D 22 8.65 50.82 15.35
C ASP D 22 8.30 50.96 16.81
N HIS D 23 9.02 50.23 17.67
CA HIS D 23 8.77 50.26 19.12
C HIS D 23 9.11 51.58 19.83
N THR D 24 9.94 52.39 19.18
CA THR D 24 10.27 53.69 19.70
C THR D 24 9.04 54.57 19.42
N SER D 25 8.39 54.29 18.28
CA SER D 25 7.21 55.06 17.88
C SER D 25 5.93 54.69 18.67
N ILE D 26 5.91 53.49 19.26
CA ILE D 26 4.77 53.05 20.09
C ILE D 26 4.83 53.81 21.42
N ARG D 27 6.06 54.10 21.86
CA ARG D 27 6.34 54.86 23.10
C ARG D 27 5.71 56.21 23.08
N ARG D 28 6.21 57.03 22.16
CA ARG D 28 5.74 58.38 22.00
C ARG D 28 4.22 58.40 21.82
N GLY D 29 3.69 57.37 21.16
CA GLY D 29 2.26 57.22 20.94
C GLY D 29 1.54 56.91 22.24
N PHE D 30 2.22 56.17 23.12
CA PHE D 30 1.68 55.88 24.45
C PHE D 30 1.67 57.19 25.20
N GLN D 31 2.74 57.97 25.04
CA GLN D 31 2.83 59.28 25.67
C GLN D 31 1.64 60.13 25.22
N VAL D 32 1.37 60.12 23.92
CA VAL D 32 0.24 60.86 23.37
C VAL D 32 -1.05 60.35 24.01
N TYR D 33 -1.19 59.03 24.16
CA TYR D 33 -2.38 58.47 24.81
C TYR D 33 -2.50 58.97 26.26
N LYS D 34 -1.40 58.81 27.01
CA LYS D 34 -1.32 59.15 28.42
C LYS D 34 -1.90 60.49 28.86
N GLN D 35 -1.50 61.56 28.20
CA GLN D 35 -1.96 62.92 28.58
C GLN D 35 -3.21 63.34 27.84
N VAL D 36 -3.06 63.52 26.52
CA VAL D 36 -4.13 64.00 25.64
C VAL D 36 -5.41 63.14 25.64
N CYS D 37 -5.34 62.03 24.90
CA CYS D 37 -6.45 61.07 24.70
C CYS D 37 -7.13 60.56 25.96
N SER D 38 -6.30 60.08 26.91
CA SER D 38 -6.74 59.49 28.19
C SER D 38 -7.83 60.21 28.96
N SER D 39 -7.79 61.53 28.98
CA SER D 39 -8.79 62.30 29.70
C SER D 39 -10.21 62.02 29.19
N CYS D 40 -10.32 61.56 27.94
CA CYS D 40 -11.61 61.25 27.38
C CYS D 40 -11.74 59.82 26.86
N HIS D 41 -10.60 59.21 26.53
CA HIS D 41 -10.59 57.86 25.96
C HIS D 41 -10.22 56.72 26.89
N SER D 42 -11.14 55.76 27.02
CA SER D 42 -10.91 54.57 27.85
C SER D 42 -10.15 53.53 27.06
N MET D 43 -9.12 52.96 27.65
CA MET D 43 -8.36 51.91 26.99
C MET D 43 -8.39 50.73 27.94
N ASP D 44 -9.62 50.27 28.21
CA ASP D 44 -9.95 49.20 29.15
C ASP D 44 -9.18 47.87 29.04
N TYR D 45 -8.63 47.58 27.88
CA TYR D 45 -7.96 46.31 27.67
C TYR D 45 -6.43 46.27 27.71
N VAL D 46 -5.80 47.41 27.90
CA VAL D 46 -4.35 47.43 28.00
C VAL D 46 -3.94 47.66 29.45
N ALA D 47 -2.83 47.04 29.86
CA ALA D 47 -2.32 47.17 31.23
C ALA D 47 -0.90 47.65 31.19
N TYR D 48 -0.37 47.97 32.36
CA TYR D 48 0.99 48.46 32.46
C TYR D 48 2.05 47.40 32.18
N ARG D 49 1.78 46.17 32.66
CA ARG D 49 2.68 45.04 32.43
C ARG D 49 2.78 44.70 30.92
N HIS D 50 1.72 45.03 30.15
CA HIS D 50 1.69 44.81 28.70
C HIS D 50 2.78 45.61 28.00
N LEU D 51 3.14 46.75 28.57
CA LEU D 51 4.16 47.59 27.96
C LEU D 51 5.58 47.08 28.15
N VAL D 52 5.80 46.31 29.22
CA VAL D 52 7.12 45.80 29.58
C VAL D 52 7.91 45.10 28.44
N GLY D 53 7.33 44.09 27.84
CA GLY D 53 7.99 43.40 26.74
C GLY D 53 8.14 44.28 25.51
N VAL D 54 7.20 45.21 25.36
CA VAL D 54 7.14 46.06 24.21
C VAL D 54 8.14 47.20 24.22
N CYS D 55 7.76 48.30 24.86
CA CYS D 55 8.59 49.50 24.87
C CYS D 55 9.58 49.69 26.05
N TYR D 56 9.02 49.93 27.23
CA TYR D 56 9.80 50.24 28.44
C TYR D 56 10.48 49.05 29.09
N THR D 57 10.95 49.27 30.33
CA THR D 57 11.55 48.20 31.13
C THR D 57 10.71 48.03 32.37
N GLU D 58 10.99 46.96 33.13
CA GLU D 58 10.27 46.66 34.38
C GLU D 58 10.11 47.91 35.23
N ASP D 59 11.25 48.50 35.58
CA ASP D 59 11.31 49.70 36.40
C ASP D 59 10.46 50.86 35.87
N GLU D 60 10.68 51.22 34.61
CA GLU D 60 9.97 52.34 34.00
C GLU D 60 8.47 52.14 33.97
N ALA D 61 8.05 50.94 33.61
CA ALA D 61 6.63 50.60 33.56
C ALA D 61 5.96 50.71 34.94
N LYS D 62 6.67 50.28 36.00
CA LYS D 62 6.17 50.39 37.39
C LYS D 62 5.86 51.86 37.67
N ALA D 63 6.87 52.70 37.44
CA ALA D 63 6.79 54.15 37.70
C ALA D 63 5.60 54.86 37.05
N LEU D 64 5.33 54.54 35.78
CA LEU D 64 4.23 55.16 35.04
C LEU D 64 2.87 54.80 35.66
N ALA D 65 2.78 53.58 36.20
CA ALA D 65 1.57 53.13 36.88
C ALA D 65 1.43 53.84 38.22
N GLU D 66 2.57 54.14 38.84
CA GLU D 66 2.61 54.85 40.14
C GLU D 66 2.17 56.34 40.08
N GLU D 67 2.08 56.90 38.87
CA GLU D 67 1.68 58.30 38.67
C GLU D 67 0.15 58.48 38.61
N VAL D 68 -0.60 57.47 39.04
CA VAL D 68 -2.07 57.54 39.06
C VAL D 68 -2.52 56.91 40.38
N GLU D 69 -3.82 56.89 40.63
CA GLU D 69 -4.41 56.25 41.82
C GLU D 69 -5.58 55.39 41.34
N VAL D 70 -5.70 54.19 41.90
CA VAL D 70 -6.66 53.22 41.37
C VAL D 70 -8.04 53.03 42.03
N GLN D 71 -8.05 52.89 43.36
CA GLN D 71 -9.26 52.54 44.18
C GLN D 71 -9.19 51.03 44.38
N ASP D 72 -8.41 50.62 45.36
CA ASP D 72 -8.19 49.22 45.61
C ASP D 72 -9.31 48.59 46.44
N GLY D 73 -9.22 47.26 46.61
CA GLY D 73 -10.20 46.46 47.34
C GLY D 73 -10.51 46.89 48.77
N PRO D 74 -11.55 46.31 49.35
CA PRO D 74 -11.97 46.68 50.70
C PRO D 74 -11.13 46.03 51.80
N ASN D 75 -11.02 46.70 52.94
CA ASN D 75 -10.32 46.13 54.09
C ASN D 75 -11.22 46.24 55.32
N GLU D 76 -11.01 45.37 56.31
CA GLU D 76 -11.79 45.33 57.58
C GLU D 76 -13.10 46.14 57.74
N ASP D 77 -13.08 47.44 57.45
CA ASP D 77 -14.29 48.29 57.57
C ASP D 77 -15.27 48.23 56.37
N GLY D 78 -14.83 47.67 55.24
CA GLY D 78 -15.62 47.69 54.02
C GLY D 78 -15.42 49.11 53.54
N GLU D 79 -14.25 49.36 52.98
CA GLU D 79 -13.81 50.72 52.67
C GLU D 79 -13.92 51.29 51.27
N MET D 80 -12.78 51.19 50.55
CA MET D 80 -12.53 51.72 49.17
C MET D 80 -11.52 52.92 49.25
N PHE D 81 -10.24 52.60 49.44
CA PHE D 81 -9.16 53.61 49.56
C PHE D 81 -8.40 53.83 48.23
N MET D 82 -7.23 54.46 48.28
CA MET D 82 -6.43 54.69 47.06
C MET D 82 -5.01 54.05 47.17
N ARG D 83 -4.46 53.61 46.04
CA ARG D 83 -3.15 52.91 46.00
C ARG D 83 -2.27 53.51 44.86
N PRO D 84 -0.94 53.55 45.07
CA PRO D 84 0.00 54.10 44.06
C PRO D 84 -0.15 53.61 42.60
N GLY D 85 -0.30 52.32 42.38
CA GLY D 85 -0.43 51.80 41.02
C GLY D 85 0.59 50.71 40.83
N LYS D 86 0.13 49.54 40.44
CA LYS D 86 1.02 48.41 40.33
C LYS D 86 1.74 48.26 38.99
N LEU D 87 1.26 47.30 38.23
CA LEU D 87 1.77 46.92 36.93
C LEU D 87 0.68 46.02 36.49
N SER D 88 -0.02 45.50 37.50
CA SER D 88 -1.13 44.56 37.36
C SER D 88 -2.43 45.21 36.87
N ASP D 89 -2.63 46.47 37.20
CA ASP D 89 -3.83 47.20 36.80
C ASP D 89 -3.88 47.44 35.32
N TYR D 90 -5.00 47.97 34.86
CA TYR D 90 -5.14 48.28 33.45
C TYR D 90 -5.16 49.80 33.32
N PHE D 91 -5.65 50.27 32.18
CA PHE D 91 -5.82 51.71 31.96
C PHE D 91 -7.34 52.20 32.00
N PRO D 92 -8.25 51.63 32.82
CA PRO D 92 -9.64 52.11 32.82
C PRO D 92 -9.69 53.32 33.73
N LYS D 93 -9.92 54.50 33.17
CA LYS D 93 -9.90 55.65 34.00
C LYS D 93 -10.92 56.75 33.80
N PRO D 94 -11.00 57.31 32.57
CA PRO D 94 -11.81 58.51 32.31
C PRO D 94 -12.89 58.83 33.30
N TYR D 95 -13.96 58.04 33.25
CA TYR D 95 -15.13 58.24 34.10
C TYR D 95 -15.95 56.95 34.04
N PRO D 96 -16.74 56.67 35.10
CA PRO D 96 -17.52 55.41 35.19
C PRO D 96 -18.58 55.15 34.10
N ASN D 97 -19.83 55.52 34.39
CA ASN D 97 -20.96 55.33 33.46
C ASN D 97 -20.72 55.99 32.08
N PRO D 98 -21.20 55.33 31.00
CA PRO D 98 -21.03 55.87 29.63
C PRO D 98 -21.73 57.21 29.51
N GLU D 99 -22.76 57.39 30.32
CA GLU D 99 -23.56 58.61 30.34
C GLU D 99 -22.72 59.84 30.77
N ALA D 100 -21.69 59.62 31.60
CA ALA D 100 -20.81 60.70 32.04
C ALA D 100 -20.02 61.29 30.87
N ALA D 101 -19.69 60.45 29.89
CA ALA D 101 -19.00 60.91 28.69
C ALA D 101 -19.90 61.84 27.94
N ARG D 102 -21.18 61.45 27.87
CA ARG D 102 -22.20 62.23 27.22
C ARG D 102 -22.39 63.53 27.97
N ALA D 103 -22.68 63.46 29.27
CA ALA D 103 -22.85 64.68 30.07
C ALA D 103 -21.71 65.68 29.82
N ALA D 104 -20.48 65.18 29.72
CA ALA D 104 -19.34 66.02 29.46
C ALA D 104 -19.28 66.49 27.99
N ASN D 105 -18.63 65.70 27.12
CA ASN D 105 -18.45 66.02 25.68
C ASN D 105 -19.76 66.39 24.91
N ASN D 106 -20.90 66.11 25.56
CA ASN D 106 -22.29 66.33 25.06
C ASN D 106 -22.74 65.16 24.23
N GLY D 107 -23.78 64.45 24.72
CA GLY D 107 -24.38 63.29 24.07
C GLY D 107 -23.51 62.57 23.04
N ALA D 108 -22.23 62.36 23.39
CA ALA D 108 -21.25 61.69 22.53
C ALA D 108 -20.21 61.02 23.39
N LEU D 109 -19.72 59.88 22.93
CA LEU D 109 -18.75 59.15 23.68
C LEU D 109 -17.54 59.03 22.85
N PRO D 110 -16.39 59.38 23.40
CA PRO D 110 -15.11 59.16 22.73
C PRO D 110 -14.90 57.63 22.80
N PRO D 111 -15.22 56.91 21.72
CA PRO D 111 -15.17 55.46 21.73
C PRO D 111 -13.82 54.94 22.16
N ASP D 112 -13.89 53.99 23.09
CA ASP D 112 -12.77 53.30 23.70
C ASP D 112 -11.64 53.06 22.70
N LEU D 113 -10.41 53.24 23.14
CA LEU D 113 -9.29 53.18 22.24
C LEU D 113 -8.66 51.86 22.00
N SER D 114 -8.73 51.00 23.00
CA SER D 114 -8.13 49.67 22.96
C SER D 114 -8.35 48.84 21.70
N TYR D 115 -9.48 49.05 21.01
CA TYR D 115 -9.79 48.26 19.82
C TYR D 115 -10.05 49.12 18.56
N ILE D 116 -9.81 50.44 18.66
CA ILE D 116 -10.10 51.37 17.53
C ILE D 116 -9.55 51.02 16.13
N VAL D 117 -8.22 50.91 16.00
CA VAL D 117 -7.60 50.59 14.72
C VAL D 117 -8.30 49.43 14.00
N ARG D 118 -8.56 48.35 14.74
CA ARG D 118 -9.23 47.19 14.20
C ARG D 118 -10.75 47.34 14.02
N ALA D 119 -11.34 48.41 14.56
CA ALA D 119 -12.80 48.58 14.45
C ALA D 119 -13.32 49.66 13.47
N ARG D 120 -12.42 50.31 12.76
CA ARG D 120 -12.90 51.35 11.89
C ARG D 120 -13.30 51.10 10.43
N HIS D 121 -12.36 50.55 9.66
CA HIS D 121 -12.44 50.34 8.17
C HIS D 121 -11.44 51.30 7.67
N GLY D 122 -10.31 50.76 7.29
CA GLY D 122 -9.13 51.55 7.08
C GLY D 122 -8.62 51.40 8.52
N GLY D 123 -7.34 51.23 8.70
CA GLY D 123 -6.89 50.97 10.05
C GLY D 123 -6.48 52.23 10.70
N GLU D 124 -5.19 52.34 10.82
CA GLU D 124 -4.56 53.51 11.37
C GLU D 124 -4.75 54.67 10.39
N ASP D 125 -4.93 54.32 9.11
CA ASP D 125 -5.17 55.30 8.05
C ASP D 125 -6.41 56.15 8.29
N TYR D 126 -7.52 55.52 8.69
CA TYR D 126 -8.75 56.25 8.98
C TYR D 126 -8.50 57.22 10.08
N VAL D 127 -7.92 56.73 11.17
CA VAL D 127 -7.61 57.56 12.33
C VAL D 127 -6.57 58.66 12.03
N PHE D 128 -5.50 58.28 11.33
CA PHE D 128 -4.46 59.26 10.96
C PHE D 128 -5.04 60.34 10.08
N SER D 129 -5.77 59.94 9.03
CA SER D 129 -6.38 60.91 8.14
C SER D 129 -7.40 61.77 8.84
N LEU D 130 -8.05 61.20 9.87
CA LEU D 130 -9.01 61.94 10.66
C LEU D 130 -8.25 63.03 11.45
N LEU D 131 -7.46 62.58 12.42
CA LEU D 131 -6.66 63.47 13.29
C LEU D 131 -5.87 64.56 12.58
N THR D 132 -5.17 64.19 11.51
CA THR D 132 -4.34 65.11 10.78
C THR D 132 -5.14 65.97 9.81
N GLY D 133 -6.14 65.38 9.17
CA GLY D 133 -6.91 66.06 8.14
C GLY D 133 -8.14 66.84 8.55
N TYR D 134 -8.03 67.61 9.60
CA TYR D 134 -9.13 68.46 10.00
C TYR D 134 -9.25 69.66 9.06
N CYS D 135 -10.47 70.01 8.67
CA CYS D 135 -10.67 71.17 7.80
C CYS D 135 -11.90 72.02 8.14
N GLU D 136 -12.17 72.99 7.25
CA GLU D 136 -13.19 74.01 7.43
C GLU D 136 -14.48 73.79 6.59
N PRO D 137 -15.65 73.97 7.24
CA PRO D 137 -16.97 73.76 6.62
C PRO D 137 -17.29 74.59 5.37
N PRO D 138 -17.52 73.93 4.24
CA PRO D 138 -17.89 74.64 3.00
C PRO D 138 -19.34 75.13 3.05
N THR D 139 -19.72 75.86 2.02
CA THR D 139 -21.04 76.49 1.86
C THR D 139 -22.30 75.78 2.37
N GLY D 140 -23.22 76.57 2.92
CA GLY D 140 -24.53 76.10 3.36
C GLY D 140 -24.68 75.03 4.43
N VAL D 141 -23.59 74.43 4.86
CA VAL D 141 -23.68 73.40 5.89
C VAL D 141 -23.25 73.96 7.25
N SER D 142 -24.22 74.44 8.02
CA SER D 142 -23.95 74.93 9.36
C SER D 142 -23.92 73.74 10.33
N LEU D 143 -23.26 73.91 11.46
CA LEU D 143 -23.12 72.83 12.43
C LEU D 143 -23.91 73.15 13.69
N ARG D 144 -23.43 72.63 14.80
CA ARG D 144 -24.06 72.89 16.09
C ARG D 144 -23.03 73.25 17.16
N GLU D 145 -21.97 73.99 16.77
CA GLU D 145 -20.93 74.47 17.72
C GLU D 145 -20.39 73.51 18.81
N GLY D 146 -20.36 72.24 18.46
CA GLY D 146 -19.90 71.17 19.31
C GLY D 146 -19.72 70.05 18.32
N LEU D 147 -20.26 70.30 17.12
CA LEU D 147 -20.15 69.38 16.01
C LEU D 147 -19.11 69.93 15.03
N TYR D 148 -17.83 69.72 15.34
CA TYR D 148 -16.70 70.19 14.50
C TYR D 148 -16.68 69.53 13.12
N PHE D 149 -15.74 69.94 12.27
CA PHE D 149 -15.72 69.41 10.93
C PHE D 149 -14.56 68.49 10.58
N ASN D 150 -14.91 67.35 10.00
CA ASN D 150 -13.93 66.38 9.53
C ASN D 150 -14.50 65.68 8.30
N PRO D 151 -13.77 65.74 7.19
CA PRO D 151 -14.19 65.10 5.93
C PRO D 151 -14.16 63.59 6.04
N TYR D 152 -13.24 63.09 6.85
CA TYR D 152 -13.11 61.67 7.05
C TYR D 152 -14.01 61.18 8.16
N PHE D 153 -15.28 61.56 8.13
CA PHE D 153 -16.23 61.15 9.15
C PHE D 153 -17.61 60.96 8.55
N PRO D 154 -18.25 59.84 8.89
CA PRO D 154 -19.61 59.54 8.39
C PRO D 154 -20.58 60.66 8.67
N GLY D 155 -21.08 61.29 7.60
CA GLY D 155 -22.03 62.38 7.73
C GLY D 155 -21.33 63.71 7.89
N GLN D 156 -20.10 63.65 8.42
CA GLN D 156 -19.23 64.80 8.66
C GLN D 156 -19.56 65.67 9.89
N ALA D 157 -20.59 65.26 10.62
CA ALA D 157 -21.00 65.93 11.85
C ALA D 157 -20.38 65.17 13.06
N ILE D 158 -19.15 65.53 13.41
CA ILE D 158 -18.37 64.87 14.47
C ILE D 158 -18.46 65.65 15.81
N GLY D 159 -18.35 64.95 16.94
CA GLY D 159 -18.43 65.62 18.25
C GLY D 159 -17.09 65.86 18.93
N MET D 160 -16.01 65.49 18.26
CA MET D 160 -14.66 65.61 18.79
C MET D 160 -13.92 66.85 18.28
N ALA D 161 -13.28 67.57 19.19
CA ALA D 161 -12.49 68.75 18.82
C ALA D 161 -11.09 68.26 18.38
N PRO D 162 -10.45 68.94 17.41
CA PRO D 162 -9.11 68.55 16.89
C PRO D 162 -7.98 68.71 17.91
N PRO D 163 -7.57 67.65 18.62
CA PRO D 163 -6.58 67.80 19.67
C PRO D 163 -5.18 67.35 19.29
N ILE D 164 -4.77 67.51 18.04
CA ILE D 164 -3.43 67.06 17.70
C ILE D 164 -2.26 68.08 17.69
N TYR D 165 -2.54 69.36 17.48
CA TYR D 165 -1.43 70.33 17.58
C TYR D 165 -1.16 70.89 18.96
N ASN D 166 -1.98 70.56 19.94
CA ASN D 166 -1.68 71.00 21.30
C ASN D 166 -0.35 70.30 21.63
N GLU D 167 0.76 70.97 21.28
CA GLU D 167 2.10 70.45 21.44
C GLU D 167 2.51 70.13 22.86
N VAL D 168 2.18 68.93 23.30
CA VAL D 168 2.66 68.48 24.58
C VAL D 168 3.82 67.59 24.17
N LEU D 169 4.41 66.88 25.11
CA LEU D 169 5.50 65.95 24.83
C LEU D 169 6.79 65.82 25.59
N GLU D 170 7.30 64.60 25.59
CA GLU D 170 8.52 64.27 26.26
C GLU D 170 9.23 63.30 25.37
N PHE D 171 9.48 63.74 24.14
CA PHE D 171 10.16 62.92 23.16
C PHE D 171 11.61 62.75 23.57
N ASP D 172 11.78 62.27 24.80
CA ASP D 172 13.05 62.02 25.46
C ASP D 172 14.30 62.44 24.73
N ASP D 173 14.73 61.63 23.75
CA ASP D 173 15.97 61.90 23.03
C ASP D 173 15.92 63.17 22.16
N GLY D 174 14.79 63.42 21.54
CA GLY D 174 14.63 64.63 20.74
C GLY D 174 13.86 64.44 19.46
N THR D 175 12.55 64.63 19.52
CA THR D 175 11.71 64.49 18.33
C THR D 175 10.67 65.61 18.34
N PRO D 176 10.61 66.38 17.26
CA PRO D 176 9.67 67.50 17.17
C PRO D 176 8.22 67.05 17.19
N ALA D 177 7.41 67.73 18.01
CA ALA D 177 6.00 67.40 18.17
C ALA D 177 5.06 68.11 17.18
N THR D 178 5.31 67.96 15.89
CA THR D 178 4.44 68.56 14.87
C THR D 178 3.17 67.73 14.80
N MET D 179 2.11 68.27 14.20
CA MET D 179 0.83 67.55 14.12
C MET D 179 0.99 66.19 13.45
N SER D 180 1.79 66.17 12.38
CA SER D 180 2.09 64.97 11.62
C SER D 180 2.72 63.94 12.48
N GLN D 181 3.84 64.30 13.07
CA GLN D 181 4.59 63.41 13.90
C GLN D 181 3.83 62.80 15.10
N VAL D 182 3.13 63.63 15.88
CA VAL D 182 2.34 63.09 17.00
C VAL D 182 1.28 62.08 16.50
N ALA D 183 0.73 62.35 15.30
CA ALA D 183 -0.29 61.47 14.71
C ALA D 183 0.22 60.05 14.28
N LYS D 184 1.44 59.98 13.74
CA LYS D 184 2.05 58.70 13.30
C LYS D 184 2.27 57.84 14.49
N ASP D 185 2.83 58.46 15.50
CA ASP D 185 3.12 57.77 16.71
C ASP D 185 1.88 57.32 17.41
N VAL D 186 0.90 58.21 17.56
CA VAL D 186 -0.34 57.80 18.21
C VAL D 186 -1.04 56.63 17.48
N CYS D 187 -0.96 56.60 16.16
CA CYS D 187 -1.58 55.53 15.42
C CYS D 187 -0.71 54.28 15.48
N THR D 188 0.61 54.46 15.47
CA THR D 188 1.54 53.32 15.56
C THR D 188 1.32 52.59 16.88
N PHE D 189 1.08 53.36 17.94
CA PHE D 189 0.80 52.82 19.25
C PHE D 189 -0.55 52.17 19.25
N LEU D 190 -1.52 52.81 18.59
CA LEU D 190 -2.87 52.26 18.53
C LEU D 190 -2.94 50.89 17.82
N ARG D 191 -2.14 50.73 16.76
CA ARG D 191 -2.04 49.48 16.05
C ARG D 191 -1.70 48.44 17.07
N TRP D 192 -0.68 48.74 17.87
CA TRP D 192 -0.21 47.85 18.89
C TRP D 192 -1.23 47.50 19.95
N ALA D 193 -2.00 48.47 20.42
CA ALA D 193 -2.99 48.16 21.47
C ALA D 193 -4.14 47.34 20.92
N ALA D 194 -4.45 47.53 19.65
CA ALA D 194 -5.51 46.74 19.02
C ALA D 194 -5.02 45.30 18.72
N GLU D 195 -3.77 45.20 18.27
CA GLU D 195 -3.16 43.93 17.87
C GLU D 195 -1.75 43.78 18.47
N PRO D 196 -1.66 43.44 19.77
CA PRO D 196 -0.35 43.28 20.44
C PRO D 196 0.50 42.15 19.89
N GLU D 197 -0.16 41.11 19.37
CA GLU D 197 0.50 39.94 18.82
C GLU D 197 1.16 40.20 17.46
N HIS D 198 0.80 41.33 16.85
CA HIS D 198 1.29 41.78 15.53
C HIS D 198 2.66 41.32 15.04
N ASP D 199 3.69 41.55 15.84
CA ASP D 199 5.04 41.22 15.42
C ASP D 199 5.31 39.77 15.44
N HIS D 200 5.02 39.15 16.57
CA HIS D 200 5.27 37.73 16.81
C HIS D 200 4.58 36.88 15.76
N ARG D 201 3.41 37.33 15.34
CA ARG D 201 2.65 36.62 14.35
C ARG D 201 3.34 36.60 13.01
N LYS D 202 4.00 37.73 12.68
CA LYS D 202 4.69 37.88 11.42
C LYS D 202 6.01 37.17 11.43
N ARG D 203 6.51 36.89 12.62
CA ARG D 203 7.72 36.14 12.76
C ARG D 203 7.36 34.67 12.49
N MET D 204 6.18 34.25 12.98
CA MET D 204 5.71 32.89 12.80
C MET D 204 5.34 32.73 11.36
N GLY D 205 4.67 33.76 10.83
CA GLY D 205 4.29 33.79 9.43
C GLY D 205 5.48 33.69 8.48
N LEU D 206 6.61 34.29 8.88
CA LEU D 206 7.82 34.19 8.11
C LEU D 206 8.25 32.74 8.10
N LYS D 207 8.27 32.15 9.30
CA LYS D 207 8.67 30.76 9.49
C LYS D 207 7.71 29.77 8.76
N MET D 208 6.42 30.13 8.73
CA MET D 208 5.36 29.36 8.06
C MET D 208 5.63 29.33 6.57
N LEU D 209 6.08 30.46 6.03
CA LEU D 209 6.40 30.52 4.61
C LEU D 209 7.67 29.75 4.28
N LEU D 210 8.68 29.83 5.15
CA LEU D 210 9.95 29.10 4.91
C LEU D 210 9.75 27.58 5.10
N MET D 211 8.95 27.21 6.10
CA MET D 211 8.69 25.81 6.32
C MET D 211 7.93 25.24 5.17
N MET D 212 6.90 25.96 4.73
CA MET D 212 6.06 25.51 3.65
C MET D 212 6.87 25.40 2.37
N GLY D 213 7.75 26.34 2.14
CA GLY D 213 8.58 26.35 0.95
C GLY D 213 9.54 25.18 0.94
N LEU D 214 9.79 24.61 2.11
CA LEU D 214 10.65 23.45 2.19
C LEU D 214 9.75 22.18 2.14
N LEU D 215 8.68 22.20 2.93
CA LEU D 215 7.74 21.07 3.02
C LEU D 215 6.92 20.77 1.78
N LEU D 216 6.32 21.82 1.19
CA LEU D 216 5.53 21.66 0.00
C LEU D 216 6.17 20.85 -1.14
N PRO D 217 7.37 21.24 -1.62
CA PRO D 217 8.02 20.47 -2.69
C PRO D 217 8.30 19.03 -2.25
N LEU D 218 8.80 18.87 -1.03
CA LEU D 218 9.11 17.55 -0.48
C LEU D 218 7.94 16.57 -0.41
N VAL D 219 6.81 17.01 0.14
CA VAL D 219 5.62 16.16 0.21
C VAL D 219 5.11 15.83 -1.23
N TYR D 220 5.24 16.82 -2.11
CA TYR D 220 4.88 16.68 -3.50
C TYR D 220 5.74 15.58 -4.14
N ALA D 221 7.06 15.64 -3.92
CA ALA D 221 7.98 14.63 -4.44
C ALA D 221 7.74 13.25 -3.83
N MET D 222 7.28 13.23 -2.58
CA MET D 222 6.97 11.97 -1.93
C MET D 222 5.79 11.36 -2.59
N LYS D 223 4.81 12.20 -2.88
CA LYS D 223 3.62 11.72 -3.47
C LYS D 223 3.80 11.35 -4.94
N ARG D 224 4.65 12.08 -5.64
CA ARG D 224 4.87 11.76 -7.05
C ARG D 224 5.59 10.43 -7.19
N HIS D 225 6.55 10.21 -6.29
CA HIS D 225 7.34 8.97 -6.23
C HIS D 225 6.42 7.78 -6.06
N LYS D 226 5.46 7.88 -5.17
CA LYS D 226 4.56 6.79 -4.96
C LYS D 226 3.55 6.64 -6.13
N TRP D 227 3.16 7.75 -6.76
CA TRP D 227 2.26 7.71 -7.90
C TRP D 227 2.95 7.26 -9.23
N SER D 228 4.30 7.25 -9.21
CA SER D 228 5.16 6.84 -10.35
C SER D 228 4.65 5.59 -11.05
N VAL D 229 4.47 4.54 -10.22
CA VAL D 229 3.98 3.21 -10.62
C VAL D 229 2.80 3.32 -11.52
N LEU D 230 1.90 4.23 -11.19
CA LEU D 230 0.74 4.46 -12.01
C LEU D 230 0.99 5.37 -13.23
N LYS D 231 1.74 6.45 -13.06
CA LYS D 231 1.93 7.38 -14.17
C LYS D 231 2.61 6.79 -15.42
N SER D 232 3.54 5.86 -15.22
CA SER D 232 4.24 5.29 -16.36
C SER D 232 3.75 3.92 -16.73
N ARG D 233 2.65 3.49 -16.11
CA ARG D 233 2.12 2.16 -16.39
C ARG D 233 1.72 2.04 -17.81
N LYS D 234 2.06 0.93 -18.43
CA LYS D 234 1.67 0.77 -19.82
C LYS D 234 0.67 -0.38 -19.98
N LEU D 235 -0.40 -0.16 -20.75
CA LEU D 235 -1.44 -1.18 -20.95
C LEU D 235 -1.37 -1.76 -22.35
N ALA D 236 -1.83 -3.00 -22.48
CA ALA D 236 -1.89 -3.68 -23.75
C ALA D 236 -3.13 -4.58 -23.67
N TYR D 237 -3.88 -4.65 -24.76
CA TYR D 237 -5.09 -5.48 -24.87
C TYR D 237 -4.79 -6.62 -25.82
N ARG D 238 -4.93 -7.84 -25.37
CA ARG D 238 -4.60 -8.96 -26.24
C ARG D 238 -5.68 -10.01 -26.29
N PRO D 239 -6.73 -9.76 -27.05
CA PRO D 239 -7.90 -10.66 -27.13
C PRO D 239 -7.60 -11.90 -27.94
N PRO D 240 -8.37 -12.98 -27.77
CA PRO D 240 -8.21 -14.21 -28.57
C PRO D 240 -8.56 -13.96 -30.03
N LYS D 241 -7.85 -14.64 -30.95
CA LYS D 241 -8.01 -14.57 -32.45
C LYS D 241 -7.41 -13.34 -33.14
N SER E 1 3.69 -17.77 -28.31
CA SER E 1 2.76 -16.65 -28.59
C SER E 1 2.68 -15.72 -27.40
N HIS E 2 2.76 -16.29 -26.17
CA HIS E 2 2.87 -15.41 -25.01
C HIS E 2 4.33 -14.93 -25.02
N THR E 3 5.14 -15.58 -25.87
CA THR E 3 6.54 -15.24 -26.14
C THR E 3 6.67 -13.94 -26.95
N ASP E 4 5.58 -13.47 -27.55
CA ASP E 4 5.62 -12.17 -28.28
C ASP E 4 5.50 -11.01 -27.28
N ILE E 5 5.13 -11.33 -26.04
CA ILE E 5 4.92 -10.29 -25.07
C ILE E 5 6.14 -9.52 -24.74
N LYS E 6 6.18 -8.35 -25.36
CA LYS E 6 7.19 -7.37 -25.24
C LYS E 6 7.19 -6.77 -23.87
N VAL E 7 8.17 -5.96 -23.59
CA VAL E 7 8.16 -5.19 -22.35
C VAL E 7 8.56 -3.82 -22.83
N PRO E 8 7.60 -2.90 -22.80
CA PRO E 8 7.78 -1.56 -23.38
C PRO E 8 8.97 -0.83 -22.83
N ASP E 9 9.68 -0.12 -23.69
CA ASP E 9 10.83 0.61 -23.27
C ASP E 9 10.42 1.70 -22.24
N PHE E 10 11.19 1.82 -21.16
CA PHE E 10 10.90 2.75 -20.10
C PHE E 10 12.00 3.75 -19.95
N SER E 11 12.93 3.79 -20.92
CA SER E 11 14.07 4.71 -20.86
C SER E 11 13.62 6.14 -20.62
N ASP E 12 12.45 6.44 -21.13
CA ASP E 12 11.80 7.71 -20.99
C ASP E 12 11.49 8.08 -19.57
N TYR E 13 11.44 7.07 -18.71
CA TYR E 13 11.10 7.26 -17.33
C TYR E 13 12.20 6.87 -16.37
N ARG E 14 13.17 6.11 -16.83
CA ARG E 14 14.22 5.62 -15.95
C ARG E 14 15.18 6.64 -15.46
N ARG E 15 15.48 6.56 -14.16
CA ARG E 15 16.50 7.40 -13.53
C ARG E 15 17.82 7.18 -14.33
N PRO E 16 18.71 8.18 -14.35
CA PRO E 16 19.93 8.07 -15.18
C PRO E 16 20.86 6.92 -14.78
N GLU E 17 20.86 6.59 -13.51
CA GLU E 17 21.74 5.56 -12.99
C GLU E 17 21.35 4.17 -13.43
N VAL E 18 20.17 4.08 -14.01
CA VAL E 18 19.58 2.84 -14.48
C VAL E 18 19.17 3.09 -15.90
N LEU E 19 20.12 3.24 -16.78
CA LEU E 19 19.78 3.47 -18.15
C LEU E 19 20.50 2.51 -19.02
N ASP E 20 21.46 1.83 -18.42
CA ASP E 20 22.21 0.89 -19.16
C ASP E 20 21.85 -0.58 -18.89
N SER E 21 21.51 -1.29 -19.97
CA SER E 21 21.20 -2.71 -19.95
C SER E 21 22.50 -3.47 -19.76
N THR E 22 23.60 -2.82 -20.10
CA THR E 22 24.92 -3.39 -20.00
C THR E 22 25.38 -3.64 -18.55
N LYS E 23 24.85 -2.90 -17.57
CA LYS E 23 25.34 -3.06 -16.18
C LYS E 23 24.31 -3.19 -15.00
N SER E 24 24.81 -3.67 -13.84
CA SER E 24 23.99 -3.87 -12.63
C SER E 24 23.17 -2.70 -12.19
N SER E 25 22.16 -2.97 -11.39
CA SER E 25 21.32 -1.93 -10.86
C SER E 25 21.65 -1.84 -9.41
N LYS E 26 22.25 -2.92 -8.92
CA LYS E 26 22.63 -3.04 -7.52
C LYS E 26 23.56 -1.92 -7.07
N GLU E 27 24.40 -1.48 -7.98
CA GLU E 27 25.33 -0.42 -7.69
C GLU E 27 24.61 0.89 -7.31
N SER E 28 23.71 1.34 -8.18
CA SER E 28 22.97 2.56 -7.92
C SER E 28 21.79 2.43 -6.94
N SER E 29 21.45 1.21 -6.53
CA SER E 29 20.32 0.98 -5.64
C SER E 29 20.40 1.79 -4.31
N GLU E 30 21.55 1.75 -3.69
CA GLU E 30 21.73 2.46 -2.43
C GLU E 30 21.56 3.97 -2.56
N ALA E 31 22.13 4.53 -3.61
CA ALA E 31 22.04 5.94 -3.87
C ALA E 31 20.61 6.27 -4.21
N ARG E 32 19.98 5.38 -4.96
CA ARG E 32 18.61 5.59 -5.33
C ARG E 32 17.65 5.54 -4.15
N LYS E 33 17.81 4.56 -3.23
CA LYS E 33 16.93 4.51 -2.05
C LYS E 33 17.34 5.67 -1.14
N GLY E 34 18.64 5.93 -1.08
CA GLY E 34 19.16 7.01 -0.27
C GLY E 34 18.46 8.29 -0.60
N PHE E 35 18.50 8.65 -1.86
CA PHE E 35 17.86 9.86 -2.31
C PHE E 35 16.38 9.94 -1.97
N SER E 36 15.63 8.86 -2.23
CA SER E 36 14.19 8.85 -1.97
C SER E 36 13.82 8.81 -0.49
N TYR E 37 14.69 8.25 0.32
CA TYR E 37 14.42 8.17 1.74
C TYR E 37 14.86 9.47 2.42
N LEU E 38 15.88 10.11 1.86
CA LEU E 38 16.33 11.35 2.41
C LEU E 38 15.17 12.33 2.34
N VAL E 39 14.48 12.33 1.20
CA VAL E 39 13.30 13.17 0.99
C VAL E 39 12.27 12.97 2.10
N THR E 40 11.91 11.72 2.38
CA THR E 40 10.94 11.45 3.44
C THR E 40 11.49 11.74 4.86
N ALA E 41 12.79 11.55 5.07
CA ALA E 41 13.40 11.82 6.38
C ALA E 41 13.34 13.36 6.66
N THR E 42 13.83 14.15 5.70
CA THR E 42 13.83 15.62 5.75
C THR E 42 12.41 16.13 5.99
N THR E 43 11.43 15.51 5.32
CA THR E 43 10.01 15.85 5.47
C THR E 43 9.50 15.64 6.91
N THR E 44 9.80 14.47 7.48
CA THR E 44 9.37 14.16 8.84
C THR E 44 10.04 15.09 9.82
N VAL E 45 11.31 15.41 9.57
CA VAL E 45 12.03 16.36 10.38
C VAL E 45 11.27 17.69 10.31
N GLY E 46 10.86 18.07 9.10
CA GLY E 46 10.12 19.30 8.89
C GLY E 46 8.80 19.29 9.65
N VAL E 47 8.03 18.21 9.47
CA VAL E 47 6.75 18.07 10.15
C VAL E 47 6.92 18.05 11.66
N ALA E 48 7.98 17.39 12.14
CA ALA E 48 8.26 17.31 13.58
C ALA E 48 8.37 18.71 14.15
N TYR E 49 9.19 19.52 13.49
CA TYR E 49 9.38 20.90 13.90
C TYR E 49 8.05 21.61 14.06
N ALA E 50 7.20 21.50 13.05
CA ALA E 50 5.91 22.16 13.06
C ALA E 50 4.99 21.57 14.08
N ALA E 51 4.93 20.24 14.13
CA ALA E 51 4.06 19.56 15.10
C ALA E 51 4.42 19.97 16.52
N LYS E 52 5.72 20.00 16.82
CA LYS E 52 6.19 20.44 18.13
C LYS E 52 5.57 21.76 18.45
N ASN E 53 5.89 22.75 17.62
CA ASN E 53 5.43 24.09 17.82
C ASN E 53 3.93 24.29 18.06
N VAL E 54 3.06 23.69 17.22
CA VAL E 54 1.60 23.83 17.45
C VAL E 54 1.19 23.11 18.74
N VAL E 55 1.75 21.93 18.97
CA VAL E 55 1.46 21.17 20.20
C VAL E 55 1.96 21.97 21.44
N SER E 56 3.21 22.44 21.40
CA SER E 56 3.78 23.25 22.48
C SER E 56 2.89 24.49 22.79
N GLN E 57 2.50 25.20 21.73
CA GLN E 57 1.65 26.37 21.89
C GLN E 57 0.31 26.05 22.55
N PHE E 58 -0.35 24.97 22.15
CA PHE E 58 -1.62 24.59 22.77
C PHE E 58 -1.41 24.17 24.21
N VAL E 59 -0.27 23.54 24.48
CA VAL E 59 0.07 23.11 25.82
C VAL E 59 0.31 24.36 26.69
N SER E 60 1.11 25.28 26.19
CA SER E 60 1.39 26.56 26.90
C SER E 60 0.16 27.41 27.21
N SER E 61 -0.89 27.28 26.39
CA SER E 61 -2.10 28.06 26.56
C SER E 61 -2.84 27.78 27.84
N MET E 62 -2.39 26.77 28.57
CA MET E 62 -3.03 26.43 29.82
C MET E 62 -2.22 26.87 31.10
N SER E 63 -1.28 27.83 30.98
CA SER E 63 -0.46 28.30 32.13
C SER E 63 -0.67 29.74 32.71
N ALA E 64 0.03 30.71 32.12
CA ALA E 64 0.01 32.11 32.59
C ALA E 64 -1.28 32.90 32.25
N SER E 65 -1.20 34.25 32.28
CA SER E 65 -2.35 35.16 31.96
C SER E 65 -2.17 36.51 32.62
N ALA E 66 -3.26 36.90 33.28
CA ALA E 66 -3.33 38.07 34.11
C ALA E 66 -3.03 37.48 35.51
N ASP E 67 -2.24 36.41 35.51
CA ASP E 67 -1.87 35.66 36.70
C ASP E 67 -0.36 35.68 36.85
N VAL E 68 0.17 36.87 36.97
CA VAL E 68 1.59 37.06 37.17
C VAL E 68 1.67 37.84 38.46
N LEU E 69 0.49 38.30 38.92
CA LEU E 69 0.27 39.08 40.18
C LEU E 69 1.43 39.08 41.21
N ALA E 70 1.30 38.22 42.25
CA ALA E 70 2.33 38.06 43.32
C ALA E 70 2.87 39.34 44.03
N MET E 71 2.14 40.46 43.95
CA MET E 71 2.54 41.76 44.59
C MET E 71 2.58 41.60 46.11
N SER E 72 1.40 41.73 46.70
CA SER E 72 1.17 41.54 48.14
C SER E 72 2.18 42.20 49.09
N LYS E 73 3.24 41.45 49.47
CA LYS E 73 4.31 41.91 50.41
C LYS E 73 3.76 42.58 51.67
N ILE E 74 2.55 42.16 52.06
CA ILE E 74 1.78 42.72 53.18
C ILE E 74 2.55 43.10 54.45
N GLU E 75 2.28 44.29 54.94
CA GLU E 75 2.87 44.77 56.19
C GLU E 75 1.85 44.51 57.27
N ILE E 76 2.23 43.74 58.27
CA ILE E 76 1.32 43.34 59.33
C ILE E 76 1.62 44.00 60.69
N LYS E 77 0.60 44.63 61.28
CA LYS E 77 0.73 45.28 62.59
C LYS E 77 0.69 44.22 63.70
N LEU E 78 1.83 44.02 64.36
CA LEU E 78 2.01 43.00 65.42
C LEU E 78 1.15 43.16 66.70
N SER E 79 0.85 44.40 67.09
CA SER E 79 0.04 44.66 68.30
C SER E 79 -1.45 44.30 68.15
N ASP E 80 -1.85 43.90 66.93
CA ASP E 80 -3.24 43.51 66.64
C ASP E 80 -3.48 42.04 66.97
N ILE E 81 -2.40 41.28 67.12
CA ILE E 81 -2.48 39.86 67.43
C ILE E 81 -1.93 39.63 68.86
N PRO E 82 -2.83 39.45 69.85
CA PRO E 82 -2.42 39.21 71.25
C PRO E 82 -1.81 37.81 71.45
N GLU E 83 -1.24 37.55 72.64
CA GLU E 83 -0.61 36.24 72.95
C GLU E 83 -1.53 35.01 72.87
N GLY E 84 -1.10 34.02 72.07
CA GLY E 84 -1.85 32.77 71.91
C GLY E 84 -2.80 32.71 70.71
N LYS E 85 -2.89 33.79 69.93
CA LYS E 85 -3.81 33.84 68.79
C LYS E 85 -3.12 33.67 67.43
N ASN E 86 -3.76 32.93 66.54
CA ASN E 86 -3.27 32.72 65.18
C ASN E 86 -4.12 33.56 64.21
N MET E 87 -3.55 34.64 63.69
CA MET E 87 -4.25 35.53 62.76
C MET E 87 -3.89 35.22 61.31
N ALA E 88 -4.89 34.88 60.50
CA ALA E 88 -4.70 34.54 59.08
C ALA E 88 -4.98 35.74 58.15
N PHE E 89 -4.13 35.91 57.13
CA PHE E 89 -4.27 36.99 56.14
C PHE E 89 -4.28 36.38 54.73
N LYS E 90 -4.62 37.18 53.73
CA LYS E 90 -4.59 36.70 52.34
C LYS E 90 -3.31 37.21 51.69
N TRP E 91 -2.41 36.27 51.35
CA TRP E 91 -1.11 36.63 50.76
C TRP E 91 -0.81 35.86 49.46
N ARG E 92 -0.72 36.62 48.35
CA ARG E 92 -0.48 36.06 47.02
C ARG E 92 -1.51 34.97 46.70
N GLY E 93 -2.78 35.26 47.00
CA GLY E 93 -3.88 34.32 46.79
C GLY E 93 -3.92 33.14 47.76
N LYS E 94 -3.00 33.12 48.71
CA LYS E 94 -2.89 32.02 49.67
C LYS E 94 -3.02 32.54 51.10
N PRO E 95 -3.52 31.70 52.01
CA PRO E 95 -3.59 32.05 53.43
C PRO E 95 -2.18 32.17 54.07
N LEU E 96 -1.94 33.26 54.81
CA LEU E 96 -0.66 33.51 55.49
C LEU E 96 -0.92 33.60 56.98
N PHE E 97 -0.29 32.72 57.75
CA PHE E 97 -0.48 32.72 59.19
C PHE E 97 0.60 33.53 59.89
N VAL E 98 0.20 34.42 60.80
CA VAL E 98 1.13 35.19 61.64
C VAL E 98 0.65 34.95 63.08
N ARG E 99 1.43 34.20 63.85
CA ARG E 99 1.01 33.78 65.18
C ARG E 99 1.85 34.29 66.35
N HIS E 100 1.18 34.82 67.37
CA HIS E 100 1.84 35.30 68.58
C HIS E 100 1.90 34.12 69.54
N ARG E 101 3.10 33.62 69.81
CA ARG E 101 3.28 32.49 70.71
C ARG E 101 3.61 32.94 72.15
N THR E 102 3.06 32.22 73.12
CA THR E 102 3.32 32.52 74.54
C THR E 102 4.65 31.87 74.96
N LYS E 103 5.15 32.22 76.15
CA LYS E 103 6.42 31.66 76.68
C LYS E 103 6.44 30.12 76.68
N LYS E 104 5.32 29.52 77.10
CA LYS E 104 5.17 28.06 77.18
C LYS E 104 5.34 27.32 75.82
N GLU E 105 4.84 27.92 74.74
CA GLU E 105 4.94 27.33 73.40
C GLU E 105 6.36 27.41 72.80
N ILE E 106 7.09 28.47 73.13
CA ILE E 106 8.47 28.65 72.66
C ILE E 106 9.37 27.55 73.26
N ASP E 107 9.17 27.29 74.55
CA ASP E 107 9.93 26.27 75.30
C ASP E 107 9.63 24.83 74.85
N GLN E 108 8.38 24.59 74.48
CA GLN E 108 7.93 23.28 74.05
C GLN E 108 8.52 22.88 72.68
N GLU E 109 8.69 23.86 71.79
CA GLU E 109 9.25 23.62 70.46
C GLU E 109 10.78 23.46 70.50
N ALA E 110 11.41 24.11 71.47
CA ALA E 110 12.85 24.02 71.65
C ALA E 110 13.22 22.68 72.33
N ALA E 111 12.25 22.07 73.01
CA ALA E 111 12.46 20.79 73.69
C ALA E 111 12.17 19.57 72.80
N VAL E 112 11.71 19.82 71.56
CA VAL E 112 11.38 18.73 70.59
C VAL E 112 12.65 18.01 70.06
N GLU E 113 12.66 16.68 70.18
CA GLU E 113 13.77 15.84 69.72
C GLU E 113 13.88 15.92 68.18
N VAL E 114 14.74 16.82 67.71
CA VAL E 114 14.97 17.12 66.28
C VAL E 114 15.24 15.91 65.34
N SER E 115 16.09 14.98 65.76
CA SER E 115 16.42 13.81 64.92
C SER E 115 15.27 12.80 64.62
N GLN E 116 14.14 12.94 65.32
CA GLN E 116 12.97 12.06 65.08
C GLN E 116 11.98 12.67 64.06
N LEU E 117 12.17 13.95 63.73
CA LEU E 117 11.28 14.67 62.80
C LEU E 117 11.39 14.18 61.35
N ARG E 118 10.28 14.29 60.61
CA ARG E 118 10.24 13.92 59.19
C ARG E 118 11.14 14.87 58.36
N ASP E 119 11.05 16.17 58.65
CA ASP E 119 11.90 17.19 58.02
C ASP E 119 12.69 17.85 59.19
N PRO E 120 13.91 17.35 59.43
CA PRO E 120 14.78 17.85 60.53
C PRO E 120 15.05 19.37 60.49
N GLN E 121 14.49 20.11 61.46
CA GLN E 121 14.69 21.56 61.58
C GLN E 121 14.40 22.04 63.01
N HIS E 122 15.30 22.87 63.55
CA HIS E 122 15.10 23.42 64.89
C HIS E 122 14.10 24.59 64.78
N ASP E 123 13.38 24.85 65.86
CA ASP E 123 12.39 25.93 65.90
C ASP E 123 13.04 27.32 65.64
N LEU E 124 14.26 27.50 66.18
CA LEU E 124 14.99 28.78 66.06
C LEU E 124 15.56 29.09 64.65
N GLU E 125 15.42 28.16 63.71
CA GLU E 125 15.86 28.41 62.33
C GLU E 125 14.61 28.56 61.47
N ARG E 126 13.46 28.57 62.14
CA ARG E 126 12.16 28.73 61.49
C ARG E 126 11.51 30.06 61.90
N VAL E 127 12.12 30.74 62.88
CA VAL E 127 11.63 32.05 63.37
C VAL E 127 12.82 33.05 63.55
N LYS E 128 12.53 34.36 63.54
CA LYS E 128 13.57 35.39 63.79
C LYS E 128 13.49 35.85 65.24
N LYS E 129 12.26 36.07 65.70
CA LYS E 129 11.97 36.41 67.08
C LYS E 129 11.23 35.18 67.64
N PRO E 130 11.71 34.60 68.75
CA PRO E 130 11.07 33.42 69.36
C PRO E 130 9.52 33.48 69.60
N GLU E 131 8.98 34.68 69.86
CA GLU E 131 7.53 34.84 70.10
C GLU E 131 6.66 35.05 68.83
N TRP E 132 7.27 34.94 67.64
CA TRP E 132 6.54 35.11 66.37
C TRP E 132 6.87 34.03 65.33
N VAL E 133 5.87 33.22 64.97
CA VAL E 133 6.02 32.21 63.91
C VAL E 133 5.13 32.63 62.72
N ILE E 134 5.74 32.79 61.55
CA ILE E 134 5.00 33.17 60.33
C ILE E 134 5.06 32.02 59.32
N LEU E 135 3.90 31.55 58.89
CA LEU E 135 3.83 30.40 57.98
C LEU E 135 2.80 30.59 56.87
N ILE E 136 2.92 29.79 55.82
CA ILE E 136 1.95 29.80 54.73
C ILE E 136 0.87 28.82 55.12
N GLY E 137 -0.39 29.25 55.07
CA GLY E 137 -1.51 28.38 55.42
C GLY E 137 -1.82 27.35 54.35
N VAL E 138 -0.80 26.64 53.90
CA VAL E 138 -0.93 25.62 52.86
C VAL E 138 -0.20 24.33 53.31
N CYS E 139 -0.95 23.25 53.45
CA CYS E 139 -0.41 21.94 53.86
C CYS E 139 0.44 21.32 52.75
N THR E 140 1.58 20.74 53.13
CA THR E 140 2.52 20.14 52.16
C THR E 140 2.04 18.81 51.55
N HIS E 141 0.96 18.24 52.10
CA HIS E 141 0.42 17.03 51.54
C HIS E 141 -0.39 17.36 50.29
N LEU E 142 -1.64 17.80 50.46
CA LEU E 142 -2.49 18.14 49.30
C LEU E 142 -3.06 19.58 49.27
N GLY E 143 -2.36 20.53 49.89
CA GLY E 143 -2.74 21.93 49.81
C GLY E 143 -3.93 22.49 50.60
N CYS E 144 -4.41 21.76 51.60
CA CYS E 144 -5.49 22.30 52.44
C CYS E 144 -4.93 23.33 53.40
N VAL E 145 -5.80 23.96 54.15
CA VAL E 145 -5.38 24.96 55.13
C VAL E 145 -5.44 24.37 56.56
N PRO E 146 -4.29 24.35 57.24
CA PRO E 146 -4.23 23.85 58.62
C PRO E 146 -5.06 24.72 59.57
N ILE E 147 -5.88 24.07 60.39
CA ILE E 147 -6.75 24.77 61.34
C ILE E 147 -6.00 25.07 62.63
N ALA E 148 -6.02 26.35 63.03
CA ALA E 148 -5.33 26.81 64.23
C ALA E 148 -5.81 26.16 65.55
N ASN E 149 -4.84 25.90 66.44
CA ASN E 149 -5.06 25.34 67.79
C ASN E 149 -5.81 24.01 67.88
N ALA E 150 -5.43 23.09 67.01
CA ALA E 150 -6.01 21.77 66.98
C ALA E 150 -4.90 20.75 66.71
N GLY E 151 -5.15 19.49 67.05
CA GLY E 151 -4.14 18.44 66.87
C GLY E 151 -3.46 18.03 68.18
N ASP E 152 -2.64 16.98 68.09
CA ASP E 152 -1.92 16.45 69.26
C ASP E 152 -0.79 17.34 69.74
N PHE E 153 -0.34 18.27 68.89
CA PHE E 153 0.82 19.07 69.23
C PHE E 153 0.59 20.54 69.49
N GLY E 154 -0.69 20.90 69.73
CA GLY E 154 -1.08 22.26 70.06
C GLY E 154 -0.65 23.33 69.07
N GLY E 155 -0.69 22.99 67.80
CA GLY E 155 -0.31 23.93 66.76
C GLY E 155 -1.32 24.02 65.65
N TYR E 156 -1.25 23.08 64.70
CA TYR E 156 -2.17 23.08 63.56
C TYR E 156 -2.60 21.66 63.22
N TYR E 157 -3.79 21.55 62.63
CA TYR E 157 -4.32 20.27 62.22
C TYR E 157 -4.98 20.43 60.87
N CYS E 158 -4.59 19.59 59.92
CA CYS E 158 -5.17 19.63 58.60
C CYS E 158 -6.20 18.51 58.47
N PRO E 159 -7.49 18.88 58.37
CA PRO E 159 -8.60 17.92 58.37
C PRO E 159 -8.77 16.99 57.15
N CYS E 160 -8.11 17.30 56.04
CA CYS E 160 -8.26 16.50 54.83
C CYS E 160 -7.77 15.04 54.92
N HIS E 161 -6.58 14.82 55.49
CA HIS E 161 -6.03 13.46 55.65
C HIS E 161 -5.32 13.23 56.98
N GLY E 162 -5.56 14.14 57.94
CA GLY E 162 -5.02 14.02 59.29
C GLY E 162 -3.58 14.46 59.55
N SER E 163 -3.19 15.63 59.03
CA SER E 163 -1.84 16.15 59.27
C SER E 163 -1.78 16.99 60.52
N HIS E 164 -1.00 16.53 61.50
CA HIS E 164 -0.86 17.25 62.76
C HIS E 164 0.44 18.04 62.75
N TYR E 165 0.35 19.34 63.04
CA TYR E 165 1.52 20.21 63.07
C TYR E 165 1.71 20.81 64.48
N ASP E 166 2.94 21.21 64.80
CA ASP E 166 3.21 21.88 66.09
C ASP E 166 3.25 23.43 65.95
N ALA E 167 3.65 24.13 67.03
CA ALA E 167 3.67 25.60 67.03
C ALA E 167 4.75 26.25 66.15
N SER E 168 5.62 25.43 65.58
CA SER E 168 6.66 25.95 64.70
C SER E 168 6.26 25.67 63.27
N GLY E 169 5.20 24.86 63.10
CA GLY E 169 4.69 24.48 61.79
C GLY E 169 5.25 23.18 61.25
N ARG E 170 5.95 22.43 62.11
CA ARG E 170 6.58 21.15 61.72
C ARG E 170 5.61 19.96 61.67
N ILE E 171 5.78 19.09 60.67
CA ILE E 171 4.93 17.90 60.57
C ILE E 171 5.34 16.81 61.59
N ARG E 172 4.36 16.31 62.33
CA ARG E 172 4.61 15.32 63.38
C ARG E 172 3.79 14.04 63.21
N LYS E 173 2.63 14.16 62.58
CA LYS E 173 1.75 13.02 62.39
C LYS E 173 0.95 13.19 61.09
N GLY E 174 0.67 12.08 60.40
CA GLY E 174 -0.05 12.14 59.14
C GLY E 174 0.88 11.93 57.95
N PRO E 175 0.33 12.03 56.74
CA PRO E 175 1.11 11.82 55.53
C PRO E 175 1.82 13.05 54.91
N ALA E 176 1.71 14.25 55.52
CA ALA E 176 2.39 15.46 54.97
C ALA E 176 3.93 15.32 54.99
N PRO E 177 4.54 15.42 53.81
CA PRO E 177 5.99 15.22 53.65
C PRO E 177 6.91 16.26 54.32
N LEU E 178 6.54 17.54 54.30
CA LEU E 178 7.41 18.59 54.85
C LEU E 178 6.70 19.52 55.83
N ASN E 179 7.49 20.39 56.47
CA ASN E 179 6.96 21.40 57.39
C ASN E 179 6.33 22.53 56.55
N LEU E 180 5.34 23.23 57.12
CA LEU E 180 4.66 24.36 56.43
C LEU E 180 5.75 25.36 56.03
N GLU E 181 5.66 25.89 54.81
CA GLU E 181 6.67 26.81 54.33
C GLU E 181 6.77 28.10 55.11
N VAL E 182 7.98 28.44 55.53
CA VAL E 182 8.25 29.69 56.21
C VAL E 182 8.59 30.72 55.13
N PRO E 183 7.77 31.77 55.02
CA PRO E 183 8.01 32.81 54.02
C PRO E 183 9.21 33.69 54.35
N SER E 184 9.73 34.36 53.33
CA SER E 184 10.85 35.27 53.49
C SER E 184 10.29 36.48 54.24
N TYR E 185 10.78 36.75 55.46
CA TYR E 185 10.28 37.90 56.26
C TYR E 185 11.32 38.64 57.16
N GLU E 186 10.96 39.86 57.59
CA GLU E 186 11.82 40.68 58.46
C GLU E 186 10.97 41.66 59.30
N PHE E 187 11.52 42.08 60.42
CA PHE E 187 10.84 43.04 61.30
C PHE E 187 11.41 44.46 61.09
N THR E 188 10.56 45.39 60.62
CA THR E 188 10.99 46.78 60.39
C THR E 188 10.97 47.61 61.68
N SER E 189 10.31 47.06 62.71
CA SER E 189 10.22 47.69 64.04
C SER E 189 9.64 46.70 65.07
N ASP E 190 9.40 47.19 66.29
CA ASP E 190 8.84 46.34 67.36
C ASP E 190 7.34 46.03 67.18
N ASP E 191 6.67 46.83 66.34
CA ASP E 191 5.24 46.62 66.08
C ASP E 191 4.93 46.20 64.62
N MET E 192 5.93 46.27 63.74
CA MET E 192 5.72 45.93 62.31
C MET E 192 6.54 44.74 61.80
N VAL E 193 5.95 44.00 60.86
CA VAL E 193 6.64 42.90 60.19
C VAL E 193 6.30 42.92 58.67
N ILE E 194 7.33 42.94 57.83
CA ILE E 194 7.12 42.92 56.38
C ILE E 194 7.41 41.51 55.84
N VAL E 195 6.36 40.82 55.41
CA VAL E 195 6.49 39.45 54.86
C VAL E 195 6.57 39.58 53.32
N GLY E 196 7.66 39.09 52.72
CA GLY E 196 7.85 39.16 51.27
C GLY E 196 8.99 40.05 50.81
N VAL F 6 -33.12 15.10 -46.29
CA VAL F 6 -32.01 14.65 -47.18
C VAL F 6 -30.91 15.74 -47.41
N SER F 7 -31.28 16.86 -48.05
CA SER F 7 -30.31 17.89 -48.45
C SER F 7 -29.72 18.83 -47.39
N ALA F 8 -29.46 20.08 -47.80
CA ALA F 8 -28.85 21.15 -46.99
C ALA F 8 -29.12 21.14 -45.48
N SER F 9 -30.41 21.06 -45.13
CA SER F 9 -30.87 21.04 -43.75
C SER F 9 -30.38 19.79 -42.93
N SER F 10 -30.56 18.60 -43.49
CA SER F 10 -30.16 17.37 -42.82
C SER F 10 -28.68 17.33 -42.55
N ARG F 11 -27.91 17.84 -43.50
CA ARG F 11 -26.47 17.90 -43.37
C ARG F 11 -26.08 18.91 -42.33
N TRP F 12 -26.90 19.96 -42.20
CA TRP F 12 -26.65 21.00 -41.23
C TRP F 12 -26.92 20.49 -39.84
N LEU F 13 -27.99 19.69 -39.67
CA LEU F 13 -28.28 19.09 -38.36
C LEU F 13 -27.23 18.00 -38.10
N GLU F 14 -26.78 17.35 -39.15
CA GLU F 14 -25.78 16.32 -39.03
C GLU F 14 -24.43 16.91 -38.66
N GLY F 15 -24.13 18.11 -39.19
CA GLY F 15 -22.85 18.75 -38.88
C GLY F 15 -22.89 19.38 -37.50
N ILE F 16 -24.09 19.83 -37.06
CA ILE F 16 -24.25 20.36 -35.70
C ILE F 16 -24.00 19.16 -34.76
N ARG F 17 -24.59 18.00 -35.08
CA ARG F 17 -24.39 16.78 -34.24
C ARG F 17 -22.94 16.37 -34.24
N LYS F 18 -22.26 16.53 -35.39
CA LYS F 18 -20.87 16.17 -35.48
C LYS F 18 -20.08 17.12 -34.65
N TRP F 19 -20.48 18.40 -34.67
CA TRP F 19 -19.81 19.43 -33.90
C TRP F 19 -19.89 19.17 -32.38
N TYR F 20 -21.08 18.79 -31.91
CA TYR F 20 -21.30 18.54 -30.49
C TYR F 20 -20.44 17.39 -30.07
N TYR F 21 -20.48 16.36 -30.89
CA TYR F 21 -19.69 15.15 -30.70
C TYR F 21 -18.24 15.55 -30.45
N ASN F 22 -17.65 16.31 -31.36
CA ASN F 22 -16.25 16.68 -31.22
C ASN F 22 -15.96 17.50 -29.97
N ALA F 23 -16.95 18.34 -29.61
CA ALA F 23 -16.85 19.20 -28.47
C ALA F 23 -16.97 18.36 -27.20
N ALA F 24 -17.90 17.39 -27.23
CA ALA F 24 -18.13 16.49 -26.11
C ALA F 24 -16.83 15.83 -25.65
N GLY F 25 -15.93 15.55 -26.58
CA GLY F 25 -14.63 15.05 -26.24
C GLY F 25 -14.39 13.67 -25.66
N PHE F 26 -15.36 12.74 -25.73
CA PHE F 26 -15.07 11.39 -25.28
C PHE F 26 -14.18 10.68 -26.28
N ASN F 27 -14.33 11.07 -27.54
CA ASN F 27 -13.51 10.61 -28.64
C ASN F 27 -12.02 10.75 -28.36
N LYS F 28 -11.66 11.81 -27.64
CA LYS F 28 -10.27 12.11 -27.36
C LYS F 28 -9.63 11.10 -26.45
N LEU F 29 -10.48 10.38 -25.70
CA LEU F 29 -10.06 9.33 -24.80
C LEU F 29 -10.43 7.97 -25.37
N GLY F 30 -10.54 7.89 -26.71
CA GLY F 30 -10.81 6.65 -27.42
C GLY F 30 -12.12 5.98 -27.09
N LEU F 31 -12.96 6.69 -26.34
CA LEU F 31 -14.24 6.18 -25.91
C LEU F 31 -15.24 6.21 -27.03
N MET F 32 -16.26 5.39 -26.90
CA MET F 32 -17.31 5.40 -27.83
C MET F 32 -18.50 5.97 -27.03
N ARG F 33 -19.53 6.46 -27.70
CA ARG F 33 -20.67 7.05 -27.01
C ARG F 33 -21.29 6.13 -25.96
N ASP F 34 -21.51 4.88 -26.34
CA ASP F 34 -22.11 3.95 -25.44
C ASP F 34 -21.26 3.63 -24.16
N ASP F 35 -19.95 3.93 -24.22
CA ASP F 35 -19.04 3.71 -23.08
C ASP F 35 -19.25 4.79 -22.05
N THR F 36 -19.93 5.86 -22.42
CA THR F 36 -20.12 6.95 -21.50
C THR F 36 -21.50 6.92 -20.81
N ILE F 37 -22.41 6.07 -21.29
CA ILE F 37 -23.77 5.94 -20.72
C ILE F 37 -23.69 5.73 -19.18
N HIS F 38 -24.60 6.42 -18.47
CA HIS F 38 -24.73 6.27 -17.02
C HIS F 38 -25.37 4.95 -16.69
N GLU F 39 -24.81 4.24 -15.74
CA GLU F 39 -25.29 2.92 -15.40
C GLU F 39 -26.48 2.79 -14.49
N ASN F 40 -27.69 2.74 -15.02
CA ASN F 40 -28.84 2.42 -14.18
C ASN F 40 -29.16 0.90 -14.38
N ASP F 41 -30.24 0.40 -13.80
CA ASP F 41 -30.56 -1.00 -13.95
C ASP F 41 -30.69 -1.47 -15.40
N ASP F 42 -31.47 -0.72 -16.21
CA ASP F 42 -31.69 -1.07 -17.62
C ASP F 42 -30.32 -1.25 -18.28
N VAL F 43 -29.45 -0.29 -18.04
CA VAL F 43 -28.12 -0.31 -18.59
C VAL F 43 -27.22 -1.43 -18.02
N LYS F 44 -27.35 -1.67 -16.71
CA LYS F 44 -26.52 -2.65 -16.07
C LYS F 44 -26.82 -4.02 -16.71
N GLU F 45 -28.12 -4.22 -17.05
CA GLU F 45 -28.59 -5.45 -17.68
C GLU F 45 -28.13 -5.57 -19.06
N ALA F 46 -28.15 -4.46 -19.82
CA ALA F 46 -27.69 -4.48 -21.21
C ALA F 46 -26.21 -4.85 -21.24
N ILE F 47 -25.41 -4.22 -20.38
CA ILE F 47 -23.98 -4.58 -20.29
C ILE F 47 -23.84 -6.07 -20.08
N ARG F 48 -24.68 -6.63 -19.20
CA ARG F 48 -24.64 -8.04 -18.86
C ARG F 48 -24.92 -8.88 -20.06
N ARG F 49 -25.93 -8.49 -20.84
CA ARG F 49 -26.31 -9.22 -22.04
C ARG F 49 -25.36 -9.14 -23.21
N LEU F 50 -24.33 -8.28 -23.14
CA LEU F 50 -23.35 -8.15 -24.27
C LEU F 50 -22.63 -9.42 -24.49
N PRO F 51 -22.21 -9.66 -25.72
CA PRO F 51 -21.45 -10.85 -26.01
C PRO F 51 -20.02 -10.61 -25.55
N GLU F 52 -19.32 -11.72 -25.35
CA GLU F 52 -17.94 -11.78 -24.87
C GLU F 52 -17.02 -10.73 -25.49
N ASN F 53 -16.97 -10.68 -26.81
CA ASN F 53 -16.08 -9.72 -27.51
C ASN F 53 -16.30 -8.22 -27.22
N LEU F 54 -17.55 -7.76 -27.40
CA LEU F 54 -17.93 -6.43 -27.13
C LEU F 54 -17.66 -6.12 -25.67
N TYR F 55 -18.08 -7.01 -24.76
CA TYR F 55 -17.82 -6.79 -23.35
C TYR F 55 -16.32 -6.58 -23.09
N ASP F 56 -15.50 -7.42 -23.66
CA ASP F 56 -14.10 -7.25 -23.41
C ASP F 56 -13.58 -5.96 -23.94
N ASP F 57 -14.01 -5.57 -25.16
CA ASP F 57 -13.59 -4.29 -25.82
C ASP F 57 -14.03 -3.11 -25.03
N ARG F 58 -15.28 -3.14 -24.57
CA ARG F 58 -15.80 -2.08 -23.70
C ARG F 58 -14.93 -1.89 -22.42
N VAL F 59 -14.54 -2.99 -21.72
CA VAL F 59 -13.66 -2.80 -20.57
C VAL F 59 -12.33 -2.21 -20.91
N PHE F 60 -11.75 -2.61 -22.05
CA PHE F 60 -10.45 -2.05 -22.39
C PHE F 60 -10.55 -0.58 -22.69
N ARG F 61 -11.62 -0.18 -23.38
CA ARG F 61 -11.82 1.23 -23.67
C ARG F 61 -11.96 2.02 -22.37
N ILE F 62 -12.88 1.63 -21.49
CA ILE F 62 -13.04 2.35 -20.23
C ILE F 62 -11.70 2.45 -19.50
N LYS F 63 -10.94 1.36 -19.50
CA LYS F 63 -9.65 1.34 -18.81
C LYS F 63 -8.69 2.27 -19.44
N ARG F 64 -8.69 2.30 -20.78
CA ARG F 64 -7.81 3.17 -21.51
C ARG F 64 -8.12 4.61 -21.17
N ALA F 65 -9.41 4.94 -21.10
CA ALA F 65 -9.85 6.30 -20.76
C ALA F 65 -9.54 6.69 -19.28
N LEU F 66 -9.94 5.86 -18.31
CA LEU F 66 -9.66 6.15 -16.89
C LEU F 66 -8.17 6.40 -16.66
N ASP F 67 -7.35 5.67 -17.38
CA ASP F 67 -5.92 5.81 -17.30
C ASP F 67 -5.51 7.17 -17.83
N LEU F 68 -6.05 7.52 -18.99
CA LEU F 68 -5.75 8.82 -19.61
C LEU F 68 -6.26 9.92 -18.73
N SER F 69 -7.50 9.80 -18.30
CA SER F 69 -8.14 10.74 -17.43
C SER F 69 -7.37 10.95 -16.16
N MET F 70 -6.64 9.92 -15.72
CA MET F 70 -5.85 10.02 -14.50
C MET F 70 -4.69 10.91 -14.72
N ARG F 71 -3.89 10.66 -15.73
CA ARG F 71 -2.74 11.53 -15.94
C ARG F 71 -3.06 12.75 -16.79
N GLN F 72 -4.36 12.98 -16.92
CA GLN F 72 -4.92 14.11 -17.67
C GLN F 72 -4.37 14.37 -19.03
N GLN F 73 -4.03 13.29 -19.69
CA GLN F 73 -3.58 13.31 -21.03
C GLN F 73 -4.76 12.95 -21.92
N ILE F 74 -4.46 12.77 -23.20
CA ILE F 74 -5.45 12.51 -24.20
C ILE F 74 -4.79 11.75 -25.35
N LEU F 75 -5.56 11.09 -26.18
CA LEU F 75 -4.97 10.34 -27.29
C LEU F 75 -4.52 11.23 -28.48
N PRO F 76 -3.46 10.80 -29.19
CA PRO F 76 -3.05 11.49 -30.44
C PRO F 76 -4.29 11.64 -31.32
N LYS F 77 -4.39 12.71 -32.09
CA LYS F 77 -5.60 12.97 -32.88
C LYS F 77 -6.09 11.86 -33.81
N GLU F 78 -5.16 11.08 -34.34
CA GLU F 78 -5.51 10.03 -35.30
C GLU F 78 -6.22 8.86 -34.64
N GLN F 79 -6.01 8.72 -33.33
CA GLN F 79 -6.64 7.65 -32.57
C GLN F 79 -7.92 8.08 -31.87
N TRP F 80 -8.39 9.30 -32.13
CA TRP F 80 -9.66 9.70 -31.55
C TRP F 80 -10.72 8.92 -32.29
N THR F 81 -11.80 8.62 -31.65
CA THR F 81 -12.80 7.94 -32.37
C THR F 81 -13.51 8.89 -33.24
N LYS F 82 -13.69 8.49 -34.45
CA LYS F 82 -14.33 9.32 -35.40
C LYS F 82 -15.79 9.14 -35.25
N TYR F 83 -16.50 10.25 -35.36
CA TYR F 83 -17.95 10.29 -35.30
C TYR F 83 -18.41 9.37 -36.40
N GLU F 84 -19.60 8.80 -36.26
CA GLU F 84 -20.12 7.91 -37.31
C GLU F 84 -19.08 6.99 -37.99
N GLU F 85 -18.46 6.26 -37.08
CA GLU F 85 -17.53 5.20 -37.24
C GLU F 85 -17.66 4.77 -35.76
N ASP F 86 -18.56 5.51 -35.08
CA ASP F 86 -18.86 5.33 -33.70
C ASP F 86 -20.03 4.38 -33.61
N LYS F 87 -19.68 3.10 -33.42
CA LYS F 87 -20.62 2.01 -33.35
C LYS F 87 -21.39 2.07 -32.03
N SER F 88 -22.70 2.13 -32.11
CA SER F 88 -23.50 2.16 -30.93
C SER F 88 -23.88 0.71 -30.55
N TYR F 89 -22.87 -0.04 -30.06
CA TYR F 89 -23.00 -1.43 -29.72
C TYR F 89 -24.07 -1.78 -28.65
N LEU F 90 -24.29 -0.85 -27.70
CA LEU F 90 -25.24 -1.07 -26.58
C LEU F 90 -26.71 -0.89 -26.93
N GLU F 91 -26.99 0.12 -27.75
CA GLU F 91 -28.35 0.49 -28.13
C GLU F 91 -29.39 -0.64 -28.29
N PRO F 92 -29.13 -1.64 -29.18
CA PRO F 92 -30.12 -2.69 -29.40
C PRO F 92 -30.39 -3.45 -28.13
N TYR F 93 -29.37 -3.65 -27.29
CA TYR F 93 -29.59 -4.38 -26.03
C TYR F 93 -30.38 -3.54 -25.07
N LEU F 94 -30.01 -2.27 -24.96
CA LEU F 94 -30.69 -1.39 -24.04
C LEU F 94 -32.13 -1.29 -24.45
N LYS F 95 -32.37 -1.15 -25.76
CA LYS F 95 -33.72 -0.99 -26.24
C LYS F 95 -34.61 -2.13 -25.83
N GLU F 96 -34.11 -3.35 -26.00
CA GLU F 96 -34.88 -4.55 -25.65
C GLU F 96 -35.11 -4.70 -24.15
N VAL F 97 -34.14 -4.28 -23.34
CA VAL F 97 -34.26 -4.39 -21.89
C VAL F 97 -35.35 -3.45 -21.41
N ILE F 98 -35.41 -2.28 -22.03
CA ILE F 98 -36.44 -1.29 -21.74
C ILE F 98 -37.77 -1.79 -22.18
N ARG F 99 -37.80 -2.39 -23.35
CA ARG F 99 -39.04 -2.88 -23.90
C ARG F 99 -39.62 -3.96 -22.97
N GLU F 100 -38.72 -4.79 -22.44
CA GLU F 100 -39.09 -5.84 -21.47
C GLU F 100 -39.61 -5.26 -20.20
N ARG F 101 -38.97 -4.20 -19.73
CA ARG F 101 -39.42 -3.58 -18.47
C ARG F 101 -40.76 -2.94 -18.61
N LYS F 102 -40.97 -2.27 -19.74
CA LYS F 102 -42.22 -1.59 -20.04
C LYS F 102 -43.40 -2.56 -20.13
N GLU F 103 -43.14 -3.76 -20.63
CA GLU F 103 -44.19 -4.77 -20.71
C GLU F 103 -44.54 -5.21 -19.24
N ARG F 104 -43.52 -5.35 -18.40
CA ARG F 104 -43.76 -5.76 -17.04
C ARG F 104 -44.65 -4.69 -16.45
N GLU F 105 -44.26 -3.44 -16.69
CA GLU F 105 -45.01 -2.31 -16.20
C GLU F 105 -46.47 -2.27 -16.68
N GLU F 106 -46.73 -2.64 -17.94
CA GLU F 106 -48.11 -2.64 -18.40
C GLU F 106 -48.90 -3.66 -17.66
N TRP F 107 -48.32 -4.84 -17.49
CA TRP F 107 -48.98 -5.93 -16.77
C TRP F 107 -49.27 -5.57 -15.32
N ALA F 108 -48.37 -4.80 -14.72
CA ALA F 108 -48.53 -4.37 -13.34
C ALA F 108 -49.69 -3.39 -13.13
N LYS F 109 -50.28 -2.88 -14.22
CA LYS F 109 -51.36 -1.91 -14.11
C LYS F 109 -52.72 -2.53 -14.07
N LYS F 110 -52.87 -3.65 -14.71
CA LYS F 110 -54.19 -4.24 -14.79
C LYS F 110 -54.71 -4.85 -13.48
N GLY G 1 -18.91 -1.76 1.81
CA GLY G 1 -18.49 -3.02 1.10
C GLY G 1 -17.38 -2.78 0.05
N ARG G 2 -17.42 -3.58 -1.01
CA ARG G 2 -16.50 -3.44 -2.07
C ARG G 2 -15.47 -4.48 -2.27
N GLN G 3 -14.37 -4.37 -1.54
CA GLN G 3 -13.23 -5.36 -1.59
C GLN G 3 -12.50 -5.43 -2.91
N PHE G 4 -11.52 -6.26 -3.02
CA PHE G 4 -10.75 -6.39 -4.24
C PHE G 4 -10.85 -7.85 -4.52
N GLY G 5 -11.21 -8.22 -5.73
CA GLY G 5 -11.37 -9.62 -6.06
C GLY G 5 -12.84 -9.91 -6.24
N HIS G 6 -13.69 -8.93 -5.87
CA HIS G 6 -15.12 -9.03 -6.07
C HIS G 6 -15.67 -7.81 -6.80
N LEU G 7 -14.81 -7.02 -7.44
CA LEU G 7 -15.29 -5.81 -8.13
C LEU G 7 -16.00 -6.07 -9.44
N THR G 8 -15.27 -6.52 -10.46
CA THR G 8 -15.85 -6.81 -11.76
C THR G 8 -14.99 -7.83 -12.58
N ARG G 9 -15.49 -8.26 -13.73
CA ARG G 9 -14.79 -9.22 -14.59
C ARG G 9 -13.92 -8.53 -15.70
N VAL G 10 -12.64 -8.83 -15.73
CA VAL G 10 -11.76 -8.26 -16.72
C VAL G 10 -10.89 -9.32 -17.38
N ARG G 11 -10.79 -9.27 -18.72
CA ARG G 11 -10.00 -10.24 -19.45
C ARG G 11 -9.07 -9.65 -20.49
N HIS G 12 -7.92 -10.30 -20.66
CA HIS G 12 -6.95 -9.97 -21.72
C HIS G 12 -6.31 -8.59 -21.67
N VAL G 13 -5.97 -8.12 -20.50
CA VAL G 13 -5.38 -6.82 -20.34
C VAL G 13 -4.10 -6.96 -19.56
N ILE G 14 -2.98 -6.61 -20.20
CA ILE G 14 -1.69 -6.68 -19.51
C ILE G 14 -1.33 -5.30 -18.93
N THR G 15 -0.63 -5.26 -17.78
CA THR G 15 -0.22 -3.97 -17.22
C THR G 15 1.23 -3.96 -16.82
N TYR G 16 2.05 -3.30 -17.60
CA TYR G 16 3.46 -3.18 -17.29
C TYR G 16 3.63 -2.03 -16.33
N SER G 17 4.38 -2.23 -15.27
CA SER G 17 4.64 -1.19 -14.28
C SER G 17 6.10 -1.22 -13.96
N LEU G 18 6.56 -0.15 -13.34
CA LEU G 18 7.94 -0.05 -12.95
C LEU G 18 8.00 0.48 -11.52
N SER G 19 8.95 -0.01 -10.77
CA SER G 19 9.15 0.40 -9.40
C SER G 19 9.47 1.93 -9.29
N PRO G 20 8.90 2.59 -8.27
CA PRO G 20 9.12 4.02 -8.01
C PRO G 20 10.59 4.39 -7.76
N PHE G 21 11.40 3.41 -7.39
CA PHE G 21 12.79 3.64 -7.10
C PHE G 21 13.63 3.51 -8.36
N GLU G 22 12.97 3.28 -9.50
CA GLU G 22 13.71 3.14 -10.73
C GLU G 22 13.32 4.11 -11.77
N GLN G 23 12.44 5.00 -11.41
CA GLN G 23 12.01 5.98 -12.32
C GLN G 23 12.00 7.36 -11.66
N ARG G 24 11.86 8.41 -12.46
CA ARG G 24 11.86 9.72 -11.91
C ARG G 24 10.48 10.21 -11.55
N ALA G 25 10.39 10.95 -10.46
CA ALA G 25 9.13 11.52 -9.97
C ALA G 25 8.63 12.66 -10.86
N PHE G 26 9.57 13.36 -11.48
CA PHE G 26 9.22 14.44 -12.40
C PHE G 26 9.96 14.26 -13.69
N PRO G 27 9.46 13.39 -14.59
CA PRO G 27 10.06 13.22 -15.92
C PRO G 27 9.99 14.54 -16.68
N HIS G 28 9.74 14.54 -17.96
CA HIS G 28 9.69 15.82 -18.71
C HIS G 28 8.73 16.89 -18.01
N TYR G 29 9.09 17.34 -16.81
CA TYR G 29 8.20 18.19 -15.99
C TYR G 29 7.87 19.53 -16.62
N PHE G 30 8.87 20.21 -17.11
CA PHE G 30 8.61 21.46 -17.74
C PHE G 30 8.40 21.24 -19.23
N SER G 31 9.20 20.32 -19.81
CA SER G 31 9.13 19.95 -21.22
C SER G 31 7.68 19.52 -21.63
N LYS G 32 7.25 18.31 -21.26
CA LYS G 32 5.88 17.89 -21.59
C LYS G 32 4.82 18.58 -20.73
N GLY G 33 5.21 18.93 -19.51
CA GLY G 33 4.33 19.55 -18.56
C GLY G 33 3.62 20.80 -18.98
N ILE G 34 4.35 21.90 -19.19
CA ILE G 34 3.69 23.15 -19.59
C ILE G 34 2.73 23.14 -20.83
N PRO G 35 3.15 22.49 -21.94
CA PRO G 35 2.27 22.30 -23.10
C PRO G 35 0.92 21.72 -22.72
N ASN G 36 0.94 20.77 -21.80
CA ASN G 36 -0.28 20.14 -21.32
C ASN G 36 -1.20 21.07 -20.61
N VAL G 37 -0.65 21.94 -19.76
CA VAL G 37 -1.50 22.87 -19.05
C VAL G 37 -2.13 23.89 -19.99
N LEU G 38 -1.37 24.30 -21.03
CA LEU G 38 -1.89 25.24 -22.01
C LEU G 38 -3.03 24.57 -22.79
N ARG G 39 -2.81 23.31 -23.16
CA ARG G 39 -3.80 22.52 -23.89
C ARG G 39 -5.07 22.30 -23.04
N ARG G 40 -4.89 22.11 -21.74
CA ARG G 40 -6.01 21.89 -20.85
C ARG G 40 -6.75 23.20 -20.71
N THR G 41 -5.99 24.30 -20.74
CA THR G 41 -6.57 25.63 -20.64
C THR G 41 -7.43 25.92 -21.85
N ARG G 42 -6.89 25.67 -23.07
CA ARG G 42 -7.62 25.90 -24.37
C ARG G 42 -8.95 25.18 -24.37
N ALA G 43 -8.86 23.92 -23.93
CA ALA G 43 -9.98 23.03 -23.89
C ALA G 43 -11.09 23.55 -23.03
N CYS G 44 -10.74 24.31 -22.00
CA CYS G 44 -11.77 24.75 -21.10
C CYS G 44 -12.13 26.22 -21.05
N ILE G 45 -11.29 27.14 -21.57
CA ILE G 45 -11.60 28.60 -21.44
C ILE G 45 -12.98 29.00 -21.88
N LEU G 46 -13.37 28.59 -23.07
CA LEU G 46 -14.67 28.92 -23.62
C LEU G 46 -15.86 28.44 -22.81
N ARG G 47 -15.61 27.60 -21.85
CA ARG G 47 -16.68 27.10 -21.01
C ARG G 47 -16.61 27.68 -19.62
N VAL G 48 -15.41 27.99 -19.13
CA VAL G 48 -15.26 28.57 -17.81
C VAL G 48 -15.25 30.09 -17.85
N ALA G 49 -14.32 30.67 -18.64
CA ALA G 49 -14.15 32.16 -18.78
C ALA G 49 -15.37 33.07 -18.99
N PRO G 50 -16.18 32.86 -20.05
CA PRO G 50 -17.32 33.76 -20.32
C PRO G 50 -18.23 34.09 -19.16
N PRO G 51 -18.83 33.13 -18.46
CA PRO G 51 -19.67 33.45 -17.30
C PRO G 51 -19.01 34.43 -16.35
N PHE G 52 -17.74 34.21 -16.09
CA PHE G 52 -17.03 35.05 -15.18
C PHE G 52 -16.84 36.47 -15.65
N VAL G 53 -16.47 36.68 -16.93
CA VAL G 53 -16.33 38.06 -17.40
C VAL G 53 -17.65 38.74 -17.37
N ALA G 54 -18.74 38.04 -17.68
CA ALA G 54 -20.07 38.63 -17.60
C ALA G 54 -20.30 39.22 -16.18
N PHE G 55 -19.87 38.49 -15.13
CA PHE G 55 -19.93 39.00 -13.76
C PHE G 55 -18.95 40.20 -13.59
N TYR G 56 -17.70 40.02 -14.05
CA TYR G 56 -16.67 41.07 -13.95
C TYR G 56 -17.20 42.37 -14.47
N LEU G 57 -17.84 42.31 -15.63
CA LEU G 57 -18.44 43.46 -16.24
C LEU G 57 -19.60 43.97 -15.38
N VAL G 58 -20.54 43.08 -15.02
CA VAL G 58 -21.69 43.49 -14.19
C VAL G 58 -21.24 44.13 -12.85
N TYR G 59 -20.11 43.66 -12.33
CA TYR G 59 -19.52 44.18 -11.08
C TYR G 59 -19.00 45.64 -11.21
N THR G 60 -18.17 45.90 -12.24
CA THR G 60 -17.59 47.22 -12.43
C THR G 60 -18.63 48.27 -12.87
N TRP G 61 -19.54 47.88 -13.75
CA TRP G 61 -20.63 48.74 -14.14
C TRP G 61 -21.48 49.05 -12.92
N GLY G 62 -21.88 47.98 -12.20
CA GLY G 62 -22.73 48.07 -11.00
C GLY G 62 -22.21 49.02 -9.93
N THR G 63 -20.89 49.03 -9.78
CA THR G 63 -20.25 49.89 -8.84
C THR G 63 -20.28 51.33 -9.34
N GLN G 64 -19.95 51.53 -10.63
CA GLN G 64 -19.96 52.88 -11.25
C GLN G 64 -21.29 53.53 -11.18
N GLU G 65 -22.36 52.80 -11.52
CA GLU G 65 -23.71 53.38 -11.49
C GLU G 65 -24.07 53.85 -10.09
N PHE G 66 -23.81 53.00 -9.11
CA PHE G 66 -24.09 53.30 -7.71
C PHE G 66 -23.42 54.60 -7.19
N GLU G 67 -22.08 54.69 -7.38
CA GLU G 67 -21.28 55.84 -6.94
C GLU G 67 -21.56 57.13 -7.70
N LYS G 68 -21.85 56.98 -8.99
CA LYS G 68 -22.18 58.12 -9.82
C LYS G 68 -23.58 58.61 -9.50
N SER G 69 -24.40 57.73 -8.94
CA SER G 69 -25.78 58.10 -8.63
C SER G 69 -25.99 59.03 -7.46
N LYS G 70 -25.09 58.98 -6.49
CA LYS G 70 -25.17 59.82 -5.30
C LYS G 70 -24.57 61.22 -5.51
N ARG G 71 -24.66 61.71 -6.74
CA ARG G 71 -24.16 63.02 -7.13
C ARG G 71 -25.32 63.66 -7.91
N LYS G 72 -25.29 64.99 -8.15
CA LYS G 72 -26.41 65.64 -8.83
C LYS G 72 -26.14 67.05 -9.32
N ASN G 73 -26.58 67.38 -10.54
CA ASN G 73 -26.47 68.76 -11.01
C ASN G 73 -27.75 69.68 -10.71
N PRO G 74 -28.59 70.08 -11.69
CA PRO G 74 -29.76 70.94 -11.36
C PRO G 74 -30.93 70.23 -10.61
N ALA G 75 -31.96 71.03 -10.24
CA ALA G 75 -33.15 70.54 -9.51
C ALA G 75 -32.85 69.88 -8.17
N GLU H 9 1.07 77.91 15.70
CA GLU H 9 0.20 78.76 16.57
C GLU H 9 0.23 80.23 16.14
N GLU H 10 1.33 80.93 16.45
CA GLU H 10 1.50 82.33 15.98
C GLU H 10 2.65 82.36 14.97
N GLU H 11 3.73 81.61 15.28
CA GLU H 11 4.96 81.51 14.45
C GLU H 11 6.09 80.78 15.22
N GLU H 12 6.49 79.60 14.73
CA GLU H 12 7.60 78.77 15.30
C GLU H 12 7.84 77.27 15.09
N LEU H 13 6.80 76.52 14.73
CA LEU H 13 6.98 75.09 14.47
C LEU H 13 6.59 74.68 13.02
N VAL H 14 7.57 74.17 12.28
CA VAL H 14 7.42 73.82 10.86
C VAL H 14 6.70 72.50 10.51
N ASP H 15 5.36 72.57 10.42
CA ASP H 15 4.52 71.38 10.06
C ASP H 15 4.87 70.83 8.71
N PRO H 16 5.39 69.59 8.68
CA PRO H 16 5.75 68.96 7.40
C PRO H 16 4.49 68.80 6.59
N LEU H 17 3.37 68.58 7.28
CA LEU H 17 2.07 68.46 6.67
C LEU H 17 1.84 69.67 5.82
N THR H 18 1.86 70.85 6.46
CA THR H 18 1.65 72.14 5.77
C THR H 18 2.62 72.33 4.60
N THR H 19 3.91 72.02 4.83
CA THR H 19 4.97 72.12 3.79
C THR H 19 4.64 71.29 2.55
N VAL H 20 4.56 69.96 2.73
CA VAL H 20 4.26 69.05 1.63
C VAL H 20 2.85 69.25 1.06
N ARG H 21 1.89 69.67 1.90
CA ARG H 21 0.51 69.95 1.43
C ARG H 21 0.47 71.04 0.37
N GLU H 22 1.29 72.09 0.53
CA GLU H 22 1.34 73.20 -0.45
C GLU H 22 1.59 72.64 -1.84
N GLN H 23 2.77 72.05 -2.02
CA GLN H 23 3.24 71.46 -3.29
C GLN H 23 2.20 70.48 -3.87
N CYS H 24 1.59 69.73 -2.96
CA CYS H 24 0.57 68.75 -3.25
C CYS H 24 -0.70 69.43 -3.75
N GLU H 25 -1.35 70.20 -2.83
CA GLU H 25 -2.59 70.97 -3.10
C GLU H 25 -2.55 71.67 -4.45
N GLN H 26 -1.42 72.33 -4.74
CA GLN H 26 -1.20 72.96 -6.02
C GLN H 26 -1.59 72.05 -7.17
N LEU H 27 -0.67 71.15 -7.52
CA LEU H 27 -0.79 70.23 -8.66
C LEU H 27 -2.08 69.93 -9.42
N GLU H 28 -1.92 69.91 -10.75
CA GLU H 28 -2.94 69.68 -11.77
C GLU H 28 -4.34 69.19 -11.35
N LYS H 29 -4.41 67.94 -10.91
CA LYS H 29 -5.68 67.33 -10.50
C LYS H 29 -6.43 68.17 -9.45
N CYS H 30 -5.69 68.70 -8.48
CA CYS H 30 -6.28 69.52 -7.43
C CYS H 30 -6.58 70.94 -7.89
N VAL H 31 -5.81 71.46 -8.85
CA VAL H 31 -6.04 72.81 -9.39
C VAL H 31 -7.45 72.81 -9.93
N LYS H 32 -7.71 71.79 -10.76
CA LYS H 32 -8.99 71.63 -11.42
C LYS H 32 -10.15 71.40 -10.48
N ALA H 33 -9.94 70.56 -9.47
CA ALA H 33 -11.00 70.27 -8.53
C ALA H 33 -11.32 71.51 -7.70
N ARG H 34 -10.28 72.24 -7.26
CA ARG H 34 -10.49 73.48 -6.52
C ARG H 34 -11.18 74.53 -7.40
N GLU H 35 -10.94 74.46 -8.71
CA GLU H 35 -11.60 75.36 -9.62
C GLU H 35 -13.11 75.17 -9.48
N ARG H 36 -13.58 73.92 -9.60
CA ARG H 36 -15.02 73.59 -9.42
C ARG H 36 -15.52 73.93 -8.03
N LEU H 37 -14.62 73.80 -7.04
CA LEU H 37 -14.94 74.11 -5.65
C LEU H 37 -15.39 75.56 -5.66
N GLU H 38 -14.44 76.45 -6.01
CA GLU H 38 -14.68 77.89 -6.11
C GLU H 38 -15.85 78.24 -7.00
N LEU H 39 -15.96 77.54 -8.14
CA LEU H 39 -17.07 77.77 -9.08
C LEU H 39 -18.36 77.57 -8.34
N CYS H 40 -18.53 76.36 -7.83
CA CYS H 40 -19.70 76.00 -7.08
C CYS H 40 -19.82 76.88 -5.79
N ASP H 41 -18.67 77.17 -5.14
CA ASP H 41 -18.59 78.01 -3.90
C ASP H 41 -19.33 79.34 -4.16
N GLU H 42 -18.90 80.03 -5.22
CA GLU H 42 -19.47 81.30 -5.59
C GLU H 42 -20.94 81.25 -6.04
N ARG H 43 -21.42 80.08 -6.48
CA ARG H 43 -22.84 79.92 -6.86
C ARG H 43 -23.69 80.01 -5.61
N VAL H 44 -23.34 79.19 -4.61
CA VAL H 44 -24.06 79.12 -3.35
C VAL H 44 -24.09 80.45 -2.60
N SER H 45 -23.02 81.23 -2.71
CA SER H 45 -22.98 82.55 -2.10
C SER H 45 -23.99 83.46 -2.80
N SER H 46 -24.02 83.38 -4.13
CA SER H 46 -24.89 84.22 -4.98
C SER H 46 -26.40 84.02 -4.89
N ARG H 47 -26.91 83.37 -3.84
CA ARG H 47 -28.36 83.13 -3.72
C ARG H 47 -28.94 83.20 -2.32
N SER H 48 -30.15 82.67 -2.19
CA SER H 48 -30.86 82.65 -0.92
C SER H 48 -31.46 81.26 -0.71
N GLN H 49 -32.65 81.06 -1.26
CA GLN H 49 -33.42 79.80 -1.15
C GLN H 49 -32.77 78.50 -1.79
N THR H 50 -31.44 78.45 -1.91
CA THR H 50 -30.77 77.29 -2.54
C THR H 50 -30.39 76.16 -1.56
N GLU H 51 -29.96 75.03 -2.12
CA GLU H 51 -29.54 73.88 -1.31
C GLU H 51 -28.41 73.03 -1.92
N GLU H 52 -28.01 73.32 -3.16
CA GLU H 52 -26.88 72.59 -3.80
C GLU H 52 -25.64 73.09 -3.05
N ASP H 53 -25.25 72.37 -2.01
CA ASP H 53 -24.26 72.86 -1.04
C ASP H 53 -22.72 72.63 -1.08
N CYS H 54 -22.15 72.22 -2.21
CA CYS H 54 -20.68 72.07 -2.33
C CYS H 54 -19.95 71.06 -1.48
N THR H 55 -20.68 70.15 -0.84
CA THR H 55 -20.03 69.17 -0.01
C THR H 55 -19.14 68.27 -0.86
N GLU H 56 -19.67 67.85 -2.02
CA GLU H 56 -18.97 66.95 -2.97
C GLU H 56 -17.60 67.46 -3.52
N GLU H 57 -17.61 68.63 -4.15
CA GLU H 57 -16.40 69.20 -4.74
C GLU H 57 -15.23 69.30 -3.77
N LEU H 58 -15.54 69.51 -2.48
CA LEU H 58 -14.52 69.55 -1.43
C LEU H 58 -13.82 68.18 -1.28
N LEU H 59 -14.60 67.12 -1.10
CA LEU H 59 -14.06 65.77 -0.93
C LEU H 59 -13.18 65.31 -2.11
N ASP H 60 -13.63 65.61 -3.35
CA ASP H 60 -12.89 65.29 -4.62
C ASP H 60 -11.53 65.97 -4.62
N PHE H 61 -11.51 67.24 -4.21
CA PHE H 61 -10.28 68.00 -4.10
C PHE H 61 -9.39 67.32 -3.08
N LEU H 62 -9.95 67.09 -1.90
CA LEU H 62 -9.25 66.42 -0.81
C LEU H 62 -8.65 65.06 -1.22
N HIS H 63 -9.45 64.22 -1.87
CA HIS H 63 -8.97 62.94 -2.36
C HIS H 63 -7.69 63.09 -3.16
N ALA H 64 -7.77 63.83 -4.26
CA ALA H 64 -6.64 64.06 -5.16
C ALA H 64 -5.42 64.57 -4.43
N ARG H 65 -5.66 65.52 -3.53
CA ARG H 65 -4.61 66.11 -2.72
C ARG H 65 -4.04 65.05 -1.78
N ASP H 66 -4.91 64.45 -0.99
CA ASP H 66 -4.50 63.46 -0.03
C ASP H 66 -3.78 62.22 -0.55
N HIS H 67 -4.11 61.78 -1.76
CA HIS H 67 -3.39 60.65 -2.34
C HIS H 67 -1.94 61.08 -2.52
N CYS H 68 -1.75 62.24 -3.17
CA CYS H 68 -0.42 62.82 -3.35
C CYS H 68 0.25 63.12 -1.98
N VAL H 69 -0.56 63.49 -0.97
CA VAL H 69 -0.04 63.75 0.38
C VAL H 69 0.68 62.51 0.90
N ALA H 70 -0.06 61.41 1.02
CA ALA H 70 0.50 60.15 1.53
C ALA H 70 1.80 59.69 0.83
N HIS H 71 1.77 59.73 -0.50
CA HIS H 71 2.89 59.31 -1.36
C HIS H 71 4.17 60.04 -1.04
N LYS H 72 4.05 61.37 -0.90
CA LYS H 72 5.20 62.23 -0.62
C LYS H 72 5.47 62.53 0.89
N LEU H 73 4.47 62.32 1.77
CA LEU H 73 4.62 62.70 3.21
C LEU H 73 5.70 61.99 4.04
N PHE H 74 5.27 60.95 4.77
CA PHE H 74 6.11 60.15 5.67
C PHE H 74 7.65 60.03 5.44
N ASN H 75 8.09 60.26 4.19
CA ASN H 75 9.53 60.23 3.83
C ASN H 75 10.36 61.09 4.79
N SER H 76 9.94 62.34 4.96
CA SER H 76 10.64 63.29 5.83
C SER H 76 10.40 63.02 7.31
N LEU H 77 9.13 62.75 7.69
CA LEU H 77 8.77 62.43 9.09
C LEU H 77 9.72 61.48 9.75
N LYS H 78 10.19 61.88 10.93
CA LYS H 78 11.16 61.10 11.68
C LYS H 78 10.51 60.69 12.98
N MET I 1 12.01 -60.38 -12.96
CA MET I 1 11.81 -59.08 -13.67
C MET I 1 10.51 -58.53 -13.20
N LEU I 2 10.24 -58.80 -11.93
CA LEU I 2 8.98 -58.41 -11.30
C LEU I 2 8.92 -56.90 -11.07
N SER I 3 8.01 -56.45 -10.21
CA SER I 3 7.76 -55.00 -10.03
C SER I 3 6.84 -54.56 -11.12
N VAL I 4 5.64 -55.10 -11.02
CA VAL I 4 4.51 -54.88 -11.90
C VAL I 4 4.45 -53.52 -12.56
N ALA I 5 4.43 -52.46 -11.76
CA ALA I 5 4.41 -51.11 -12.31
C ALA I 5 5.63 -50.79 -13.23
N ALA I 6 6.86 -51.11 -12.77
CA ALA I 6 8.11 -50.84 -13.55
C ALA I 6 8.27 -51.75 -14.76
N ARG I 7 7.56 -52.90 -14.74
CA ARG I 7 7.50 -53.84 -15.88
C ARG I 7 6.66 -53.10 -16.96
N SER I 8 6.41 -51.81 -16.64
CA SER I 8 5.75 -50.78 -17.47
C SER I 8 4.33 -51.10 -17.81
N GLY I 9 3.40 -50.16 -17.54
CA GLY I 9 1.98 -50.41 -17.86
C GLY I 9 0.86 -50.17 -16.82
N PRO I 10 0.79 -51.00 -15.77
CA PRO I 10 -0.27 -50.89 -14.75
C PRO I 10 -0.10 -49.63 -13.96
N PHE I 11 -1.11 -49.09 -13.33
CA PHE I 11 -0.88 -47.86 -12.58
C PHE I 11 -0.28 -47.98 -11.17
N ALA I 12 0.48 -46.92 -10.76
CA ALA I 12 1.16 -46.87 -9.47
C ALA I 12 1.16 -45.49 -8.76
N PRO I 13 0.20 -45.24 -7.86
CA PRO I 13 0.13 -44.01 -7.07
C PRO I 13 1.03 -43.88 -5.90
N VAL I 14 1.56 -42.68 -5.71
CA VAL I 14 2.41 -42.38 -4.61
C VAL I 14 1.78 -41.24 -3.80
N LEU I 15 1.81 -41.37 -2.49
CA LEU I 15 1.40 -40.32 -1.55
C LEU I 15 2.65 -39.98 -0.70
N SER I 16 2.71 -38.78 -0.18
CA SER I 16 3.85 -38.40 0.57
C SER I 16 3.54 -37.42 1.65
N ALA I 17 4.56 -37.15 2.46
CA ALA I 17 4.48 -36.15 3.52
C ALA I 17 5.04 -34.78 3.05
N THR I 18 6.24 -34.83 2.52
CA THR I 18 6.91 -33.66 2.04
C THR I 18 6.88 -33.58 0.50
N SER I 19 6.86 -34.73 -0.18
CA SER I 19 6.80 -34.78 -1.69
C SER I 19 5.34 -34.74 -2.21
N ARG I 20 5.13 -34.98 -3.50
CA ARG I 20 3.76 -34.82 -4.08
C ARG I 20 3.06 -36.09 -4.54
N GLY I 21 1.71 -36.02 -4.59
CA GLY I 21 0.89 -37.14 -5.03
C GLY I 21 1.16 -37.45 -6.49
N VAL I 22 1.65 -38.65 -6.77
CA VAL I 22 1.95 -39.07 -8.16
C VAL I 22 0.99 -40.25 -8.62
N ALA I 23 0.66 -40.24 -9.90
CA ALA I 23 -0.15 -41.27 -10.54
C ALA I 23 0.66 -41.45 -11.77
N GLY I 24 1.35 -42.57 -11.91
CA GLY I 24 2.19 -42.65 -13.06
C GLY I 24 2.80 -43.87 -13.62
N ALA I 25 2.02 -44.73 -14.22
CA ALA I 25 2.66 -45.84 -14.92
C ALA I 25 2.67 -45.71 -16.48
N LEU I 26 2.47 -46.82 -17.20
CA LEU I 26 2.58 -46.75 -18.64
C LEU I 26 1.42 -47.01 -19.62
N ARG I 27 1.40 -46.17 -20.64
CA ARG I 27 0.42 -46.08 -21.67
C ARG I 27 1.12 -45.05 -22.57
N PRO I 28 0.58 -44.76 -23.74
CA PRO I 28 1.10 -43.69 -24.57
C PRO I 28 0.73 -42.35 -24.02
N LEU I 29 1.42 -41.35 -24.55
CA LEU I 29 1.22 -39.94 -24.26
C LEU I 29 2.40 -39.25 -24.84
N VAL I 30 3.58 -39.75 -24.47
CA VAL I 30 4.85 -39.16 -24.86
C VAL I 30 5.05 -38.89 -26.39
N GLN I 31 4.57 -39.80 -27.23
CA GLN I 31 4.63 -39.61 -28.69
C GLN I 31 3.35 -38.92 -29.23
N ALA I 32 2.75 -38.06 -28.39
CA ALA I 32 1.57 -37.23 -28.77
C ALA I 32 1.90 -35.79 -28.50
N ALA I 33 3.00 -35.57 -27.78
CA ALA I 33 3.48 -34.22 -27.53
C ALA I 33 4.27 -33.81 -28.78
N VAL I 34 4.69 -34.81 -29.57
CA VAL I 34 5.43 -34.61 -30.84
C VAL I 34 4.45 -34.30 -32.02
N PRO I 35 3.64 -35.29 -32.51
CA PRO I 35 2.52 -34.94 -33.42
C PRO I 35 1.65 -34.19 -32.43
N ALA I 36 1.74 -32.89 -32.47
CA ALA I 36 1.22 -32.09 -31.40
C ALA I 36 -0.22 -31.64 -31.36
N THR I 37 -0.48 -30.88 -30.29
CA THR I 37 -1.77 -30.30 -29.87
C THR I 37 -2.24 -31.08 -28.64
N SER I 38 -1.26 -31.54 -27.86
CA SER I 38 -1.51 -32.24 -26.62
C SER I 38 -1.34 -31.16 -25.61
N GLU I 39 -2.46 -30.55 -25.27
CA GLU I 39 -2.53 -29.43 -24.34
C GLU I 39 -2.15 -29.86 -22.94
N SER I 40 -2.91 -29.38 -21.96
CA SER I 40 -2.71 -29.69 -20.54
C SER I 40 -3.21 -28.47 -19.82
N PRO I 41 -3.58 -28.63 -18.55
CA PRO I 41 -3.89 -27.46 -17.75
C PRO I 41 -2.56 -26.78 -17.47
N VAL I 42 -2.59 -25.73 -16.68
CA VAL I 42 -1.47 -24.96 -16.18
C VAL I 42 -1.85 -24.68 -14.79
N LEU I 43 -2.10 -25.78 -14.09
CA LEU I 43 -2.58 -25.79 -12.75
C LEU I 43 -4.02 -25.24 -12.68
N ASP I 44 -4.96 -26.08 -13.19
CA ASP I 44 -6.42 -25.85 -13.07
C ASP I 44 -6.59 -26.66 -11.79
N LEU I 45 -7.68 -26.52 -11.00
CA LEU I 45 -7.80 -27.28 -9.66
C LEU I 45 -6.74 -28.48 -9.51
N LYS I 46 -5.47 -28.15 -9.15
CA LYS I 46 -4.33 -29.13 -9.28
C LYS I 46 -3.43 -29.41 -8.12
N ARG I 47 -2.13 -29.29 -8.39
CA ARG I 47 -1.05 -29.65 -7.51
C ARG I 47 0.24 -29.07 -8.17
N SER I 48 1.10 -29.91 -8.75
CA SER I 48 2.34 -29.49 -9.49
C SER I 48 3.26 -30.68 -9.86
N VAL I 49 3.73 -30.69 -11.11
CA VAL I 49 4.55 -31.78 -11.64
C VAL I 49 6.03 -31.49 -11.50
N LEU I 50 6.84 -32.52 -11.76
CA LEU I 50 8.30 -32.50 -11.65
C LEU I 50 8.66 -32.80 -10.22
N CYS I 51 7.89 -32.20 -9.30
CA CYS I 51 8.01 -32.43 -7.84
C CYS I 51 9.33 -31.94 -7.19
N ARG I 52 9.32 -31.75 -5.88
CA ARG I 52 10.52 -31.26 -5.19
C ARG I 52 11.06 -31.98 -3.92
N GLU I 53 12.39 -31.96 -3.83
CA GLU I 53 13.25 -32.52 -2.78
C GLU I 53 14.52 -33.03 -3.47
N SER I 54 14.88 -32.31 -4.52
CA SER I 54 16.10 -32.49 -5.30
C SER I 54 16.57 -31.00 -5.55
N LEU I 55 17.87 -30.76 -5.82
CA LEU I 55 18.38 -29.37 -5.98
C LEU I 55 19.86 -29.30 -6.38
N ARG I 56 20.63 -28.63 -5.50
CA ARG I 56 22.10 -28.46 -5.58
C ARG I 56 22.63 -27.28 -4.71
N GLY I 57 23.51 -26.46 -5.26
CA GLY I 57 24.07 -25.34 -4.50
C GLY I 57 23.84 -24.00 -5.17
N VAL J 1 32.59 10.48 -3.75
CA VAL J 1 32.16 11.48 -2.70
C VAL J 1 30.78 12.13 -3.10
N ALA J 2 30.07 11.44 -4.00
CA ALA J 2 28.73 11.85 -4.48
C ALA J 2 27.79 10.60 -4.73
N PRO J 3 28.17 9.65 -5.63
CA PRO J 3 27.37 8.40 -5.78
C PRO J 3 27.41 7.61 -4.46
N THR J 4 28.61 7.42 -3.92
CA THR J 4 28.80 6.71 -2.67
C THR J 4 28.19 7.49 -1.46
N LEU J 5 27.91 8.79 -1.65
CA LEU J 5 27.37 9.64 -0.56
C LEU J 5 25.94 9.28 -0.07
N THR J 6 24.96 9.30 -0.96
CA THR J 6 23.60 8.89 -0.54
C THR J 6 23.57 7.37 -0.30
N ALA J 7 24.54 6.67 -0.91
CA ALA J 7 24.71 5.25 -0.71
C ALA J 7 25.08 4.96 0.76
N ARG J 8 26.03 5.73 1.32
CA ARG J 8 26.43 5.58 2.72
C ARG J 8 25.31 5.91 3.68
N LEU J 9 24.57 6.97 3.38
CA LEU J 9 23.44 7.37 4.21
C LEU J 9 22.47 6.22 4.28
N TYR J 10 22.19 5.60 3.13
CA TYR J 10 21.28 4.46 3.11
C TYR J 10 21.88 3.26 3.88
N SER J 11 23.12 2.90 3.56
CA SER J 11 23.85 1.78 4.21
C SER J 11 23.93 1.89 5.72
N LEU J 12 24.45 3.00 6.20
CA LEU J 12 24.62 3.20 7.61
C LEU J 12 23.40 3.63 8.41
N LEU J 13 22.41 4.26 7.78
CA LEU J 13 21.31 4.78 8.56
C LEU J 13 19.86 4.58 8.09
N PHE J 14 19.63 4.40 6.80
CA PHE J 14 18.26 4.29 6.32
C PHE J 14 17.74 2.87 6.19
N ARG J 15 18.65 1.90 6.08
CA ARG J 15 18.27 0.49 5.92
C ARG J 15 17.31 0.05 7.02
N ARG J 16 17.78 0.11 8.26
CA ARG J 16 16.94 -0.25 9.38
C ARG J 16 16.01 0.90 9.64
N THR J 17 14.78 0.60 10.07
CA THR J 17 13.83 1.63 10.41
C THR J 17 14.25 2.20 11.77
N SER J 18 15.11 1.44 12.48
CA SER J 18 15.65 1.83 13.79
C SER J 18 16.42 3.10 13.64
N THR J 19 17.55 3.00 12.96
CA THR J 19 18.40 4.13 12.68
C THR J 19 17.61 5.23 11.96
N PHE J 20 16.87 4.87 10.92
CA PHE J 20 16.02 5.84 10.16
C PHE J 20 15.27 6.80 11.10
N ALA J 21 14.62 6.24 12.11
CA ALA J 21 13.92 7.04 13.09
C ALA J 21 14.91 7.82 13.96
N LEU J 22 15.87 7.11 14.56
CA LEU J 22 16.87 7.75 15.38
C LEU J 22 17.49 8.95 14.65
N THR J 23 17.82 8.77 13.36
CA THR J 23 18.38 9.88 12.61
C THR J 23 17.47 11.04 12.38
N ILE J 24 16.19 10.82 12.12
CA ILE J 24 15.31 11.97 11.96
C ILE J 24 15.01 12.66 13.30
N VAL J 25 15.11 11.94 14.40
CA VAL J 25 14.86 12.53 15.69
C VAL J 25 16.06 13.34 16.12
N VAL J 26 17.26 12.79 15.85
CA VAL J 26 18.54 13.48 16.10
C VAL J 26 18.57 14.64 15.10
N GLY J 27 18.03 14.39 13.90
CA GLY J 27 17.96 15.39 12.86
C GLY J 27 16.91 16.47 13.13
N ALA J 28 15.86 16.15 13.91
CA ALA J 28 14.83 17.17 14.24
C ALA J 28 15.37 18.17 15.29
N LEU J 29 16.21 17.66 16.20
CA LEU J 29 16.78 18.44 17.29
C LEU J 29 17.70 19.57 16.81
N PHE J 30 18.72 19.20 16.04
CA PHE J 30 19.67 20.17 15.48
C PHE J 30 18.93 21.13 14.52
N PHE J 31 18.14 20.56 13.60
CA PHE J 31 17.40 21.37 12.63
C PHE J 31 16.57 22.46 13.30
N GLU J 32 15.89 22.12 14.41
CA GLU J 32 15.06 23.08 15.12
C GLU J 32 15.85 24.28 15.51
N ARG J 33 17.00 24.04 16.12
CA ARG J 33 17.82 25.11 16.52
C ARG J 33 18.34 25.94 15.34
N ALA J 34 18.90 25.26 14.33
CA ALA J 34 19.43 25.96 13.15
C ALA J 34 18.37 26.77 12.40
N PHE J 35 17.17 26.22 12.26
CA PHE J 35 16.08 26.94 11.60
C PHE J 35 15.59 28.10 12.44
N ASP J 36 15.46 27.89 13.74
CA ASP J 36 14.98 28.94 14.61
C ASP J 36 15.90 30.18 14.58
N GLN J 37 17.17 30.02 14.98
CA GLN J 37 18.15 31.10 14.98
C GLN J 37 18.29 31.71 13.58
N GLY J 38 18.45 30.82 12.59
CA GLY J 38 18.57 31.22 11.19
C GLY J 38 17.40 32.06 10.68
N ALA J 39 16.19 31.74 11.11
CA ALA J 39 15.00 32.52 10.70
C ALA J 39 14.78 33.77 11.57
N ASP J 40 15.19 33.69 12.85
CA ASP J 40 15.10 34.83 13.77
C ASP J 40 15.96 35.95 13.20
N ALA J 41 17.20 35.58 12.81
CA ALA J 41 18.17 36.51 12.22
C ALA J 41 17.67 37.14 10.90
N ILE J 42 16.85 36.41 10.14
CA ILE J 42 16.28 36.97 8.92
C ILE J 42 15.16 37.96 9.31
N TYR J 43 14.44 37.62 10.39
CA TYR J 43 13.36 38.51 10.90
C TYR J 43 14.00 39.73 11.59
N GLU J 44 15.18 39.49 12.14
CA GLU J 44 15.98 40.48 12.84
C GLU J 44 16.48 41.58 11.86
N HIS J 45 17.10 41.15 10.75
CA HIS J 45 17.65 42.05 9.73
C HIS J 45 16.66 42.94 9.01
N ILE J 46 15.56 42.37 8.56
CA ILE J 46 14.53 43.13 7.85
C ILE J 46 13.82 44.15 8.78
N ASN J 47 14.19 44.14 10.04
CA ASN J 47 13.61 45.07 10.96
C ASN J 47 14.62 45.98 11.64
N GLU J 48 14.80 45.80 12.96
CA GLU J 48 15.70 46.64 13.84
C GLU J 48 14.94 47.72 14.63
N GLY J 49 13.65 47.46 14.86
CA GLY J 49 12.77 48.34 15.61
C GLY J 49 12.57 47.88 17.04
N LYS J 50 12.43 46.58 17.27
CA LYS J 50 12.24 46.02 18.64
C LYS J 50 13.54 46.07 19.47
N LEU J 51 13.56 45.40 20.63
CA LEU J 51 14.71 45.38 21.54
C LEU J 51 16.21 45.57 21.22
N TRP J 52 16.47 46.28 20.12
CA TRP J 52 17.82 46.73 19.75
C TRP J 52 17.96 48.04 20.55
N LYS J 53 16.79 48.62 20.87
CA LYS J 53 16.66 49.85 21.65
C LYS J 53 16.96 49.61 23.15
N HIS J 54 16.81 48.36 23.61
CA HIS J 54 17.05 47.94 25.02
C HIS J 54 18.33 48.49 25.69
N ILE J 55 19.43 48.53 24.92
CA ILE J 55 20.74 49.01 25.40
C ILE J 55 20.66 50.33 26.15
N LYS J 56 19.71 51.17 25.75
CA LYS J 56 19.50 52.46 26.39
C LYS J 56 18.83 52.36 27.77
N HIS J 57 17.50 52.40 27.79
CA HIS J 57 16.68 52.35 29.05
C HIS J 57 17.22 51.50 30.19
N LYS J 58 17.41 50.19 29.94
CA LYS J 58 17.94 49.25 30.95
C LYS J 58 19.39 49.56 31.37
N TYR J 59 20.09 48.58 31.95
CA TYR J 59 21.46 48.80 32.45
C TYR J 59 21.41 49.76 33.68
N GLU J 60 20.50 50.75 33.62
CA GLU J 60 20.30 51.73 34.70
C GLU J 60 19.41 51.15 35.83
N ASN J 61 19.43 49.82 35.99
CA ASN J 61 18.65 49.14 37.02
C ASN J 61 19.53 48.69 38.19
N MET K 1 3.36 -20.49 34.56
CA MET K 1 3.13 -21.39 33.40
C MET K 1 3.72 -20.74 32.13
N LEU K 2 4.51 -19.67 32.33
CA LEU K 2 5.18 -18.95 31.24
C LEU K 2 6.46 -19.69 30.84
N THR K 3 6.53 -20.96 31.25
CA THR K 3 7.66 -21.84 30.96
C THR K 3 7.61 -22.31 29.50
N ARG K 4 6.58 -21.86 28.78
CA ARG K 4 6.41 -22.14 27.37
C ARG K 4 7.47 -21.38 26.57
N PHE K 5 7.78 -20.16 27.02
CA PHE K 5 8.73 -19.30 26.33
C PHE K 5 10.14 -19.37 26.86
N LEU K 6 10.50 -20.51 27.45
CA LEU K 6 11.84 -20.69 27.98
C LEU K 6 12.60 -21.83 27.27
N GLY K 7 13.53 -21.45 26.40
CA GLY K 7 14.32 -22.41 25.67
C GLY K 7 15.29 -21.72 24.73
N PRO K 8 16.17 -22.52 24.10
CA PRO K 8 17.21 -22.00 23.19
C PRO K 8 16.68 -21.08 22.05
N ARG K 9 15.62 -21.46 21.40
CA ARG K 9 15.07 -20.63 20.31
C ARG K 9 14.62 -19.24 20.81
N TYR K 10 13.89 -19.22 21.92
CA TYR K 10 13.43 -17.98 22.50
C TYR K 10 14.61 -17.14 22.98
N ARG K 11 15.66 -17.80 23.40
CA ARG K 11 16.87 -17.12 23.83
C ARG K 11 17.56 -16.53 22.59
N GLN K 12 17.45 -17.22 21.46
CA GLN K 12 18.04 -16.74 20.22
C GLN K 12 17.21 -15.62 19.71
N LEU K 13 15.89 -15.73 19.90
CA LEU K 13 14.96 -14.69 19.48
C LEU K 13 15.24 -13.38 20.20
N ALA K 14 15.37 -13.45 21.50
CA ALA K 14 15.61 -12.27 22.31
C ALA K 14 16.86 -11.48 21.86
N ARG K 15 17.93 -12.21 21.56
CA ARG K 15 19.18 -11.61 21.15
C ARG K 15 19.08 -10.93 19.79
N ASN K 16 18.40 -11.57 18.84
CA ASN K 16 18.21 -11.03 17.50
C ASN K 16 17.45 -9.68 17.53
N TRP K 17 16.63 -9.49 18.57
CA TRP K 17 15.84 -8.28 18.71
C TRP K 17 16.39 -7.23 19.68
N VAL K 18 17.54 -7.50 20.26
CA VAL K 18 18.12 -6.55 21.17
C VAL K 18 18.64 -5.26 20.56
N PRO K 19 19.53 -5.32 19.54
CA PRO K 19 19.97 -4.09 18.90
C PRO K 19 18.78 -3.25 18.51
N THR K 20 17.72 -3.89 18.02
CA THR K 20 16.52 -3.19 17.65
C THR K 20 15.80 -2.57 18.87
N ALA K 21 15.57 -3.36 19.93
CA ALA K 21 14.89 -2.83 21.16
C ALA K 21 15.73 -1.72 21.86
N GLN K 22 17.04 -1.83 21.72
CA GLN K 22 17.96 -0.86 22.25
C GLN K 22 17.84 0.45 21.39
N LEU K 23 17.88 0.32 20.07
CA LEU K 23 17.80 1.49 19.19
C LEU K 23 16.45 2.18 19.22
N TRP K 24 15.42 1.42 19.54
CA TRP K 24 14.06 1.95 19.71
C TRP K 24 14.02 2.82 21.00
N GLY K 25 14.81 2.43 21.99
CA GLY K 25 14.87 3.15 23.25
C GLY K 25 15.63 4.44 23.11
N ALA K 26 16.63 4.46 22.22
CA ALA K 26 17.43 5.66 21.93
C ALA K 26 16.50 6.64 21.22
N VAL K 27 15.69 6.13 20.28
CA VAL K 27 14.69 6.93 19.60
C VAL K 27 13.71 7.55 20.63
N GLY K 28 13.16 6.71 21.50
CA GLY K 28 12.23 7.17 22.52
C GLY K 28 12.83 8.21 23.43
N ALA K 29 14.09 8.03 23.82
CA ALA K 29 14.78 8.97 24.73
C ALA K 29 15.00 10.36 24.10
N VAL K 30 15.80 10.41 23.02
CA VAL K 30 16.06 11.65 22.31
C VAL K 30 14.73 12.31 21.97
N GLY K 31 13.76 11.49 21.55
CA GLY K 31 12.42 11.96 21.24
C GLY K 31 11.71 12.60 22.42
N LEU K 32 11.89 12.04 23.60
CA LEU K 32 11.29 12.61 24.79
C LEU K 32 12.05 13.91 25.14
N VAL K 33 13.37 13.79 25.19
CA VAL K 33 14.29 14.90 25.48
C VAL K 33 14.02 16.16 24.58
N TRP K 34 14.09 15.98 23.27
CA TRP K 34 13.88 17.05 22.30
C TRP K 34 12.46 17.64 22.35
N ALA K 35 11.46 16.82 22.69
CA ALA K 35 10.07 17.30 22.72
C ALA K 35 9.65 18.09 23.99
N THR K 36 10.33 17.87 25.12
CA THR K 36 10.01 18.61 26.34
C THR K 36 11.10 19.63 26.63
N ASP K 37 12.18 19.54 25.84
CA ASP K 37 13.37 20.41 25.98
C ASP K 37 14.04 20.14 27.29
N TRP K 38 14.31 18.87 27.55
CA TRP K 38 14.89 18.44 28.82
C TRP K 38 16.19 19.09 29.16
N ARG K 39 16.03 20.15 29.94
CA ARG K 39 17.08 20.98 30.44
C ARG K 39 18.26 20.16 30.95
N LEU K 40 18.00 19.31 31.95
CA LEU K 40 19.03 18.47 32.55
C LEU K 40 19.83 17.71 31.50
N ILE K 41 19.13 16.94 30.64
CA ILE K 41 19.78 16.13 29.63
C ILE K 41 20.38 16.91 28.49
N LEU K 42 19.67 17.94 28.03
CA LEU K 42 20.15 18.74 26.90
C LEU K 42 21.40 19.55 27.10
N ASP K 43 21.51 20.24 28.23
CA ASP K 43 22.66 21.10 28.52
C ASP K 43 24.08 20.48 28.27
N TRP K 44 24.12 19.16 28.11
CA TRP K 44 25.37 18.46 27.92
C TRP K 44 25.77 18.37 26.45
N VAL K 45 24.79 18.52 25.56
CA VAL K 45 25.00 18.44 24.11
C VAL K 45 25.73 19.69 23.57
N PRO K 46 26.88 19.48 22.87
CA PRO K 46 27.72 20.58 22.34
C PRO K 46 26.95 21.76 21.77
N TYR K 47 26.33 21.59 20.61
CA TYR K 47 25.50 22.62 20.03
C TYR K 47 24.14 22.42 20.74
N ILE K 48 23.17 23.30 20.50
CA ILE K 48 21.83 23.24 21.15
C ILE K 48 21.92 23.84 22.55
N ASN K 49 22.89 24.72 22.71
CA ASN K 49 23.04 25.44 23.96
C ASN K 49 22.34 26.78 23.88
N GLY K 50 21.06 26.73 23.49
CA GLY K 50 20.20 27.89 23.37
C GLY K 50 19.56 28.29 24.69
N LYS K 51 20.21 27.90 25.80
CA LYS K 51 19.79 28.30 27.15
C LYS K 51 21.06 28.80 27.83
N PHE K 52 21.89 29.50 27.03
CA PHE K 52 23.21 30.05 27.46
C PHE K 52 23.95 29.36 28.64
N LYS K 53 23.64 29.80 29.88
CA LYS K 53 24.28 29.26 31.10
C LYS K 53 24.06 27.76 31.30
#